data_3JUR
#
_entry.id   3JUR
#
_cell.length_a   63.274
_cell.length_b   155.904
_cell.length_c   200.652
_cell.angle_alpha   90.00
_cell.angle_beta   90.00
_cell.angle_gamma   90.00
#
_symmetry.space_group_name_H-M   'P 21 21 21'
#
loop_
_entity.id
_entity.type
_entity.pdbx_description
1 polymer Exo-poly-alpha-D-galacturonosidase
2 water water
#
_entity_poly.entity_id   1
_entity_poly.type   'polypeptide(L)'
_entity_poly.pdbx_seq_one_letter_code
;MIMEELAKKIEEEILNHVREPQIPDREVNLLDFGARGDGRTDCSESFKRAIEELSKQGGGRLIVPEGVFLTGPIHLKSNI
ELHVKGTIKFIPDPERYLPVVLTRFEGIELYNYSPLVYALDCENVAITGSGVLDGSADNEHWWPWKGKKDFGWKEGLPNQ
QEDVKKLKEMAERGTPVEERVFGKGHYLRPSFVQFYRCRNVLVEGVKIINSPMWCIHPVLSENVIIRNIEISSTGPNNDG
IDPESCKYMLIEKCRFDTGDDSVVIKSGRDADGRRIGVPSEYILVRDNLVISQASHGGLVIGSEMSGGVRNVVARNNVYM
NVERALRLKTNSRRGGYMENIFFIDNVAVNVSEEVIRINLRYDNEEGEYLPVVRSVFVKNLKATGGKYAVRIEGLENDYV
KDILISDTIIEGAKISVLLEFGQLGMENVIMNGSRFEKLYIEGKALLK
;
_entity_poly.pdbx_strand_id   A,B,C,D
#
# COMPACT_ATOMS: atom_id res chain seq x y z
N GLU A 5 -6.19 25.28 15.28
CA GLU A 5 -5.97 25.67 13.86
C GLU A 5 -4.86 26.72 13.81
N LEU A 6 -3.66 26.34 14.25
CA LEU A 6 -2.57 27.29 14.40
C LEU A 6 -2.07 27.89 13.08
N ALA A 7 -2.00 27.08 12.03
CA ALA A 7 -1.64 27.55 10.68
C ALA A 7 -2.63 28.61 10.17
N LYS A 8 -3.91 28.36 10.44
CA LYS A 8 -5.00 29.25 10.06
C LYS A 8 -4.94 30.56 10.85
N LYS A 9 -4.72 30.43 12.17
CA LYS A 9 -4.55 31.58 13.06
C LYS A 9 -3.37 32.47 12.65
N ILE A 10 -2.28 31.84 12.21
CA ILE A 10 -1.10 32.59 11.79
C ILE A 10 -1.34 33.32 10.47
N GLU A 11 -1.95 32.64 9.50
CA GLU A 11 -2.28 33.26 8.21
C GLU A 11 -3.19 34.47 8.41
N GLU A 12 -4.21 34.33 9.26
CA GLU A 12 -5.12 35.42 9.54
C GLU A 12 -4.42 36.61 10.21
N GLU A 13 -3.50 36.31 11.14
CA GLU A 13 -2.72 37.35 11.81
C GLU A 13 -1.87 38.15 10.82
N ILE A 14 -1.21 37.45 9.89
CA ILE A 14 -0.40 38.08 8.85
C ILE A 14 -1.25 38.97 7.96
N LEU A 15 -2.43 38.48 7.58
CA LEU A 15 -3.32 39.22 6.68
C LEU A 15 -3.95 40.46 7.34
N ASN A 16 -3.95 40.49 8.68
CA ASN A 16 -4.41 41.66 9.43
C ASN A 16 -3.41 42.82 9.43
N HIS A 17 -2.14 42.51 9.19
CA HIS A 17 -1.06 43.48 9.28
C HIS A 17 -0.39 43.82 7.95
N VAL A 18 -0.75 43.08 6.92
CA VAL A 18 -0.20 43.29 5.58
C VAL A 18 -1.16 44.16 4.76
N ARG A 19 -0.62 45.22 4.16
CA ARG A 19 -1.40 46.05 3.21
C ARG A 19 -0.52 46.86 2.26
N GLU A 20 -1.09 47.19 1.11
CA GLU A 20 -0.42 47.96 0.06
C GLU A 20 0.02 49.32 0.58
N PRO A 21 1.17 49.82 0.08
CA PRO A 21 1.59 51.16 0.49
C PRO A 21 0.76 52.25 -0.17
N GLN A 22 0.45 53.29 0.60
CA GLN A 22 -0.11 54.51 0.05
C GLN A 22 0.98 55.22 -0.74
N ILE A 23 0.65 55.59 -1.98
CA ILE A 23 1.55 56.37 -2.84
C ILE A 23 0.79 57.60 -3.32
N PRO A 24 1.36 58.81 -3.13
CA PRO A 24 0.71 60.04 -3.61
C PRO A 24 0.24 59.96 -5.07
N ASP A 25 -0.91 60.58 -5.34
CA ASP A 25 -1.55 60.58 -6.66
C ASP A 25 -0.85 61.58 -7.58
N ARG A 26 0.39 61.26 -7.94
CA ARG A 26 1.28 62.16 -8.66
C ARG A 26 2.24 61.32 -9.50
N GLU A 27 2.54 61.76 -10.71
CA GLU A 27 3.48 61.01 -11.56
C GLU A 27 4.41 61.83 -12.45
N VAL A 28 5.46 61.15 -12.91
CA VAL A 28 6.54 61.74 -13.67
C VAL A 28 7.04 60.67 -14.65
N ASN A 29 7.45 61.08 -15.84
CA ASN A 29 8.03 60.15 -16.82
C ASN A 29 9.54 60.31 -16.91
N LEU A 30 10.25 59.18 -16.95
CA LEU A 30 11.72 59.17 -17.05
C LEU A 30 12.28 59.92 -18.27
N LEU A 31 11.54 59.90 -19.39
CA LEU A 31 11.92 60.63 -20.59
C LEU A 31 12.05 62.14 -20.33
N ASP A 32 11.24 62.66 -19.41
CA ASP A 32 11.25 64.08 -19.06
C ASP A 32 12.54 64.50 -18.33
N PHE A 33 13.41 63.53 -18.06
CA PHE A 33 14.65 63.78 -17.33
C PHE A 33 15.89 63.31 -18.11
N GLY A 34 15.82 63.40 -19.44
CA GLY A 34 16.96 63.14 -20.32
C GLY A 34 17.28 61.68 -20.60
N ALA A 35 16.40 60.77 -20.19
CA ALA A 35 16.61 59.35 -20.44
C ALA A 35 16.25 58.94 -21.86
N ARG A 36 16.99 57.98 -22.40
CA ARG A 36 16.67 57.38 -23.70
C ARG A 36 16.66 55.86 -23.56
N GLY A 37 15.57 55.23 -24.00
CA GLY A 37 15.44 53.77 -23.95
C GLY A 37 16.11 53.07 -25.13
N ASP A 38 17.29 53.57 -25.50
CA ASP A 38 18.02 53.04 -26.65
C ASP A 38 19.06 51.98 -26.26
N GLY A 39 19.17 51.69 -24.97
CA GLY A 39 20.12 50.69 -24.46
C GLY A 39 21.58 51.10 -24.59
N ARG A 40 21.83 52.40 -24.73
CA ARG A 40 23.19 52.94 -24.78
C ARG A 40 23.35 54.14 -23.83
N THR A 41 22.36 55.03 -23.82
CA THR A 41 22.37 56.24 -22.99
C THR A 41 22.40 55.91 -21.50
N ASP A 42 23.35 56.52 -20.78
CA ASP A 42 23.40 56.38 -19.32
C ASP A 42 22.28 57.19 -18.67
N CYS A 43 21.33 56.49 -18.06
CA CYS A 43 20.17 57.14 -17.45
C CYS A 43 20.31 57.30 -15.92
N SER A 44 21.52 57.13 -15.39
CA SER A 44 21.77 57.17 -13.94
C SER A 44 21.24 58.44 -13.28
N GLU A 45 21.55 59.58 -13.90
CA GLU A 45 21.12 60.91 -13.45
C GLU A 45 19.62 61.13 -13.61
N SER A 46 19.05 60.57 -14.69
CA SER A 46 17.61 60.65 -14.94
C SER A 46 16.79 60.09 -13.77
N PHE A 47 17.15 58.88 -13.30
CA PHE A 47 16.50 58.30 -12.12
C PHE A 47 16.70 59.17 -10.89
N LYS A 48 17.94 59.59 -10.65
CA LYS A 48 18.28 60.43 -9.51
C LYS A 48 17.47 61.73 -9.49
N ARG A 49 17.45 62.44 -10.63
CA ARG A 49 16.68 63.69 -10.80
C ARG A 49 15.17 63.47 -10.65
N ALA A 50 14.64 62.42 -11.28
CA ALA A 50 13.20 62.15 -11.25
C ALA A 50 12.66 61.74 -9.87
N ILE A 51 13.41 60.89 -9.16
CA ILE A 51 13.06 60.51 -7.79
C ILE A 51 13.05 61.75 -6.88
N GLU A 52 14.08 62.59 -7.02
CA GLU A 52 14.22 63.82 -6.22
C GLU A 52 13.07 64.81 -6.43
N GLU A 53 12.67 65.00 -7.69
CA GLU A 53 11.53 65.87 -8.01
C GLU A 53 10.24 65.38 -7.34
N LEU A 54 10.01 64.06 -7.38
CA LEU A 54 8.84 63.46 -6.74
C LEU A 54 8.95 63.55 -5.22
N SER A 55 10.11 63.19 -4.69
CA SER A 55 10.37 63.21 -3.25
C SER A 55 10.07 64.58 -2.63
N LYS A 56 10.59 65.64 -3.25
CA LYS A 56 10.41 67.03 -2.78
C LYS A 56 8.94 67.46 -2.69
N GLN A 57 8.10 66.88 -3.54
CA GLN A 57 6.66 67.18 -3.55
C GLN A 57 5.88 66.31 -2.57
N GLY A 58 6.52 65.27 -2.06
CA GLY A 58 5.89 64.36 -1.10
C GLY A 58 5.76 62.93 -1.59
N GLY A 59 6.23 62.66 -2.81
CA GLY A 59 6.21 61.32 -3.38
C GLY A 59 5.35 61.18 -4.63
N GLY A 60 5.25 59.95 -5.13
CA GLY A 60 4.49 59.66 -6.35
C GLY A 60 5.08 58.53 -7.18
N ARG A 61 4.61 58.42 -8.42
CA ARG A 61 5.04 57.35 -9.33
C ARG A 61 6.09 57.83 -10.31
N LEU A 62 7.13 57.03 -10.51
CA LEU A 62 8.09 57.23 -11.59
C LEU A 62 7.84 56.19 -12.69
N ILE A 63 7.36 56.66 -13.84
CA ILE A 63 7.09 55.80 -14.98
C ILE A 63 8.37 55.54 -15.77
N VAL A 64 8.67 54.27 -16.00
CA VAL A 64 9.73 53.88 -16.92
C VAL A 64 9.04 53.22 -18.13
N PRO A 65 8.95 53.96 -19.25
CA PRO A 65 8.20 53.50 -20.42
C PRO A 65 8.93 52.39 -21.19
N GLU A 66 8.42 52.05 -22.36
CA GLU A 66 9.00 51.01 -23.22
C GLU A 66 10.43 51.35 -23.63
N GLY A 67 11.26 50.32 -23.77
CA GLY A 67 12.66 50.50 -24.14
C GLY A 67 13.62 49.93 -23.11
N VAL A 68 14.91 50.05 -23.39
CA VAL A 68 15.95 49.56 -22.49
C VAL A 68 16.71 50.75 -21.89
N PHE A 69 16.68 50.87 -20.57
CA PHE A 69 17.25 52.00 -19.88
C PHE A 69 18.47 51.60 -19.05
N LEU A 70 19.66 51.90 -19.57
CA LEU A 70 20.91 51.62 -18.85
C LEU A 70 21.08 52.57 -17.67
N THR A 71 21.49 52.03 -16.53
CA THR A 71 21.68 52.82 -15.31
C THR A 71 22.63 52.14 -14.31
N GLY A 72 23.25 52.95 -13.45
CA GLY A 72 23.89 52.43 -12.24
C GLY A 72 22.81 52.16 -11.19
N PRO A 73 23.18 52.00 -9.91
CA PRO A 73 22.17 51.64 -8.91
C PRO A 73 21.10 52.72 -8.74
N ILE A 74 19.87 52.29 -8.45
CA ILE A 74 18.77 53.20 -8.19
C ILE A 74 18.54 53.24 -6.68
N HIS A 75 18.59 54.45 -6.12
CA HIS A 75 18.37 54.65 -4.70
C HIS A 75 17.02 55.29 -4.46
N LEU A 76 16.09 54.50 -3.92
CA LEU A 76 14.72 54.94 -3.70
C LEU A 76 14.61 55.79 -2.43
N LYS A 77 13.50 56.51 -2.29
CA LYS A 77 13.20 57.30 -1.11
C LYS A 77 11.77 57.03 -0.71
N SER A 78 11.35 57.47 0.47
CA SER A 78 9.98 57.22 0.95
C SER A 78 8.90 57.75 -0.02
N ASN A 79 7.80 57.01 -0.12
CA ASN A 79 6.61 57.40 -0.91
C ASN A 79 6.82 57.41 -2.42
N ILE A 80 7.80 56.63 -2.87
CA ILE A 80 8.14 56.51 -4.28
C ILE A 80 7.69 55.16 -4.83
N GLU A 81 7.00 55.21 -5.97
CA GLU A 81 6.70 54.01 -6.75
C GLU A 81 7.51 54.04 -8.03
N LEU A 82 8.29 52.99 -8.25
CA LEU A 82 8.97 52.80 -9.51
C LEU A 82 8.12 51.86 -10.35
N HIS A 83 7.47 52.41 -11.37
CA HIS A 83 6.59 51.65 -12.28
C HIS A 83 7.33 51.34 -13.58
N VAL A 84 7.69 50.06 -13.74
CA VAL A 84 8.55 49.61 -14.82
C VAL A 84 7.76 48.94 -15.94
N LYS A 85 7.66 49.62 -17.08
CA LYS A 85 7.01 49.04 -18.26
C LYS A 85 8.05 48.44 -19.22
N GLY A 86 9.16 49.14 -19.42
CA GLY A 86 10.25 48.65 -20.26
C GLY A 86 11.25 47.81 -19.48
N THR A 87 12.53 47.90 -19.86
CA THR A 87 13.57 47.20 -19.16
C THR A 87 14.53 48.19 -18.52
N ILE A 88 14.83 48.00 -17.24
CA ILE A 88 15.94 48.69 -16.59
C ILE A 88 17.10 47.71 -16.60
N LYS A 89 18.19 48.09 -17.25
CA LYS A 89 19.35 47.23 -17.40
C LYS A 89 20.54 47.86 -16.69
N PHE A 90 21.01 47.20 -15.64
CA PHE A 90 22.05 47.77 -14.79
C PHE A 90 23.43 47.58 -15.38
N ILE A 91 24.23 48.65 -15.35
CA ILE A 91 25.59 48.63 -15.90
C ILE A 91 26.53 47.92 -14.91
N PRO A 92 27.14 46.82 -15.34
CA PRO A 92 27.90 45.97 -14.40
C PRO A 92 29.32 46.47 -14.13
N ASP A 93 29.48 47.77 -13.89
CA ASP A 93 30.76 48.35 -13.45
C ASP A 93 30.68 48.63 -11.95
N PRO A 94 31.48 47.89 -11.14
CA PRO A 94 31.44 47.99 -9.67
C PRO A 94 31.62 49.41 -9.12
N GLU A 95 32.39 50.24 -9.81
CA GLU A 95 32.65 51.63 -9.41
C GLU A 95 31.36 52.47 -9.37
N ARG A 96 30.38 52.12 -10.20
CA ARG A 96 29.09 52.81 -10.22
C ARG A 96 28.27 52.54 -8.96
N TYR A 97 28.63 51.49 -8.23
CA TYR A 97 27.93 51.07 -7.02
C TYR A 97 28.62 51.57 -5.76
N LEU A 98 29.45 52.60 -5.94
CA LEU A 98 30.12 53.31 -4.85
C LEU A 98 29.59 54.75 -4.75
N PRO A 99 29.68 55.40 -3.57
CA PRO A 99 30.28 54.93 -2.30
C PRO A 99 29.52 53.78 -1.62
N VAL A 100 30.21 53.10 -0.71
CA VAL A 100 29.65 51.97 0.04
C VAL A 100 28.44 52.38 0.89
N VAL A 101 27.47 51.47 1.00
CA VAL A 101 26.27 51.71 1.80
C VAL A 101 26.07 50.60 2.83
N LEU A 102 25.17 50.83 3.78
CA LEU A 102 24.78 49.81 4.75
C LEU A 102 24.03 48.68 4.06
N THR A 103 24.62 47.50 4.08
CA THR A 103 24.05 46.33 3.42
C THR A 103 24.45 45.07 4.19
N ARG A 104 24.15 43.89 3.63
CA ARG A 104 24.54 42.64 4.28
C ARG A 104 25.15 41.68 3.28
N PHE A 105 26.04 40.83 3.76
CA PHE A 105 26.53 39.72 2.94
C PHE A 105 26.40 38.43 3.73
N GLU A 106 25.54 37.54 3.23
CA GLU A 106 25.29 36.23 3.84
C GLU A 106 25.10 36.30 5.37
N GLY A 107 24.20 37.20 5.78
CA GLY A 107 23.80 37.32 7.18
C GLY A 107 24.61 38.25 8.07
N ILE A 108 25.65 38.87 7.53
CA ILE A 108 26.50 39.77 8.32
C ILE A 108 26.49 41.21 7.76
N GLU A 109 26.23 42.17 8.64
CA GLU A 109 26.17 43.59 8.26
C GLU A 109 27.54 44.17 7.92
N LEU A 110 27.57 44.99 6.86
CA LEU A 110 28.80 45.63 6.41
C LEU A 110 28.52 46.86 5.55
N TYR A 111 29.57 47.61 5.25
CA TYR A 111 29.51 48.66 4.25
C TYR A 111 30.17 48.15 2.96
N ASN A 112 29.37 48.06 1.91
CA ASN A 112 29.77 47.43 0.66
C ASN A 112 29.10 48.10 -0.53
N TYR A 113 29.46 47.63 -1.73
CA TYR A 113 28.80 48.02 -2.97
C TYR A 113 27.28 48.12 -2.82
N SER A 114 26.70 49.16 -3.42
CA SER A 114 25.25 49.36 -3.38
C SER A 114 24.49 48.25 -4.12
N PRO A 115 23.36 47.79 -3.54
CA PRO A 115 22.41 46.97 -4.29
C PRO A 115 21.93 47.72 -5.53
N LEU A 116 21.41 46.99 -6.52
CA LEU A 116 21.03 47.61 -7.79
C LEU A 116 19.80 48.51 -7.63
N VAL A 117 18.83 48.05 -6.84
CA VAL A 117 17.74 48.90 -6.35
C VAL A 117 17.76 48.87 -4.83
N TYR A 118 17.94 50.05 -4.22
CA TYR A 118 18.25 50.16 -2.78
C TYR A 118 17.38 51.19 -2.08
N ALA A 119 16.85 50.81 -0.92
CA ALA A 119 16.13 51.73 -0.06
C ALA A 119 16.51 51.46 1.38
N LEU A 120 16.97 52.50 2.06
CA LEU A 120 17.35 52.40 3.47
C LEU A 120 16.44 53.32 4.27
N ASP A 121 15.88 52.79 5.37
CA ASP A 121 15.04 53.55 6.29
C ASP A 121 13.90 54.31 5.60
N CYS A 122 13.29 53.66 4.60
CA CYS A 122 12.20 54.28 3.85
C CYS A 122 10.82 53.74 4.23
N GLU A 123 9.81 54.52 3.88
CA GLU A 123 8.43 54.17 4.16
C GLU A 123 7.63 54.28 2.88
N ASN A 124 6.68 53.37 2.66
CA ASN A 124 5.75 53.44 1.52
C ASN A 124 6.47 53.46 0.17
N VAL A 125 7.06 52.33 -0.19
CA VAL A 125 7.87 52.22 -1.39
C VAL A 125 7.36 51.05 -2.22
N ALA A 126 7.25 51.25 -3.53
CA ALA A 126 6.76 50.22 -4.44
C ALA A 126 7.60 50.08 -5.71
N ILE A 127 7.69 48.84 -6.21
CA ILE A 127 8.19 48.54 -7.55
C ILE A 127 7.07 47.78 -8.27
N THR A 128 6.59 48.35 -9.37
CA THR A 128 5.41 47.80 -10.08
C THR A 128 5.63 47.76 -11.59
N GLY A 129 4.62 47.26 -12.30
CA GLY A 129 4.62 47.21 -13.76
C GLY A 129 4.87 45.83 -14.29
N SER A 130 4.88 45.67 -15.60
CA SER A 130 5.10 44.35 -16.19
C SER A 130 6.41 44.27 -16.96
N GLY A 131 7.34 45.16 -16.61
CA GLY A 131 8.63 45.22 -17.26
C GLY A 131 9.73 44.39 -16.62
N VAL A 132 10.96 44.66 -17.02
CA VAL A 132 12.09 43.80 -16.66
C VAL A 132 13.17 44.55 -15.88
N LEU A 133 13.69 43.91 -14.84
CA LEU A 133 14.90 44.37 -14.16
C LEU A 133 16.05 43.41 -14.48
N ASP A 134 17.04 43.92 -15.20
CA ASP A 134 18.15 43.13 -15.74
C ASP A 134 19.45 43.54 -15.05
N GLY A 135 19.99 42.65 -14.23
CA GLY A 135 21.18 42.94 -13.43
C GLY A 135 22.49 42.89 -14.18
N SER A 136 22.46 42.32 -15.39
CA SER A 136 23.64 42.16 -16.27
C SER A 136 24.77 41.32 -15.70
N ALA A 137 24.49 40.47 -14.71
CA ALA A 137 25.48 39.52 -14.25
C ALA A 137 25.54 38.34 -15.21
N ASP A 138 26.76 37.88 -15.52
CA ASP A 138 27.00 36.65 -16.28
C ASP A 138 28.39 36.09 -15.95
N ASN A 139 28.87 35.13 -16.74
CA ASN A 139 30.18 34.52 -16.52
C ASN A 139 31.36 35.51 -16.57
N GLU A 140 31.08 36.75 -16.97
CA GLU A 140 32.10 37.79 -17.01
C GLU A 140 31.86 38.94 -16.03
N HIS A 141 30.64 39.04 -15.51
CA HIS A 141 30.27 40.14 -14.61
C HIS A 141 29.64 39.65 -13.30
N TRP A 142 30.24 40.07 -12.18
CA TRP A 142 29.82 39.71 -10.82
C TRP A 142 30.07 38.24 -10.46
N TRP A 143 29.50 37.33 -11.26
CA TRP A 143 29.57 35.88 -10.97
C TRP A 143 30.97 35.29 -10.73
N PRO A 144 32.00 35.75 -11.48
CA PRO A 144 33.36 35.22 -11.24
C PRO A 144 33.87 35.37 -9.80
N TRP A 145 33.33 36.35 -9.07
CA TRP A 145 33.73 36.61 -7.68
C TRP A 145 33.37 35.45 -6.73
N LYS A 146 32.49 34.56 -7.16
CA LYS A 146 32.15 33.38 -6.35
C LYS A 146 33.34 32.42 -6.21
N GLY A 147 34.11 32.26 -7.28
CA GLY A 147 35.27 31.37 -7.28
C GLY A 147 35.01 30.02 -7.92
N LYS A 148 33.85 29.86 -8.55
CA LYS A 148 33.53 28.64 -9.29
C LYS A 148 33.89 28.81 -10.76
N LYS A 149 34.61 27.82 -11.29
CA LYS A 149 34.99 27.80 -12.71
C LYS A 149 33.77 27.75 -13.62
N ASP A 150 32.72 27.06 -13.16
CA ASP A 150 31.45 26.95 -13.90
C ASP A 150 30.75 28.29 -14.13
N PHE A 151 31.09 29.30 -13.34
CA PHE A 151 30.51 30.63 -13.52
C PHE A 151 31.54 31.72 -13.79
N GLY A 152 32.66 31.33 -14.42
CA GLY A 152 33.58 32.29 -15.00
C GLY A 152 34.85 32.63 -14.25
N TRP A 153 35.05 32.05 -13.07
CA TRP A 153 36.28 32.31 -12.31
C TRP A 153 37.49 31.64 -12.95
N LYS A 154 38.55 32.40 -13.15
CA LYS A 154 39.79 31.88 -13.72
C LYS A 154 40.83 31.68 -12.62
N GLU A 155 41.60 30.59 -12.73
CA GLU A 155 42.72 30.32 -11.83
C GLU A 155 43.65 31.54 -11.79
N GLY A 156 43.98 31.99 -10.58
CA GLY A 156 44.87 33.14 -10.39
C GLY A 156 44.16 34.47 -10.24
N LEU A 157 42.88 34.51 -10.58
CA LEU A 157 42.06 35.71 -10.42
C LEU A 157 41.37 35.75 -9.05
N PRO A 158 41.03 36.96 -8.57
CA PRO A 158 40.39 37.09 -7.26
C PRO A 158 39.00 36.47 -7.12
N ASN A 159 38.66 36.12 -5.88
CA ASN A 159 37.32 35.67 -5.52
C ASN A 159 36.95 36.15 -4.11
N GLN A 160 35.72 35.87 -3.69
CA GLN A 160 35.15 36.36 -2.42
C GLN A 160 35.69 35.70 -1.15
N GLN A 161 36.42 34.60 -1.30
CA GLN A 161 36.78 33.73 -0.16
C GLN A 161 37.47 34.41 1.02
N GLU A 162 38.48 35.23 0.72
CA GLU A 162 39.24 35.94 1.75
C GLU A 162 38.40 36.98 2.49
N ASP A 163 37.64 37.79 1.72
CA ASP A 163 36.74 38.80 2.29
C ASP A 163 35.64 38.19 3.15
N VAL A 164 35.16 37.00 2.77
CA VAL A 164 34.18 36.27 3.56
C VAL A 164 34.78 35.88 4.91
N LYS A 165 35.95 35.25 4.89
CA LYS A 165 36.69 34.92 6.12
C LYS A 165 36.94 36.18 6.98
N LYS A 166 37.36 37.26 6.33
CA LYS A 166 37.64 38.52 7.02
C LYS A 166 36.39 39.08 7.72
N LEU A 167 35.27 39.10 6.99
CA LEU A 167 33.98 39.58 7.52
C LEU A 167 33.48 38.75 8.71
N LYS A 168 33.66 37.41 8.65
CA LYS A 168 33.30 36.53 9.76
C LYS A 168 34.04 36.95 11.03
N GLU A 169 35.36 37.16 10.91
CA GLU A 169 36.23 37.55 12.02
C GLU A 169 35.85 38.91 12.64
N MET A 170 35.52 39.87 11.79
CA MET A 170 35.08 41.20 12.24
C MET A 170 33.80 41.10 13.07
N ALA A 171 32.83 40.32 12.57
CA ALA A 171 31.57 40.12 13.26
C ALA A 171 31.74 39.35 14.57
N GLU A 172 32.70 38.43 14.59
CA GLU A 172 32.96 37.62 15.78
C GLU A 172 33.71 38.41 16.85
N ARG A 173 34.71 39.19 16.45
CA ARG A 173 35.47 40.04 17.41
C ARG A 173 34.72 41.33 17.78
N GLY A 174 33.58 41.56 17.14
CA GLY A 174 32.64 42.62 17.53
C GLY A 174 32.88 44.02 17.00
N THR A 175 33.71 44.14 15.96
CA THR A 175 34.06 45.46 15.41
C THR A 175 32.81 46.14 14.84
N PRO A 176 32.62 47.44 15.12
CA PRO A 176 31.42 48.17 14.66
C PRO A 176 31.17 48.02 13.17
N VAL A 177 29.90 48.05 12.78
CA VAL A 177 29.48 47.93 11.38
C VAL A 177 30.17 48.95 10.46
N GLU A 178 30.30 50.19 10.94
CA GLU A 178 30.91 51.29 10.17
C GLU A 178 32.42 51.08 9.89
N GLU A 179 33.07 50.24 10.69
CA GLU A 179 34.47 49.89 10.46
C GLU A 179 34.62 48.65 9.57
N ARG A 180 33.50 48.09 9.13
CA ARG A 180 33.51 46.94 8.21
C ARG A 180 33.37 47.42 6.77
N VAL A 181 34.41 48.06 6.25
CA VAL A 181 34.36 48.69 4.93
C VAL A 181 35.01 47.81 3.86
N PHE A 182 34.21 47.42 2.87
CA PHE A 182 34.72 46.62 1.77
C PHE A 182 34.64 47.41 0.46
N GLY A 183 33.76 47.02 -0.46
CA GLY A 183 33.66 47.69 -1.76
C GLY A 183 34.92 47.54 -2.59
N LYS A 184 35.49 48.67 -3.00
CA LYS A 184 36.65 48.67 -3.90
C LYS A 184 37.81 47.84 -3.37
N GLY A 185 38.42 47.05 -4.24
CA GLY A 185 39.53 46.17 -3.86
C GLY A 185 39.08 44.90 -3.15
N HIS A 186 37.77 44.77 -2.96
CA HIS A 186 37.19 43.60 -2.32
C HIS A 186 36.13 42.99 -3.23
N TYR A 187 35.75 41.75 -2.96
CA TYR A 187 34.99 40.96 -3.94
C TYR A 187 33.68 40.37 -3.42
N LEU A 188 32.91 41.19 -2.69
CA LEU A 188 31.59 40.78 -2.22
C LEU A 188 30.49 41.38 -3.08
N ARG A 189 29.74 40.52 -3.76
CA ARG A 189 28.63 40.92 -4.62
C ARG A 189 27.47 41.54 -3.82
N PRO A 190 26.81 42.56 -4.39
CA PRO A 190 25.64 43.14 -3.74
C PRO A 190 24.37 42.31 -4.01
N SER A 191 23.32 42.55 -3.23
CA SER A 191 21.99 42.04 -3.56
C SER A 191 21.42 42.84 -4.75
N PHE A 192 20.38 42.31 -5.39
CA PHE A 192 19.74 43.00 -6.51
C PHE A 192 18.81 44.09 -5.93
N VAL A 193 17.66 43.67 -5.43
CA VAL A 193 16.68 44.59 -4.84
C VAL A 193 16.74 44.42 -3.34
N GLN A 194 17.08 45.50 -2.64
CA GLN A 194 17.21 45.45 -1.19
C GLN A 194 16.51 46.61 -0.49
N PHE A 195 15.57 46.26 0.39
CA PHE A 195 14.92 47.21 1.28
C PHE A 195 15.52 47.00 2.66
N TYR A 196 16.20 48.03 3.15
CA TYR A 196 16.86 47.92 4.43
C TYR A 196 16.17 48.77 5.48
N ARG A 197 15.67 48.12 6.53
CA ARG A 197 14.89 48.77 7.59
C ARG A 197 13.74 49.61 7.01
N CYS A 198 12.98 49.00 6.10
CA CYS A 198 11.89 49.69 5.43
C CYS A 198 10.53 49.22 5.93
N ARG A 199 9.49 49.98 5.58
CA ARG A 199 8.15 49.71 6.08
C ARG A 199 7.11 50.01 5.00
N ASN A 200 6.15 49.10 4.81
CA ASN A 200 5.09 49.25 3.79
C ASN A 200 5.68 49.20 2.40
N VAL A 201 6.10 48.00 2.01
CA VAL A 201 6.86 47.77 0.80
C VAL A 201 6.10 46.83 -0.14
N LEU A 202 6.04 47.21 -1.42
CA LEU A 202 5.41 46.40 -2.44
C LEU A 202 6.35 46.16 -3.62
N VAL A 203 6.50 44.89 -3.98
CA VAL A 203 7.15 44.53 -5.26
C VAL A 203 6.18 43.64 -6.05
N GLU A 204 5.76 44.12 -7.22
CA GLU A 204 4.80 43.39 -8.04
C GLU A 204 5.07 43.48 -9.54
N GLY A 205 4.62 42.46 -10.26
CA GLY A 205 4.58 42.48 -11.72
C GLY A 205 5.86 42.18 -12.49
N VAL A 206 6.98 42.68 -11.98
CA VAL A 206 8.26 42.73 -12.72
C VAL A 206 8.97 41.38 -12.88
N LYS A 207 9.76 41.28 -13.95
CA LYS A 207 10.62 40.13 -14.16
C LYS A 207 12.07 40.49 -13.85
N ILE A 208 12.73 39.63 -13.08
CA ILE A 208 14.10 39.83 -12.63
C ILE A 208 15.02 38.78 -13.26
N ILE A 209 16.04 39.25 -13.98
CA ILE A 209 17.00 38.38 -14.67
C ILE A 209 18.45 38.82 -14.41
N ASN A 210 19.39 37.91 -14.67
CA ASN A 210 20.83 38.19 -14.59
C ASN A 210 21.27 38.87 -13.29
N SER A 211 20.90 38.28 -12.17
CA SER A 211 21.17 38.85 -10.86
C SER A 211 22.60 38.59 -10.40
N PRO A 212 23.26 39.60 -9.80
CA PRO A 212 24.60 39.41 -9.22
C PRO A 212 24.61 38.32 -8.14
N MET A 213 23.58 38.34 -7.28
CA MET A 213 23.45 37.40 -6.18
C MET A 213 21.96 37.28 -5.78
N TRP A 214 21.62 37.54 -4.51
CA TRP A 214 20.23 37.40 -4.07
C TRP A 214 19.34 38.42 -4.79
N CYS A 215 18.18 37.98 -5.26
CA CYS A 215 17.36 38.80 -6.16
C CYS A 215 16.52 39.86 -5.44
N ILE A 216 15.63 39.41 -4.53
CA ILE A 216 14.84 40.31 -3.71
C ILE A 216 15.19 40.05 -2.25
N HIS A 217 15.70 41.09 -1.59
CA HIS A 217 16.28 40.95 -0.26
C HIS A 217 15.79 42.04 0.71
N PRO A 218 14.57 41.87 1.24
CA PRO A 218 14.11 42.76 2.29
C PRO A 218 14.79 42.40 3.61
N VAL A 219 15.27 43.41 4.33
CA VAL A 219 16.02 43.22 5.57
C VAL A 219 15.46 44.13 6.63
N LEU A 220 15.17 43.56 7.81
CA LEU A 220 14.69 44.32 8.97
C LEU A 220 13.47 45.17 8.64
N SER A 221 12.60 44.61 7.80
CA SER A 221 11.46 45.33 7.25
C SER A 221 10.13 44.76 7.69
N GLU A 222 9.10 45.60 7.70
CA GLU A 222 7.77 45.20 8.15
C GLU A 222 6.73 45.62 7.13
N ASN A 223 5.70 44.77 6.99
CA ASN A 223 4.64 44.95 6.00
C ASN A 223 5.17 44.97 4.57
N VAL A 224 5.59 43.80 4.10
CA VAL A 224 6.13 43.66 2.76
C VAL A 224 5.25 42.70 1.95
N ILE A 225 4.83 43.13 0.77
CA ILE A 225 4.10 42.29 -0.17
C ILE A 225 4.95 42.11 -1.43
N ILE A 226 5.22 40.84 -1.77
CA ILE A 226 5.85 40.49 -3.03
C ILE A 226 4.85 39.62 -3.81
N ARG A 227 4.38 40.11 -4.95
CA ARG A 227 3.37 39.37 -5.74
C ARG A 227 3.49 39.52 -7.27
N ASN A 228 3.12 38.46 -7.98
CA ASN A 228 3.03 38.48 -9.44
C ASN A 228 4.36 38.83 -10.13
N ILE A 229 5.46 38.45 -9.51
CA ILE A 229 6.78 38.67 -10.10
C ILE A 229 7.31 37.36 -10.70
N GLU A 230 8.28 37.48 -11.58
CA GLU A 230 9.02 36.32 -12.05
C GLU A 230 10.51 36.50 -11.79
N ILE A 231 11.10 35.50 -11.15
CA ILE A 231 12.55 35.42 -11.03
C ILE A 231 13.01 34.38 -12.05
N SER A 232 13.99 34.76 -12.86
CA SER A 232 14.60 33.86 -13.81
C SER A 232 16.09 34.19 -13.88
N SER A 233 16.84 33.62 -12.95
CA SER A 233 18.27 33.87 -12.82
C SER A 233 18.89 32.65 -12.13
N THR A 234 19.77 31.95 -12.85
CA THR A 234 20.28 30.66 -12.40
C THR A 234 21.79 30.67 -12.07
N GLY A 235 22.33 31.84 -11.73
CA GLY A 235 23.73 31.96 -11.35
C GLY A 235 24.01 31.49 -9.93
N PRO A 236 25.27 31.62 -9.48
CA PRO A 236 25.66 31.17 -8.13
C PRO A 236 25.07 32.08 -7.06
N ASN A 237 24.46 31.46 -6.04
CA ASN A 237 23.76 32.18 -4.98
C ASN A 237 22.69 33.16 -5.52
N ASN A 238 22.05 32.81 -6.64
CA ASN A 238 20.90 33.56 -7.14
C ASN A 238 19.63 33.12 -6.42
N ASP A 239 19.56 33.39 -5.11
CA ASP A 239 18.32 33.14 -4.35
C ASP A 239 17.21 34.02 -4.91
N GLY A 240 15.97 33.55 -4.80
CA GLY A 240 14.83 34.33 -5.30
C GLY A 240 14.45 35.45 -4.34
N ILE A 241 13.83 35.08 -3.23
CA ILE A 241 13.43 36.04 -2.20
C ILE A 241 14.03 35.64 -0.85
N ASP A 242 14.70 36.59 -0.21
CA ASP A 242 15.38 36.37 1.07
C ASP A 242 14.82 37.31 2.16
N PRO A 243 13.72 36.93 2.83
CA PRO A 243 13.27 37.73 3.97
C PRO A 243 14.21 37.55 5.17
N GLU A 244 14.92 38.61 5.52
CA GLU A 244 15.92 38.53 6.57
C GLU A 244 15.56 39.46 7.73
N SER A 245 15.25 38.86 8.88
CA SER A 245 14.71 39.57 10.04
C SER A 245 13.52 40.46 9.68
N CYS A 246 12.58 39.91 8.91
CA CYS A 246 11.38 40.63 8.52
C CYS A 246 10.16 40.14 9.29
N LYS A 247 9.16 41.01 9.38
CA LYS A 247 7.93 40.69 10.09
C LYS A 247 6.74 41.17 9.27
N TYR A 248 5.72 40.32 9.17
CA TYR A 248 4.51 40.60 8.39
C TYR A 248 4.85 40.75 6.91
N MET A 249 4.93 39.62 6.22
CA MET A 249 5.28 39.60 4.81
C MET A 249 4.41 38.59 4.06
N LEU A 250 4.03 38.96 2.84
CA LEU A 250 3.26 38.09 1.99
C LEU A 250 3.98 37.92 0.66
N ILE A 251 4.21 36.65 0.31
CA ILE A 251 4.76 36.27 -0.99
C ILE A 251 3.74 35.37 -1.70
N GLU A 252 3.10 35.90 -2.74
CA GLU A 252 2.05 35.17 -3.44
C GLU A 252 2.09 35.35 -4.96
N LYS A 253 1.61 34.34 -5.68
CA LYS A 253 1.43 34.38 -7.14
C LYS A 253 2.71 34.62 -7.94
N CYS A 254 3.85 34.29 -7.34
CA CYS A 254 5.14 34.49 -7.99
C CYS A 254 5.62 33.26 -8.74
N ARG A 255 6.49 33.49 -9.72
CA ARG A 255 7.09 32.40 -10.49
C ARG A 255 8.59 32.41 -10.29
N PHE A 256 9.19 31.24 -10.05
CA PHE A 256 10.62 31.17 -9.77
C PHE A 256 11.39 30.21 -10.67
N ASP A 257 12.56 30.66 -11.09
CA ASP A 257 13.64 29.79 -11.57
C ASP A 257 14.92 30.41 -11.04
N THR A 258 15.52 29.73 -10.05
CA THR A 258 16.62 30.29 -9.28
C THR A 258 17.82 29.36 -9.28
N GLY A 259 19.01 29.94 -9.09
CA GLY A 259 20.24 29.18 -9.04
C GLY A 259 20.58 28.64 -7.66
N ASP A 260 19.85 29.11 -6.66
CA ASP A 260 19.99 28.61 -5.30
C ASP A 260 18.60 28.48 -4.69
N ASP A 261 18.46 28.72 -3.40
CA ASP A 261 17.16 28.63 -2.72
C ASP A 261 16.16 29.61 -3.33
N SER A 262 14.94 29.15 -3.60
CA SER A 262 13.91 29.99 -4.24
C SER A 262 13.32 31.04 -3.30
N VAL A 263 12.70 30.58 -2.22
CA VAL A 263 12.27 31.44 -1.12
C VAL A 263 13.01 30.94 0.14
N VAL A 264 13.79 31.83 0.76
CA VAL A 264 14.64 31.49 1.90
C VAL A 264 14.42 32.48 3.04
N ILE A 265 14.04 31.97 4.20
CA ILE A 265 13.80 32.84 5.35
C ILE A 265 14.98 32.84 6.32
N LYS A 266 15.52 34.04 6.56
CA LYS A 266 16.77 34.22 7.30
C LYS A 266 16.62 35.29 8.39
N SER A 267 17.67 35.43 9.22
CA SER A 267 17.69 36.43 10.29
C SER A 267 19.11 36.64 10.86
N GLY A 268 20.10 36.77 9.96
CA GLY A 268 21.48 37.01 10.36
C GLY A 268 22.28 35.75 10.69
N ARG A 269 23.61 35.88 10.62
CA ARG A 269 24.53 34.75 10.81
C ARG A 269 25.38 34.92 12.07
N ASP A 270 25.45 33.86 12.88
CA ASP A 270 26.33 33.77 14.06
C ASP A 270 26.26 34.98 15.02
N ALA A 271 27.42 35.48 15.46
CA ALA A 271 27.49 36.60 16.41
C ALA A 271 26.74 37.85 15.96
N ASP A 272 26.82 38.19 14.67
CA ASP A 272 26.16 39.38 14.14
C ASP A 272 24.64 39.24 14.23
N GLY A 273 24.13 38.07 13.84
CA GLY A 273 22.71 37.73 13.95
C GLY A 273 22.19 37.73 15.39
N ARG A 274 22.96 37.13 16.30
CA ARG A 274 22.63 37.14 17.74
C ARG A 274 22.70 38.55 18.34
N ARG A 275 23.66 39.34 17.89
CA ARG A 275 23.79 40.72 18.35
C ARG A 275 22.49 41.48 18.05
N ILE A 276 22.03 41.40 16.80
CA ILE A 276 20.81 42.09 16.38
C ILE A 276 19.57 41.43 17.00
N GLY A 277 19.57 40.10 17.02
CA GLY A 277 18.51 39.33 17.68
C GLY A 277 17.08 39.67 17.26
N VAL A 278 16.85 39.83 15.96
CA VAL A 278 15.50 40.06 15.44
C VAL A 278 15.12 38.88 14.56
N PRO A 279 14.02 38.18 14.89
CA PRO A 279 13.64 37.04 14.06
C PRO A 279 12.93 37.47 12.79
N SER A 280 12.94 36.61 11.77
CA SER A 280 11.92 36.65 10.74
C SER A 280 10.72 35.88 11.27
N GLU A 281 9.55 36.52 11.21
CA GLU A 281 8.32 35.91 11.74
C GLU A 281 7.07 36.46 11.05
N TYR A 282 6.01 35.65 11.06
CA TYR A 282 4.75 35.99 10.41
C TYR A 282 4.97 36.27 8.91
N ILE A 283 5.45 35.23 8.23
CA ILE A 283 5.69 35.26 6.79
C ILE A 283 4.73 34.27 6.14
N LEU A 284 3.94 34.77 5.18
CA LEU A 284 2.97 33.94 4.45
C LEU A 284 3.39 33.76 2.98
N VAL A 285 3.51 32.50 2.56
CA VAL A 285 4.02 32.17 1.24
C VAL A 285 2.98 31.26 0.60
N ARG A 286 2.27 31.79 -0.39
CA ARG A 286 1.10 31.06 -0.93
C ARG A 286 0.89 31.25 -2.42
N ASP A 287 0.37 30.20 -3.05
CA ASP A 287 -0.04 30.23 -4.47
C ASP A 287 1.12 30.57 -5.41
N ASN A 288 2.31 30.11 -5.07
CA ASN A 288 3.50 30.33 -5.90
C ASN A 288 3.84 29.12 -6.75
N LEU A 289 4.57 29.37 -7.84
CA LEU A 289 5.03 28.32 -8.74
C LEU A 289 6.55 28.36 -8.90
N VAL A 290 7.20 27.22 -8.63
CA VAL A 290 8.62 27.07 -8.90
C VAL A 290 8.75 25.96 -9.94
N ILE A 291 9.28 26.31 -11.11
CA ILE A 291 9.67 25.31 -12.11
C ILE A 291 11.15 25.56 -12.33
N SER A 292 11.99 24.76 -11.68
CA SER A 292 13.40 25.09 -11.58
C SER A 292 14.27 23.91 -11.21
N GLN A 293 14.93 23.34 -12.20
CA GLN A 293 15.91 22.27 -11.99
C GLN A 293 17.09 22.72 -11.13
N ALA A 294 17.53 23.96 -11.33
CA ALA A 294 18.67 24.52 -10.62
C ALA A 294 18.37 24.90 -9.17
N SER A 295 17.09 25.08 -8.83
CA SER A 295 16.70 25.51 -7.49
C SER A 295 17.16 24.52 -6.42
N HIS A 296 17.75 25.03 -5.34
CA HIS A 296 18.23 24.20 -4.22
C HIS A 296 17.13 23.88 -3.20
N GLY A 297 15.99 24.55 -3.34
CA GLY A 297 14.90 24.38 -2.39
C GLY A 297 13.73 25.31 -2.65
N GLY A 298 12.53 24.78 -2.53
CA GLY A 298 11.31 25.55 -2.74
C GLY A 298 11.01 26.56 -1.64
N LEU A 299 10.81 26.05 -0.43
CA LEU A 299 10.75 26.87 0.75
C LEU A 299 11.87 26.45 1.68
N VAL A 300 12.77 27.40 1.98
CA VAL A 300 13.96 27.10 2.76
C VAL A 300 14.04 28.00 3.99
N ILE A 301 14.53 27.45 5.09
CA ILE A 301 14.84 28.24 6.28
C ILE A 301 16.32 28.09 6.61
N GLY A 302 17.02 29.22 6.76
CA GLY A 302 18.44 29.22 7.11
C GLY A 302 19.33 29.39 5.88
N SER A 303 20.64 29.17 6.01
CA SER A 303 21.28 28.78 7.28
C SER A 303 21.48 29.94 8.25
N GLU A 304 21.45 31.15 7.73
CA GLU A 304 21.57 32.35 8.55
C GLU A 304 20.25 32.57 9.29
N MET A 305 20.09 31.91 10.42
CA MET A 305 18.84 32.01 11.18
C MET A 305 19.10 32.34 12.66
N SER A 306 20.25 32.95 12.92
CA SER A 306 20.74 33.20 14.28
C SER A 306 19.86 34.13 15.10
N GLY A 307 19.04 34.94 14.44
CA GLY A 307 18.08 35.79 15.14
C GLY A 307 16.75 35.09 15.38
N GLY A 308 16.63 33.87 14.84
CA GLY A 308 15.40 33.09 14.96
C GLY A 308 14.50 33.21 13.75
N VAL A 309 13.75 32.14 13.48
CA VAL A 309 12.67 32.17 12.49
C VAL A 309 11.48 31.40 13.06
N ARG A 310 10.31 32.04 13.06
CA ARG A 310 9.11 31.40 13.61
C ARG A 310 7.83 31.89 12.94
N ASN A 311 6.77 31.10 13.05
CA ASN A 311 5.45 31.46 12.51
C ASN A 311 5.43 31.75 11.02
N VAL A 312 5.91 30.77 10.26
CA VAL A 312 5.97 30.84 8.81
C VAL A 312 4.96 29.84 8.24
N VAL A 313 4.07 30.32 7.37
CA VAL A 313 3.10 29.44 6.71
C VAL A 313 3.35 29.45 5.20
N ALA A 314 3.68 28.28 4.67
CA ALA A 314 3.80 28.10 3.22
C ALA A 314 2.67 27.17 2.76
N ARG A 315 1.74 27.74 2.00
CA ARG A 315 0.49 27.06 1.65
C ARG A 315 0.18 27.13 0.16
N ASN A 316 -0.26 26.00 -0.39
CA ASN A 316 -0.77 25.90 -1.75
C ASN A 316 0.23 26.35 -2.82
N ASN A 317 1.48 25.97 -2.63
CA ASN A 317 2.53 26.23 -3.59
C ASN A 317 2.79 25.00 -4.47
N VAL A 318 3.35 25.23 -5.64
CA VAL A 318 3.72 24.15 -6.55
C VAL A 318 5.21 24.23 -6.87
N TYR A 319 5.90 23.13 -6.63
CA TYR A 319 7.35 23.03 -6.84
C TYR A 319 7.62 21.94 -7.86
N MET A 320 8.29 22.32 -8.95
CA MET A 320 8.60 21.37 -10.02
C MET A 320 10.08 21.33 -10.35
N ASN A 321 10.63 20.12 -10.36
CA ASN A 321 12.02 19.86 -10.78
C ASN A 321 13.09 20.26 -9.74
N VAL A 322 12.64 20.86 -8.63
CA VAL A 322 13.57 21.37 -7.60
C VAL A 322 14.39 20.28 -6.91
N GLU A 323 15.50 20.70 -6.30
CA GLU A 323 16.35 19.78 -5.51
C GLU A 323 15.64 19.30 -4.27
N ARG A 324 14.93 20.23 -3.62
CA ARG A 324 14.24 19.97 -2.35
C ARG A 324 12.96 20.81 -2.30
N ALA A 325 11.90 20.28 -1.68
CA ALA A 325 10.67 21.06 -1.52
C ALA A 325 10.72 21.91 -0.25
N LEU A 326 11.01 21.27 0.88
CA LEU A 326 11.14 21.97 2.15
C LEU A 326 12.52 21.70 2.73
N ARG A 327 13.22 22.76 3.11
CA ARG A 327 14.58 22.61 3.60
C ARG A 327 14.88 23.52 4.80
N LEU A 328 15.31 22.92 5.91
CA LEU A 328 15.76 23.68 7.07
C LEU A 328 17.23 23.39 7.31
N LYS A 329 18.04 24.42 7.46
CA LYS A 329 19.48 24.23 7.59
C LYS A 329 20.08 25.18 8.62
N THR A 330 21.02 24.63 9.39
CA THR A 330 21.67 25.34 10.50
C THR A 330 22.85 24.51 11.01
N ASN A 331 23.58 25.05 11.98
CA ASN A 331 24.66 24.33 12.65
C ASN A 331 24.93 24.90 14.05
N SER A 332 25.86 24.28 14.78
CA SER A 332 26.12 24.67 16.17
C SER A 332 26.96 25.96 16.34
N ARG A 333 27.22 26.65 15.22
CA ARG A 333 27.77 28.01 15.25
C ARG A 333 26.66 29.05 15.38
N ARG A 334 25.48 28.71 14.85
CA ARG A 334 24.40 29.66 14.65
C ARG A 334 23.64 30.10 15.89
N GLY A 335 23.36 29.16 16.80
CA GLY A 335 22.42 29.43 17.90
C GLY A 335 21.04 29.67 17.32
N GLY A 336 20.27 30.52 17.98
CA GLY A 336 18.95 30.90 17.49
C GLY A 336 17.99 29.71 17.43
N TYR A 337 17.00 29.81 16.54
CA TYR A 337 15.92 28.84 16.47
C TYR A 337 15.16 28.85 15.15
N MET A 338 14.53 27.72 14.86
CA MET A 338 13.57 27.59 13.77
C MET A 338 12.42 26.77 14.33
N GLU A 339 11.24 27.38 14.40
CA GLU A 339 10.08 26.71 14.98
C GLU A 339 8.76 27.26 14.42
N ASN A 340 7.70 26.47 14.56
CA ASN A 340 6.38 26.83 14.03
C ASN A 340 6.43 27.19 12.56
N ILE A 341 6.99 26.25 11.80
CA ILE A 341 7.06 26.32 10.38
C ILE A 341 6.00 25.37 9.83
N PHE A 342 5.12 25.91 8.98
CA PHE A 342 3.98 25.16 8.45
C PHE A 342 4.09 25.04 6.93
N PHE A 343 4.06 23.80 6.44
CA PHE A 343 4.18 23.51 5.02
C PHE A 343 2.94 22.70 4.59
N ILE A 344 1.91 23.41 4.14
CA ILE A 344 0.55 22.88 3.98
C ILE A 344 0.02 22.98 2.54
N ASP A 345 -0.64 21.92 2.08
CA ASP A 345 -1.31 21.86 0.76
C ASP A 345 -0.38 22.17 -0.40
N ASN A 346 0.87 21.72 -0.29
CA ASN A 346 1.85 21.93 -1.34
C ASN A 346 1.98 20.69 -2.24
N VAL A 347 2.47 20.92 -3.46
CA VAL A 347 2.70 19.86 -4.41
C VAL A 347 4.13 20.01 -4.91
N ALA A 348 4.87 18.90 -4.91
CA ALA A 348 6.22 18.90 -5.42
C ALA A 348 6.37 17.78 -6.41
N VAL A 349 6.74 18.12 -7.65
CA VAL A 349 6.88 17.07 -8.65
C VAL A 349 8.28 17.02 -9.27
N ASN A 350 8.80 15.80 -9.39
CA ASN A 350 10.14 15.53 -9.90
C ASN A 350 11.23 16.14 -9.03
N VAL A 351 11.10 15.97 -7.72
CA VAL A 351 12.13 16.38 -6.77
C VAL A 351 13.41 15.58 -7.02
N SER A 352 14.56 16.26 -7.06
CA SER A 352 15.81 15.56 -7.40
C SER A 352 16.63 15.06 -6.20
N GLU A 353 16.59 15.75 -5.07
CA GLU A 353 17.40 15.35 -3.90
C GLU A 353 16.55 14.84 -2.74
N GLU A 354 16.04 15.75 -1.92
CA GLU A 354 15.22 15.38 -0.77
C GLU A 354 13.95 16.19 -0.80
N VAL A 355 12.80 15.54 -0.66
CA VAL A 355 11.53 16.27 -0.62
C VAL A 355 11.49 17.18 0.62
N ILE A 356 11.83 16.60 1.77
CA ILE A 356 11.87 17.30 3.04
C ILE A 356 13.24 17.09 3.66
N ARG A 357 13.95 18.19 3.92
CA ARG A 357 15.31 18.12 4.46
C ARG A 357 15.46 18.98 5.69
N ILE A 358 15.95 18.39 6.77
CA ILE A 358 16.32 19.13 7.97
C ILE A 358 17.72 18.72 8.39
N ASN A 359 18.62 19.69 8.43
CA ASN A 359 20.04 19.43 8.66
C ASN A 359 20.64 20.42 9.66
N LEU A 360 21.23 19.90 10.74
CA LEU A 360 21.87 20.72 11.76
C LEU A 360 23.41 20.62 11.67
N ARG A 361 23.90 20.16 10.52
CA ARG A 361 25.34 20.12 10.23
C ARG A 361 25.73 20.91 8.98
N TYR A 362 25.05 22.04 8.73
CA TYR A 362 25.34 22.86 7.55
C TYR A 362 26.82 23.23 7.47
N ASP A 363 27.42 23.03 6.30
CA ASP A 363 28.87 23.30 6.04
C ASP A 363 29.84 22.52 6.91
N ASN A 364 29.31 21.57 7.69
CA ASN A 364 30.10 20.78 8.65
C ASN A 364 30.94 21.60 9.62
N GLU A 365 30.47 22.80 9.93
CA GLU A 365 31.16 23.67 10.88
C GLU A 365 30.43 23.69 12.21
N GLU A 366 31.20 23.68 13.29
CA GLU A 366 30.65 23.52 14.64
C GLU A 366 31.06 24.65 15.56
N GLY A 367 30.40 24.72 16.72
CA GLY A 367 30.64 25.77 17.70
C GLY A 367 29.83 25.54 18.95
N GLU A 368 29.64 26.61 19.71
CA GLU A 368 29.07 26.53 21.06
C GLU A 368 27.64 27.09 21.17
N TYR A 369 26.93 27.18 20.05
CA TYR A 369 25.58 27.74 20.06
C TYR A 369 24.60 26.77 19.38
N LEU A 370 24.13 25.81 20.17
CA LEU A 370 23.20 24.77 19.70
C LEU A 370 21.86 25.38 19.28
N PRO A 371 21.45 25.13 18.02
CA PRO A 371 20.21 25.73 17.52
C PRO A 371 18.96 24.98 17.96
N VAL A 372 17.92 25.70 18.33
CA VAL A 372 16.64 25.07 18.64
C VAL A 372 15.86 24.84 17.34
N VAL A 373 15.64 23.57 17.01
CA VAL A 373 14.87 23.22 15.79
C VAL A 373 13.74 22.27 16.15
N ARG A 374 12.51 22.80 16.09
CA ARG A 374 11.34 22.06 16.55
C ARG A 374 10.06 22.55 15.87
N SER A 375 9.00 21.75 16.00
CA SER A 375 7.65 22.15 15.64
C SER A 375 7.56 22.55 14.17
N VAL A 376 7.82 21.58 13.30
CA VAL A 376 7.74 21.76 11.87
C VAL A 376 6.63 20.83 11.39
N PHE A 377 5.67 21.40 10.66
CA PHE A 377 4.43 20.70 10.33
C PHE A 377 4.21 20.62 8.81
N VAL A 378 4.11 19.40 8.31
CA VAL A 378 3.81 19.16 6.91
C VAL A 378 2.46 18.45 6.85
N LYS A 379 1.52 19.04 6.13
CA LYS A 379 0.19 18.46 5.98
C LYS A 379 -0.26 18.54 4.53
N ASN A 380 -0.85 17.46 4.04
CA ASN A 380 -1.43 17.40 2.69
C ASN A 380 -0.41 17.78 1.61
N LEU A 381 0.79 17.20 1.72
CA LEU A 381 1.81 17.31 0.69
C LEU A 381 1.66 16.13 -0.29
N LYS A 382 1.76 16.43 -1.57
CA LYS A 382 1.82 15.39 -2.61
C LYS A 382 3.12 15.60 -3.35
N ALA A 383 3.99 14.58 -3.34
CA ALA A 383 5.31 14.73 -3.93
C ALA A 383 5.75 13.52 -4.71
N THR A 384 6.58 13.79 -5.70
CA THR A 384 7.08 12.82 -6.62
C THR A 384 8.60 13.01 -6.74
N GLY A 385 9.35 11.91 -6.68
CA GLY A 385 10.80 11.92 -6.90
C GLY A 385 11.64 12.10 -5.65
N GLY A 386 12.95 11.97 -5.80
CA GLY A 386 13.88 12.22 -4.71
C GLY A 386 14.80 11.07 -4.43
N LYS A 387 16.00 11.40 -3.96
CA LYS A 387 16.89 10.41 -3.39
C LYS A 387 16.41 10.07 -1.98
N TYR A 388 15.86 11.09 -1.30
CA TYR A 388 15.20 10.88 0.00
C TYR A 388 13.81 11.51 -0.03
N ALA A 389 12.85 10.81 0.57
CA ALA A 389 11.55 11.43 0.84
C ALA A 389 11.70 12.37 2.05
N VAL A 390 12.22 11.82 3.14
CA VAL A 390 12.40 12.58 4.38
C VAL A 390 13.81 12.32 4.91
N ARG A 391 14.56 13.41 5.09
CA ARG A 391 15.92 13.33 5.60
C ARG A 391 16.12 14.37 6.70
N ILE A 392 16.24 13.86 7.92
CA ILE A 392 16.28 14.69 9.13
C ILE A 392 17.49 14.32 9.99
N GLU A 393 18.38 15.28 10.19
CA GLU A 393 19.63 15.06 10.92
C GLU A 393 19.91 16.13 11.95
N GLY A 394 19.74 15.75 13.21
CA GLY A 394 20.09 16.60 14.34
C GLY A 394 21.49 16.28 14.84
N LEU A 395 21.72 16.57 16.10
CA LEU A 395 23.00 16.35 16.75
C LEU A 395 22.76 15.57 18.04
N GLU A 396 23.78 14.85 18.50
CA GLU A 396 23.69 14.02 19.69
C GLU A 396 23.15 14.78 20.90
N ASN A 397 23.60 16.02 21.08
CA ASN A 397 23.16 16.85 22.19
C ASN A 397 22.08 17.87 21.78
N ASP A 398 21.51 17.68 20.60
CA ASP A 398 20.51 18.62 20.08
C ASP A 398 19.59 17.97 19.03
N TYR A 399 18.60 17.23 19.53
CA TYR A 399 17.62 16.57 18.66
C TYR A 399 16.72 17.56 17.91
N VAL A 400 16.37 17.20 16.67
CA VAL A 400 15.28 17.82 15.95
C VAL A 400 14.00 17.34 16.65
N LYS A 401 13.17 18.28 17.09
CA LYS A 401 12.01 17.93 17.91
C LYS A 401 10.69 18.24 17.22
N ASP A 402 9.67 17.45 17.54
CA ASP A 402 8.27 17.77 17.21
C ASP A 402 8.05 18.03 15.70
N ILE A 403 8.49 17.09 14.88
CA ILE A 403 8.26 17.14 13.43
C ILE A 403 7.06 16.25 13.15
N LEU A 404 6.05 16.81 12.50
CA LEU A 404 4.85 16.03 12.19
C LEU A 404 4.52 16.16 10.72
N ILE A 405 4.37 15.01 10.07
CA ILE A 405 3.99 14.93 8.67
C ILE A 405 2.69 14.15 8.61
N SER A 406 1.64 14.76 8.05
CA SER A 406 0.34 14.09 8.01
C SER A 406 -0.38 14.27 6.68
N ASP A 407 -1.28 13.34 6.39
CA ASP A 407 -2.14 13.39 5.19
C ASP A 407 -1.32 13.63 3.93
N THR A 408 -0.20 12.91 3.83
CA THR A 408 0.84 13.21 2.85
C THR A 408 1.18 11.94 2.04
N ILE A 409 1.43 12.13 0.75
CA ILE A 409 1.84 11.02 -0.11
C ILE A 409 3.11 11.41 -0.86
N ILE A 410 4.11 10.52 -0.77
CA ILE A 410 5.37 10.72 -1.47
C ILE A 410 5.70 9.44 -2.23
N GLU A 411 5.85 9.55 -3.55
CA GLU A 411 6.09 8.40 -4.40
C GLU A 411 7.37 8.59 -5.22
N GLY A 412 8.02 7.48 -5.54
CA GLY A 412 9.20 7.49 -6.40
C GLY A 412 10.46 8.06 -5.77
N ALA A 413 10.53 8.06 -4.44
CA ALA A 413 11.76 8.44 -3.74
C ALA A 413 12.53 7.16 -3.45
N LYS A 414 13.87 7.21 -3.54
CA LYS A 414 14.68 6.01 -3.33
C LYS A 414 14.64 5.58 -1.85
N ILE A 415 15.00 6.50 -0.96
CA ILE A 415 14.95 6.24 0.47
C ILE A 415 13.73 6.99 1.04
N SER A 416 12.98 6.30 1.90
CA SER A 416 11.79 6.91 2.51
C SER A 416 12.15 7.81 3.68
N VAL A 417 12.83 7.24 4.68
CA VAL A 417 13.22 8.01 5.85
C VAL A 417 14.70 7.79 6.20
N LEU A 418 15.45 8.88 6.29
CA LEU A 418 16.72 8.89 6.99
C LEU A 418 16.56 9.81 8.19
N LEU A 419 16.71 9.25 9.38
CA LEU A 419 16.58 10.01 10.62
C LEU A 419 17.80 9.76 11.53
N GLU A 420 18.37 10.86 12.04
CA GLU A 420 19.48 10.79 12.98
C GLU A 420 19.30 11.88 14.03
N PHE A 421 19.18 11.48 15.30
CA PHE A 421 19.01 12.41 16.42
C PHE A 421 17.79 13.30 16.21
N GLY A 422 16.63 12.67 16.10
CA GLY A 422 15.40 13.39 15.84
C GLY A 422 14.15 12.66 16.29
N GLN A 423 13.06 13.43 16.36
CA GLN A 423 11.76 12.95 16.78
C GLN A 423 10.78 13.22 15.65
N LEU A 424 10.35 12.14 15.00
CA LEU A 424 9.52 12.25 13.81
C LEU A 424 8.18 11.56 14.04
N GLY A 425 7.10 12.30 13.80
CA GLY A 425 5.76 11.71 13.80
C GLY A 425 5.12 11.76 12.43
N MET A 426 4.46 10.68 12.05
CA MET A 426 3.71 10.69 10.80
C MET A 426 2.31 10.11 11.02
N GLU A 427 1.31 10.76 10.43
CA GLU A 427 -0.07 10.30 10.56
C GLU A 427 -0.75 10.28 9.20
N ASN A 428 -1.34 9.15 8.85
CA ASN A 428 -2.03 8.97 7.56
C ASN A 428 -1.13 9.32 6.38
N VAL A 429 -0.04 8.56 6.22
CA VAL A 429 0.93 8.86 5.16
C VAL A 429 1.15 7.66 4.25
N ILE A 430 1.53 7.95 3.02
CA ILE A 430 1.90 6.91 2.07
C ILE A 430 3.29 7.24 1.52
N MET A 431 4.22 6.30 1.66
CA MET A 431 5.57 6.45 1.14
C MET A 431 5.95 5.29 0.26
N ASN A 432 6.15 5.57 -1.02
CA ASN A 432 6.46 4.55 -2.03
C ASN A 432 5.53 3.34 -1.95
N GLY A 433 4.23 3.59 -1.86
CA GLY A 433 3.26 2.50 -1.77
C GLY A 433 3.17 1.75 -0.45
N SER A 434 3.84 2.24 0.59
CA SER A 434 3.64 1.75 1.95
C SER A 434 2.78 2.73 2.71
N ARG A 435 1.73 2.21 3.34
CA ARG A 435 0.79 3.04 4.07
C ARG A 435 1.05 2.94 5.56
N PHE A 436 1.10 4.10 6.22
CA PHE A 436 1.23 4.16 7.67
C PHE A 436 0.10 5.00 8.23
N GLU A 437 -0.74 4.39 9.06
CA GLU A 437 -1.68 5.17 9.87
C GLU A 437 -0.90 6.01 10.89
N LYS A 438 0.09 5.40 11.52
CA LYS A 438 0.98 6.08 12.46
C LYS A 438 2.38 5.57 12.23
N LEU A 439 3.33 6.48 12.16
CA LEU A 439 4.75 6.16 12.20
C LEU A 439 5.42 7.19 13.09
N TYR A 440 5.78 6.76 14.29
CA TYR A 440 6.51 7.61 15.23
CA TYR A 440 6.50 7.61 15.22
C TYR A 440 7.87 7.01 15.52
N ILE A 441 8.91 7.83 15.36
CA ILE A 441 10.27 7.39 15.66
C ILE A 441 11.05 8.45 16.43
N GLU A 442 11.73 8.03 17.49
CA GLU A 442 12.68 8.90 18.17
C GLU A 442 14.04 8.21 18.25
N GLY A 443 15.07 8.86 17.69
CA GLY A 443 16.43 8.33 17.76
C GLY A 443 17.06 8.33 16.39
N LYS A 444 17.38 7.13 15.90
CA LYS A 444 17.95 6.94 14.56
C LYS A 444 17.10 5.94 13.74
N ALA A 445 17.00 6.19 12.43
CA ALA A 445 16.29 5.29 11.52
C ALA A 445 16.74 5.43 10.07
N LEU A 446 16.70 4.31 9.37
CA LEU A 446 16.86 4.28 7.92
C LEU A 446 15.80 3.34 7.35
N LEU A 447 14.87 3.91 6.57
CA LEU A 447 13.78 3.14 5.94
C LEU A 447 13.78 3.23 4.42
N LYS A 448 13.85 2.07 3.79
CA LYS A 448 13.78 1.92 2.34
C LYS A 448 12.65 0.95 1.99
N GLU B 5 25.65 -18.86 6.84
CA GLU B 5 24.41 -19.60 7.22
C GLU B 5 24.54 -20.20 8.62
N LEU B 6 24.48 -19.33 9.62
CA LEU B 6 24.80 -19.69 11.00
C LEU B 6 23.78 -20.64 11.62
N ALA B 7 22.51 -20.42 11.30
CA ALA B 7 21.43 -21.30 11.76
C ALA B 7 21.67 -22.77 11.32
N LYS B 8 21.99 -22.98 10.05
CA LYS B 8 22.32 -24.31 9.53
C LYS B 8 23.53 -24.92 10.23
N LYS B 9 24.54 -24.09 10.47
CA LYS B 9 25.77 -24.50 11.12
C LYS B 9 25.50 -24.99 12.54
N ILE B 10 24.70 -24.22 13.28
CA ILE B 10 24.29 -24.63 14.62
C ILE B 10 23.49 -25.95 14.59
N GLU B 11 22.51 -26.05 13.68
CA GLU B 11 21.70 -27.26 13.56
C GLU B 11 22.57 -28.49 13.26
N GLU B 12 23.53 -28.33 12.34
CA GLU B 12 24.46 -29.40 12.00
C GLU B 12 25.22 -29.88 13.24
N GLU B 13 25.77 -28.92 13.98
CA GLU B 13 26.50 -29.18 15.24
C GLU B 13 25.65 -29.96 16.27
N ILE B 14 24.41 -29.54 16.49
CA ILE B 14 23.48 -30.25 17.41
C ILE B 14 23.24 -31.69 16.96
N LEU B 15 22.97 -31.87 15.68
CA LEU B 15 22.72 -33.21 15.11
C LEU B 15 23.95 -34.12 15.21
N ASN B 16 25.14 -33.54 15.28
CA ASN B 16 26.38 -34.31 15.44
C ASN B 16 26.56 -34.93 16.83
N HIS B 17 25.88 -34.35 17.82
CA HIS B 17 26.07 -34.72 19.22
C HIS B 17 24.80 -35.24 19.89
N VAL B 18 23.75 -35.45 19.11
CA VAL B 18 22.51 -36.01 19.62
C VAL B 18 22.35 -37.44 19.08
N ARG B 19 22.31 -38.41 20.01
CA ARG B 19 22.13 -39.83 19.71
C ARG B 19 21.18 -40.48 20.72
N GLU B 20 20.36 -41.41 20.24
CA GLU B 20 19.49 -42.22 21.09
C GLU B 20 20.33 -43.04 22.10
N PRO B 21 19.80 -43.25 23.30
CA PRO B 21 20.54 -44.03 24.30
C PRO B 21 20.60 -45.53 23.96
N GLN B 22 21.75 -46.14 24.22
CA GLN B 22 21.88 -47.61 24.22
C GLN B 22 21.18 -48.17 25.46
N ILE B 23 20.23 -49.06 25.24
CA ILE B 23 19.52 -49.73 26.32
C ILE B 23 19.75 -51.23 26.16
N PRO B 24 20.20 -51.92 27.24
CA PRO B 24 20.49 -53.35 27.11
C PRO B 24 19.28 -54.14 26.59
N ASP B 25 19.56 -55.19 25.82
CA ASP B 25 18.52 -56.04 25.26
C ASP B 25 18.02 -57.04 26.30
N ARG B 26 17.05 -56.58 27.08
CA ARG B 26 16.51 -57.30 28.21
C ARG B 26 15.18 -56.64 28.51
N GLU B 27 14.16 -57.45 28.82
CA GLU B 27 12.87 -56.87 29.15
C GLU B 27 12.19 -57.55 30.31
N VAL B 28 11.31 -56.79 30.96
CA VAL B 28 10.54 -57.25 32.09
C VAL B 28 9.13 -56.66 31.93
N ASN B 29 8.13 -57.37 32.43
CA ASN B 29 6.75 -56.90 32.37
C ASN B 29 6.23 -56.53 33.76
N LEU B 30 5.61 -55.37 33.88
CA LEU B 30 5.16 -54.86 35.17
C LEU B 30 4.16 -55.78 35.88
N LEU B 31 3.33 -56.48 35.10
CA LEU B 31 2.33 -57.41 35.66
C LEU B 31 2.98 -58.54 36.48
N ASP B 32 4.26 -58.81 36.23
CA ASP B 32 4.96 -59.88 36.94
C ASP B 32 5.59 -59.42 38.25
N PHE B 33 5.22 -58.19 38.67
CA PHE B 33 5.70 -57.61 39.92
C PHE B 33 4.54 -57.13 40.80
N GLY B 34 3.35 -57.72 40.60
CA GLY B 34 2.19 -57.44 41.44
C GLY B 34 1.28 -56.30 41.01
N ALA B 35 1.54 -55.74 39.83
CA ALA B 35 0.73 -54.63 39.29
C ALA B 35 -0.58 -55.12 38.67
N ARG B 36 -1.61 -54.28 38.75
CA ARG B 36 -2.83 -54.52 37.99
C ARG B 36 -3.20 -53.27 37.24
N GLY B 37 -3.67 -53.44 36.02
CA GLY B 37 -4.15 -52.33 35.22
C GLY B 37 -5.62 -52.01 35.41
N ASP B 38 -6.13 -52.24 36.62
CA ASP B 38 -7.55 -52.04 36.93
C ASP B 38 -7.88 -50.62 37.44
N GLY B 39 -6.88 -49.76 37.46
CA GLY B 39 -7.04 -48.38 37.95
C GLY B 39 -7.42 -48.29 39.41
N ARG B 40 -7.10 -49.33 40.17
CA ARG B 40 -7.43 -49.43 41.60
C ARG B 40 -6.22 -49.85 42.43
N THR B 41 -5.52 -50.87 41.96
CA THR B 41 -4.36 -51.44 42.66
C THR B 41 -3.21 -50.45 42.69
N ASP B 42 -2.61 -50.27 43.88
CA ASP B 42 -1.44 -49.41 44.01
C ASP B 42 -0.23 -50.17 43.45
N CYS B 43 0.36 -49.60 42.40
CA CYS B 43 1.47 -50.23 41.70
C CYS B 43 2.86 -49.63 42.06
N SER B 44 2.91 -48.74 43.05
CA SER B 44 4.18 -48.06 43.43
C SER B 44 5.34 -49.04 43.63
N GLU B 45 5.08 -50.07 44.42
CA GLU B 45 6.09 -51.09 44.73
C GLU B 45 6.46 -51.93 43.51
N SER B 46 5.47 -52.19 42.65
CA SER B 46 5.71 -52.89 41.38
C SER B 46 6.77 -52.22 40.54
N PHE B 47 6.64 -50.90 40.35
CA PHE B 47 7.61 -50.12 39.59
C PHE B 47 9.00 -50.22 40.20
N LYS B 48 9.06 -50.03 41.52
CA LYS B 48 10.29 -50.13 42.30
C LYS B 48 11.01 -51.47 42.08
N ARG B 49 10.27 -52.58 42.21
CA ARG B 49 10.86 -53.92 42.07
C ARG B 49 11.29 -54.24 40.64
N ALA B 50 10.46 -53.88 39.66
CA ALA B 50 10.77 -54.10 38.25
C ALA B 50 12.06 -53.39 37.85
N ILE B 51 12.17 -52.13 38.25
CA ILE B 51 13.34 -51.30 37.98
C ILE B 51 14.59 -51.84 38.68
N GLU B 52 14.43 -52.28 39.93
CA GLU B 52 15.53 -52.95 40.64
C GLU B 52 16.00 -54.23 39.96
N GLU B 53 15.05 -55.07 39.54
CA GLU B 53 15.40 -56.34 38.87
C GLU B 53 16.16 -56.07 37.57
N LEU B 54 15.68 -55.12 36.76
CA LEU B 54 16.37 -54.71 35.56
C LEU B 54 17.76 -54.13 35.86
N SER B 55 17.80 -53.21 36.84
CA SER B 55 19.04 -52.50 37.20
C SER B 55 20.13 -53.44 37.72
N LYS B 56 19.71 -54.40 38.54
CA LYS B 56 20.56 -55.49 39.05
C LYS B 56 21.36 -56.20 37.94
N GLN B 57 20.73 -56.36 36.78
CA GLN B 57 21.32 -57.07 35.65
C GLN B 57 22.10 -56.15 34.72
N GLY B 58 22.03 -54.84 34.98
CA GLY B 58 22.71 -53.85 34.14
C GLY B 58 21.77 -53.01 33.29
N GLY B 59 20.46 -53.24 33.44
CA GLY B 59 19.46 -52.43 32.76
C GLY B 59 18.57 -53.19 31.79
N GLY B 60 17.66 -52.46 31.13
CA GLY B 60 16.75 -53.06 30.16
C GLY B 60 15.44 -52.30 30.04
N ARG B 61 14.44 -52.99 29.48
CA ARG B 61 13.15 -52.39 29.17
C ARG B 61 12.07 -52.86 30.14
N LEU B 62 11.34 -51.89 30.70
CA LEU B 62 10.19 -52.21 31.55
C LEU B 62 8.89 -51.97 30.77
N ILE B 63 8.17 -53.05 30.51
CA ILE B 63 6.93 -52.96 29.73
C ILE B 63 5.74 -52.66 30.65
N VAL B 64 5.04 -51.59 30.33
CA VAL B 64 3.79 -51.29 31.00
C VAL B 64 2.68 -51.55 29.98
N PRO B 65 1.98 -52.71 30.10
CA PRO B 65 1.02 -53.11 29.07
C PRO B 65 -0.26 -52.28 29.13
N GLU B 66 -1.22 -52.60 28.27
CA GLU B 66 -2.50 -51.89 28.25
C GLU B 66 -3.19 -51.96 29.61
N GLY B 67 -3.89 -50.89 29.97
CA GLY B 67 -4.55 -50.80 31.26
C GLY B 67 -4.23 -49.48 31.93
N VAL B 68 -4.72 -49.31 33.16
CA VAL B 68 -4.51 -48.10 33.95
C VAL B 68 -3.81 -48.49 35.25
N PHE B 69 -2.59 -47.99 35.44
CA PHE B 69 -1.76 -48.38 36.56
C PHE B 69 -1.56 -47.21 37.53
N LEU B 70 -2.19 -47.30 38.70
CA LEU B 70 -2.06 -46.28 39.74
C LEU B 70 -0.72 -46.40 40.44
N THR B 71 -0.06 -45.26 40.65
CA THR B 71 1.24 -45.27 41.33
C THR B 71 1.61 -43.90 41.92
N GLY B 72 2.46 -43.95 42.94
CA GLY B 72 3.20 -42.77 43.38
C GLY B 72 4.32 -42.53 42.38
N PRO B 73 5.31 -41.71 42.75
CA PRO B 73 6.37 -41.36 41.81
C PRO B 73 7.21 -42.56 41.38
N ILE B 74 7.73 -42.48 40.16
CA ILE B 74 8.61 -43.49 39.60
C ILE B 74 10.03 -42.95 39.59
N HIS B 75 10.94 -43.69 40.21
CA HIS B 75 12.35 -43.32 40.22
C HIS B 75 13.16 -44.22 39.29
N LEU B 76 13.57 -43.63 38.18
CA LEU B 76 14.34 -44.33 37.14
C LEU B 76 15.80 -44.47 37.52
N LYS B 77 16.50 -45.34 36.80
CA LYS B 77 17.92 -45.57 37.02
C LYS B 77 18.64 -45.64 35.67
N SER B 78 19.97 -45.60 35.69
CA SER B 78 20.71 -45.69 34.44
C SER B 78 20.36 -46.95 33.66
N ASN B 79 20.31 -46.83 32.32
CA ASN B 79 20.15 -48.00 31.44
C ASN B 79 18.75 -48.64 31.47
N ILE B 80 17.77 -47.83 31.88
CA ILE B 80 16.37 -48.24 31.94
C ILE B 80 15.58 -47.52 30.85
N GLU B 81 14.82 -48.30 30.09
CA GLU B 81 13.77 -47.79 29.25
C GLU B 81 12.41 -48.14 29.87
N LEU B 82 11.64 -47.10 30.18
CA LEU B 82 10.23 -47.26 30.56
C LEU B 82 9.35 -47.26 29.28
N HIS B 83 8.84 -48.43 28.90
CA HIS B 83 8.03 -48.56 27.70
C HIS B 83 6.53 -48.61 28.04
N VAL B 84 5.83 -47.51 27.74
CA VAL B 84 4.47 -47.32 28.20
C VAL B 84 3.43 -47.53 27.10
N LYS B 85 2.68 -48.62 27.22
CA LYS B 85 1.59 -48.92 26.30
C LYS B 85 0.25 -48.48 26.87
N GLY B 86 0.04 -48.72 28.18
CA GLY B 86 -1.19 -48.30 28.84
C GLY B 86 -1.11 -46.90 29.40
N THR B 87 -1.92 -46.65 30.43
CA THR B 87 -1.89 -45.37 31.15
C THR B 87 -1.21 -45.59 32.50
N ILE B 88 -0.20 -44.77 32.79
CA ILE B 88 0.33 -44.68 34.14
C ILE B 88 -0.33 -43.45 34.76
N LYS B 89 -1.13 -43.69 35.80
CA LYS B 89 -1.89 -42.64 36.47
C LYS B 89 -1.33 -42.41 37.87
N PHE B 90 -0.81 -41.21 38.11
CA PHE B 90 -0.18 -40.90 39.39
C PHE B 90 -1.20 -40.52 40.45
N ILE B 91 -1.03 -41.07 41.64
CA ILE B 91 -1.93 -40.81 42.77
C ILE B 91 -1.58 -39.43 43.33
N PRO B 92 -2.55 -38.49 43.32
CA PRO B 92 -2.27 -37.10 43.69
C PRO B 92 -2.28 -36.84 45.20
N ASP B 93 -1.59 -37.70 45.95
CA ASP B 93 -1.43 -37.54 47.39
C ASP B 93 0.01 -37.11 47.64
N PRO B 94 0.23 -35.86 48.09
CA PRO B 94 1.58 -35.33 48.26
C PRO B 94 2.50 -36.17 49.15
N GLU B 95 1.94 -36.88 50.13
CA GLU B 95 2.73 -37.75 51.03
C GLU B 95 3.51 -38.84 50.28
N ARG B 96 2.97 -39.29 49.15
CA ARG B 96 3.61 -40.33 48.34
C ARG B 96 4.88 -39.84 47.65
N TYR B 97 5.06 -38.52 47.57
CA TYR B 97 6.16 -37.90 46.84
C TYR B 97 7.29 -37.48 47.79
N LEU B 98 7.30 -38.09 48.96
CA LEU B 98 8.33 -37.91 49.97
C LEU B 98 9.05 -39.24 50.20
N PRO B 99 10.30 -39.23 50.70
CA PRO B 99 11.16 -38.11 51.14
C PRO B 99 11.47 -37.11 50.04
N VAL B 100 11.86 -35.90 50.45
CA VAL B 100 12.25 -34.85 49.50
C VAL B 100 13.44 -35.32 48.67
N VAL B 101 13.57 -34.79 47.46
CA VAL B 101 14.69 -35.05 46.57
C VAL B 101 15.22 -33.72 46.05
N LEU B 102 16.44 -33.76 45.54
CA LEU B 102 17.03 -32.61 44.89
C LEU B 102 16.26 -32.29 43.63
N THR B 103 15.82 -31.05 43.53
CA THR B 103 15.03 -30.68 42.38
C THR B 103 15.11 -29.17 42.22
N ARG B 104 14.17 -28.58 41.50
CA ARG B 104 14.21 -27.15 41.23
C ARG B 104 12.79 -26.63 41.20
N PHE B 105 12.56 -25.41 41.68
CA PHE B 105 11.26 -24.75 41.51
C PHE B 105 11.46 -23.38 40.87
N GLU B 106 10.90 -23.20 39.68
CA GLU B 106 11.05 -21.97 38.88
C GLU B 106 12.48 -21.41 38.95
N GLY B 107 13.47 -22.24 38.61
CA GLY B 107 14.86 -21.77 38.47
C GLY B 107 15.76 -21.83 39.69
N ILE B 108 15.23 -22.25 40.84
CA ILE B 108 16.02 -22.30 42.08
C ILE B 108 16.03 -23.71 42.64
N GLU B 109 17.24 -24.19 42.95
CA GLU B 109 17.44 -25.52 43.51
C GLU B 109 16.94 -25.64 44.96
N LEU B 110 16.40 -26.79 45.29
CA LEU B 110 15.84 -27.04 46.62
C LEU B 110 15.62 -28.51 46.79
N TYR B 111 15.34 -28.92 48.03
CA TYR B 111 14.81 -30.24 48.29
C TYR B 111 13.30 -30.11 48.42
N ASN B 112 12.55 -30.91 47.67
CA ASN B 112 11.09 -30.79 47.61
C ASN B 112 10.47 -32.11 47.18
N TYR B 113 9.14 -32.15 47.18
CA TYR B 113 8.38 -33.25 46.58
C TYR B 113 9.02 -33.82 45.32
N SER B 114 9.09 -35.15 45.23
CA SER B 114 9.58 -35.81 44.03
C SER B 114 8.75 -35.48 42.79
N PRO B 115 9.43 -35.22 41.65
CA PRO B 115 8.74 -35.27 40.36
C PRO B 115 8.06 -36.64 40.18
N LEU B 116 7.05 -36.70 39.31
CA LEU B 116 6.25 -37.94 39.16
C LEU B 116 7.10 -39.03 38.51
N VAL B 117 7.97 -38.61 37.59
CA VAL B 117 9.01 -39.49 37.01
C VAL B 117 10.33 -38.73 37.14
N TYR B 118 11.25 -39.30 37.91
CA TYR B 118 12.47 -38.61 38.34
C TYR B 118 13.71 -39.44 38.08
N ALA B 119 14.75 -38.78 37.56
CA ALA B 119 16.04 -39.43 37.40
C ALA B 119 17.14 -38.45 37.75
N LEU B 120 18.01 -38.84 38.67
CA LEU B 120 19.12 -38.01 39.11
C LEU B 120 20.43 -38.71 38.77
N ASP B 121 21.35 -37.98 38.15
CA ASP B 121 22.69 -38.50 37.84
C ASP B 121 22.67 -39.84 37.10
N CYS B 122 21.72 -39.99 36.18
CA CYS B 122 21.59 -41.22 35.41
C CYS B 122 22.11 -41.05 33.98
N GLU B 123 22.51 -42.16 33.37
CA GLU B 123 22.83 -42.13 31.95
C GLU B 123 22.04 -43.22 31.22
N ASN B 124 21.67 -42.94 29.96
CA ASN B 124 20.99 -43.90 29.09
C ASN B 124 19.62 -44.25 29.62
N VAL B 125 18.72 -43.28 29.54
CA VAL B 125 17.40 -43.43 30.11
C VAL B 125 16.37 -43.08 29.04
N ALA B 126 15.33 -43.89 28.92
CA ALA B 126 14.29 -43.65 27.93
C ALA B 126 12.87 -43.82 28.49
N ILE B 127 11.97 -42.98 28.01
CA ILE B 127 10.54 -43.18 28.16
C ILE B 127 9.96 -43.30 26.74
N THR B 128 9.37 -44.46 26.44
CA THR B 128 8.86 -44.72 25.10
C THR B 128 7.46 -45.31 25.14
N GLY B 129 6.87 -45.49 23.96
CA GLY B 129 5.57 -46.16 23.82
C GLY B 129 4.49 -45.21 23.36
N SER B 130 3.32 -45.75 23.10
CA SER B 130 2.21 -44.94 22.63
C SER B 130 1.19 -44.67 23.75
N GLY B 131 1.58 -44.93 24.99
CA GLY B 131 0.67 -44.81 26.12
C GLY B 131 0.51 -43.40 26.68
N VAL B 132 -0.03 -43.32 27.89
CA VAL B 132 -0.37 -42.04 28.53
C VAL B 132 0.26 -41.90 29.92
N LEU B 133 0.81 -40.72 30.19
CA LEU B 133 1.20 -40.35 31.55
C LEU B 133 0.18 -39.34 32.09
N ASP B 134 -0.50 -39.73 33.16
CA ASP B 134 -1.61 -38.94 33.69
C ASP B 134 -1.26 -38.50 35.10
N GLY B 135 -0.97 -37.21 35.25
CA GLY B 135 -0.50 -36.66 36.52
C GLY B 135 -1.57 -36.47 37.58
N SER B 136 -2.83 -36.63 37.17
CA SER B 136 -4.03 -36.48 38.04
C SER B 136 -4.22 -35.09 38.68
N ALA B 137 -3.58 -34.07 38.12
CA ALA B 137 -3.78 -32.71 38.61
C ALA B 137 -5.09 -32.17 38.07
N ASP B 138 -5.83 -31.47 38.93
CA ASP B 138 -7.09 -30.80 38.57
C ASP B 138 -7.38 -29.67 39.59
N ASN B 139 -8.62 -29.19 39.62
CA ASN B 139 -8.99 -28.08 40.51
C ASN B 139 -9.02 -28.40 42.00
N GLU B 140 -8.89 -29.68 42.34
CA GLU B 140 -8.80 -30.12 43.73
C GLU B 140 -7.50 -30.86 44.06
N HIS B 141 -6.60 -30.96 43.08
CA HIS B 141 -5.32 -31.65 43.26
C HIS B 141 -4.17 -30.92 42.59
N TRP B 142 -3.18 -30.53 43.40
CA TRP B 142 -1.98 -29.78 42.99
C TRP B 142 -2.27 -28.33 42.58
N TRP B 143 -3.15 -28.14 41.60
CA TRP B 143 -3.42 -26.81 41.03
C TRP B 143 -3.89 -25.71 42.01
N PRO B 144 -4.64 -26.06 43.08
CA PRO B 144 -5.00 -25.01 44.04
C PRO B 144 -3.80 -24.29 44.66
N TRP B 145 -2.64 -24.94 44.71
CA TRP B 145 -1.44 -24.40 45.35
C TRP B 145 -0.90 -23.14 44.67
N LYS B 146 -1.23 -22.96 43.39
CA LYS B 146 -0.87 -21.75 42.69
C LYS B 146 -1.45 -20.49 43.37
N GLY B 147 -2.68 -20.58 43.86
CA GLY B 147 -3.35 -19.43 44.48
C GLY B 147 -4.33 -18.71 43.57
N LYS B 148 -4.69 -19.34 42.46
CA LYS B 148 -5.67 -18.76 41.51
C LYS B 148 -7.04 -19.41 41.67
N LYS B 149 -8.08 -18.58 41.81
CA LYS B 149 -9.45 -19.07 42.00
C LYS B 149 -9.94 -19.90 40.82
N ASP B 150 -9.52 -19.50 39.62
CA ASP B 150 -9.76 -20.20 38.36
C ASP B 150 -9.38 -21.67 38.41
N PHE B 151 -8.35 -22.00 39.18
CA PHE B 151 -7.86 -23.36 39.25
C PHE B 151 -8.03 -23.99 40.63
N GLY B 152 -9.04 -23.52 41.36
CA GLY B 152 -9.49 -24.21 42.56
C GLY B 152 -9.00 -23.73 43.92
N TRP B 153 -8.21 -22.67 43.95
CA TRP B 153 -7.79 -22.08 45.22
C TRP B 153 -8.98 -21.39 45.90
N LYS B 154 -9.13 -21.64 47.21
CA LYS B 154 -10.18 -21.07 48.04
C LYS B 154 -9.61 -20.08 49.05
N GLU B 155 -10.39 -19.07 49.39
CA GLU B 155 -10.01 -18.06 50.38
C GLU B 155 -9.64 -18.69 51.72
N GLY B 156 -8.52 -18.23 52.29
CA GLY B 156 -8.05 -18.71 53.59
C GLY B 156 -7.27 -20.01 53.53
N LEU B 157 -7.19 -20.62 52.35
CA LEU B 157 -6.43 -21.84 52.17
C LEU B 157 -5.01 -21.51 51.69
N PRO B 158 -4.05 -22.37 52.03
CA PRO B 158 -2.65 -22.07 51.71
C PRO B 158 -2.34 -22.12 50.22
N ASN B 159 -1.28 -21.42 49.82
CA ASN B 159 -0.75 -21.52 48.47
C ASN B 159 0.77 -21.33 48.47
N GLN B 160 1.35 -21.34 47.28
CA GLN B 160 2.80 -21.29 47.08
C GLN B 160 3.48 -19.96 47.41
N GLN B 161 2.71 -18.88 47.52
CA GLN B 161 3.28 -17.52 47.58
C GLN B 161 4.37 -17.32 48.65
N GLU B 162 4.07 -17.70 49.89
CA GLU B 162 5.04 -17.53 50.99
C GLU B 162 6.30 -18.37 50.82
N ASP B 163 6.13 -19.61 50.36
CA ASP B 163 7.27 -20.49 50.09
C ASP B 163 8.15 -20.00 48.95
N VAL B 164 7.54 -19.45 47.90
CA VAL B 164 8.27 -18.86 46.78
C VAL B 164 9.15 -17.71 47.27
N LYS B 165 8.55 -16.81 48.05
CA LYS B 165 9.24 -15.68 48.68
C LYS B 165 10.44 -16.14 49.50
N LYS B 166 10.20 -17.16 50.34
CA LYS B 166 11.21 -17.69 51.23
C LYS B 166 12.34 -18.38 50.44
N LEU B 167 11.97 -19.13 49.41
CA LEU B 167 12.95 -19.75 48.50
C LEU B 167 13.85 -18.71 47.83
N LYS B 168 13.25 -17.64 47.31
CA LYS B 168 14.01 -16.54 46.70
C LYS B 168 15.03 -15.92 47.68
N GLU B 169 14.57 -15.62 48.90
CA GLU B 169 15.40 -15.04 49.95
C GLU B 169 16.57 -15.95 50.32
N MET B 170 16.30 -17.25 50.44
CA MET B 170 17.33 -18.27 50.67
C MET B 170 18.42 -18.23 49.59
N ALA B 171 18.00 -18.20 48.34
CA ALA B 171 18.93 -18.12 47.22
C ALA B 171 19.71 -16.80 47.18
N GLU B 172 19.03 -15.67 47.43
CA GLU B 172 19.70 -14.35 47.51
C GLU B 172 20.83 -14.38 48.53
N ARG B 173 20.53 -14.93 49.71
CA ARG B 173 21.46 -15.03 50.82
C ARG B 173 22.62 -16.00 50.61
N GLY B 174 22.52 -16.85 49.60
CA GLY B 174 23.53 -17.90 49.38
C GLY B 174 23.38 -19.07 50.35
N THR B 175 22.17 -19.26 50.88
CA THR B 175 21.84 -20.45 51.68
C THR B 175 22.12 -21.72 50.86
N PRO B 176 23.01 -22.60 51.37
CA PRO B 176 23.31 -23.85 50.67
C PRO B 176 22.04 -24.60 50.27
N VAL B 177 22.05 -25.20 49.08
CA VAL B 177 20.91 -25.95 48.56
C VAL B 177 20.45 -27.02 49.57
N GLU B 178 21.41 -27.65 50.24
CA GLU B 178 21.10 -28.77 51.15
C GLU B 178 20.41 -28.30 52.44
N GLU B 179 20.40 -26.99 52.65
CA GLU B 179 19.64 -26.39 53.75
C GLU B 179 18.27 -25.83 53.31
N ARG B 180 17.89 -26.06 52.05
CA ARG B 180 16.60 -25.59 51.52
C ARG B 180 15.57 -26.72 51.40
N VAL B 181 15.04 -27.15 52.55
CA VAL B 181 14.17 -28.31 52.57
C VAL B 181 12.71 -27.88 52.68
N PHE B 182 11.92 -28.24 51.67
CA PHE B 182 10.51 -27.89 51.67
C PHE B 182 9.68 -29.15 51.87
N GLY B 183 8.96 -29.60 50.85
CA GLY B 183 8.17 -30.82 50.98
C GLY B 183 6.96 -30.58 51.87
N LYS B 184 6.76 -31.47 52.84
CA LYS B 184 5.62 -31.46 53.73
C LYS B 184 5.47 -30.15 54.51
N GLY B 185 4.25 -29.62 54.51
CA GLY B 185 3.98 -28.34 55.17
C GLY B 185 4.27 -27.16 54.27
N HIS B 186 4.67 -27.45 53.03
CA HIS B 186 4.98 -26.40 52.05
C HIS B 186 4.26 -26.65 50.72
N TYR B 187 4.08 -25.60 49.93
CA TYR B 187 3.13 -25.65 48.81
C TYR B 187 3.75 -25.46 47.42
N LEU B 188 4.94 -26.05 47.24
CA LEU B 188 5.61 -26.03 45.95
C LEU B 188 5.38 -27.32 45.17
N ARG B 189 4.69 -27.19 44.04
CA ARG B 189 4.36 -28.34 43.19
C ARG B 189 5.62 -28.90 42.55
N PRO B 190 5.66 -30.22 42.28
CA PRO B 190 6.79 -30.81 41.56
C PRO B 190 6.62 -30.73 40.05
N SER B 191 7.71 -30.92 39.32
CA SER B 191 7.62 -31.16 37.89
C SER B 191 7.07 -32.57 37.63
N PHE B 192 6.64 -32.81 36.39
CA PHE B 192 6.07 -34.09 36.01
C PHE B 192 7.24 -35.04 35.71
N VAL B 193 7.82 -34.91 34.52
CA VAL B 193 8.98 -35.69 34.13
C VAL B 193 10.24 -34.86 34.31
N GLN B 194 11.14 -35.31 35.18
CA GLN B 194 12.38 -34.58 35.39
C GLN B 194 13.61 -35.46 35.32
N PHE B 195 14.52 -35.09 34.43
CA PHE B 195 15.85 -35.67 34.38
C PHE B 195 16.83 -34.66 34.95
N TYR B 196 17.48 -35.01 36.06
CA TYR B 196 18.36 -34.09 36.78
C TYR B 196 19.84 -34.49 36.67
N ARG B 197 20.62 -33.68 35.97
CA ARG B 197 22.03 -34.00 35.69
C ARG B 197 22.19 -35.37 34.99
N CYS B 198 21.36 -35.60 33.97
CA CYS B 198 21.38 -36.86 33.23
C CYS B 198 22.05 -36.70 31.87
N ARG B 199 22.45 -37.83 31.27
CA ARG B 199 23.09 -37.84 29.97
C ARG B 199 22.50 -38.98 29.11
N ASN B 200 22.22 -38.68 27.84
CA ASN B 200 21.64 -39.66 26.90
C ASN B 200 20.21 -40.04 27.29
N VAL B 201 19.30 -39.10 27.05
CA VAL B 201 17.91 -39.23 27.46
C VAL B 201 16.98 -39.19 26.24
N LEU B 202 16.03 -40.12 26.20
CA LEU B 202 14.98 -40.14 25.17
C LEU B 202 13.59 -40.13 25.80
N VAL B 203 12.74 -39.21 25.35
CA VAL B 203 11.30 -39.30 25.63
C VAL B 203 10.57 -39.32 24.29
N GLU B 204 9.81 -40.39 24.04
CA GLU B 204 9.08 -40.46 22.77
C GLU B 204 7.72 -41.12 22.91
N GLY B 205 6.81 -40.78 21.99
CA GLY B 205 5.57 -41.50 21.76
C GLY B 205 4.41 -41.16 22.71
N VAL B 206 4.72 -40.88 23.96
CA VAL B 206 3.69 -40.80 25.00
C VAL B 206 2.87 -39.53 25.00
N LYS B 207 1.65 -39.62 25.56
CA LYS B 207 0.81 -38.46 25.79
C LYS B 207 0.87 -38.07 27.27
N ILE B 208 1.01 -36.77 27.54
CA ILE B 208 1.06 -36.27 28.90
C ILE B 208 -0.15 -35.38 29.18
N ILE B 209 -0.92 -35.75 30.22
CA ILE B 209 -2.14 -35.03 30.60
C ILE B 209 -2.19 -34.73 32.11
N ASN B 210 -2.99 -33.75 32.51
CA ASN B 210 -3.25 -33.49 33.94
C ASN B 210 -1.96 -33.29 34.76
N SER B 211 -1.08 -32.42 34.26
CA SER B 211 0.22 -32.16 34.88
C SER B 211 0.08 -31.19 36.06
N PRO B 212 0.78 -31.49 37.18
CA PRO B 212 0.77 -30.60 38.35
C PRO B 212 1.35 -29.23 38.03
N MET B 213 2.37 -29.20 37.18
CA MET B 213 3.08 -27.97 36.81
C MET B 213 3.85 -28.19 35.47
N TRP B 214 5.18 -28.04 35.47
CA TRP B 214 5.94 -28.21 34.22
C TRP B 214 5.92 -29.67 33.79
N CYS B 215 5.70 -29.91 32.50
CA CYS B 215 5.51 -31.28 32.02
C CYS B 215 6.81 -32.06 31.82
N ILE B 216 7.70 -31.59 30.94
CA ILE B 216 8.99 -32.27 30.72
C ILE B 216 10.12 -31.32 31.03
N HIS B 217 10.94 -31.69 32.02
CA HIS B 217 11.86 -30.74 32.63
C HIS B 217 13.25 -31.37 32.77
N PRO B 218 14.01 -31.43 31.66
CA PRO B 218 15.40 -31.86 31.79
C PRO B 218 16.26 -30.73 32.36
N VAL B 219 17.09 -31.04 33.34
CA VAL B 219 17.91 -30.04 34.02
C VAL B 219 19.38 -30.46 34.01
N LEU B 220 20.26 -29.55 33.59
CA LEU B 220 21.71 -29.80 33.61
C LEU B 220 22.07 -31.12 32.91
N SER B 221 21.37 -31.38 31.81
CA SER B 221 21.45 -32.64 31.12
C SER B 221 22.01 -32.45 29.73
N GLU B 222 22.48 -33.55 29.16
CA GLU B 222 23.15 -33.48 27.87
C GLU B 222 22.73 -34.65 27.01
N ASN B 223 22.58 -34.37 25.71
CA ASN B 223 22.14 -35.38 24.73
C ASN B 223 20.74 -35.89 25.07
N VAL B 224 19.76 -35.03 24.84
CA VAL B 224 18.36 -35.29 25.17
C VAL B 224 17.55 -35.20 23.88
N ILE B 225 16.74 -36.24 23.62
CA ILE B 225 15.82 -36.22 22.48
C ILE B 225 14.39 -36.33 22.99
N ILE B 226 13.57 -35.32 22.70
CA ILE B 226 12.13 -35.43 22.94
C ILE B 226 11.49 -35.48 21.56
N ARG B 227 10.79 -36.55 21.27
CA ARG B 227 10.31 -36.84 19.92
CA ARG B 227 10.26 -36.76 19.93
C ARG B 227 8.92 -37.47 19.91
N ASN B 228 8.03 -36.98 19.04
CA ASN B 228 6.74 -37.63 18.81
C ASN B 228 5.88 -37.78 20.07
N ILE B 229 5.93 -36.81 20.99
CA ILE B 229 5.06 -36.86 22.15
C ILE B 229 3.90 -35.89 21.97
N GLU B 230 2.87 -36.04 22.79
CA GLU B 230 1.81 -35.05 22.84
C GLU B 230 1.66 -34.53 24.27
N ILE B 231 1.69 -33.20 24.41
CA ILE B 231 1.36 -32.55 25.67
C ILE B 231 -0.06 -32.00 25.56
N SER B 232 -0.91 -32.36 26.52
CA SER B 232 -2.27 -31.83 26.56
C SER B 232 -2.68 -31.56 28.00
N SER B 233 -2.29 -30.38 28.48
CA SER B 233 -2.52 -30.00 29.88
C SER B 233 -2.49 -28.49 29.96
N THR B 234 -3.63 -27.91 30.35
CA THR B 234 -3.83 -26.46 30.30
C THR B 234 -4.05 -25.79 31.66
N GLY B 235 -3.47 -26.37 32.72
CA GLY B 235 -3.57 -25.81 34.07
C GLY B 235 -2.52 -24.75 34.33
N PRO B 236 -2.42 -24.27 35.58
CA PRO B 236 -1.51 -23.15 35.86
C PRO B 236 -0.05 -23.57 35.82
N ASN B 237 0.75 -22.83 35.06
CA ASN B 237 2.16 -23.16 34.84
C ASN B 237 2.36 -24.54 34.22
N ASN B 238 1.39 -25.01 33.44
CA ASN B 238 1.56 -26.23 32.67
C ASN B 238 2.42 -25.96 31.43
N ASP B 239 3.69 -25.64 31.68
CA ASP B 239 4.70 -25.56 30.62
C ASP B 239 4.84 -26.93 29.94
N GLY B 240 5.14 -26.93 28.65
CA GLY B 240 5.32 -28.15 27.89
C GLY B 240 6.67 -28.80 28.13
N ILE B 241 7.70 -28.19 27.57
CA ILE B 241 9.08 -28.65 27.73
C ILE B 241 9.95 -27.48 28.17
N ASP B 242 10.70 -27.70 29.26
CA ASP B 242 11.57 -26.70 29.86
C ASP B 242 13.05 -27.14 29.91
N PRO B 243 13.76 -27.08 28.77
CA PRO B 243 15.19 -27.36 28.84
C PRO B 243 15.88 -26.34 29.73
N GLU B 244 16.38 -26.80 30.88
CA GLU B 244 17.02 -25.90 31.82
C GLU B 244 18.48 -26.24 32.04
N SER B 245 19.34 -25.34 31.59
CA SER B 245 20.78 -25.55 31.62
C SER B 245 21.18 -26.84 30.90
N CYS B 246 20.52 -27.14 29.79
CA CYS B 246 20.85 -28.30 28.95
C CYS B 246 21.71 -27.95 27.74
N LYS B 247 22.49 -28.96 27.31
CA LYS B 247 23.37 -28.86 26.15
C LYS B 247 23.07 -30.04 25.21
N TYR B 248 22.90 -29.74 23.92
CA TYR B 248 22.62 -30.76 22.90
C TYR B 248 21.29 -31.46 23.11
N MET B 249 20.25 -30.83 22.62
CA MET B 249 18.90 -31.33 22.79
C MET B 249 18.14 -31.17 21.49
N LEU B 250 17.32 -32.18 21.17
CA LEU B 250 16.44 -32.18 20.02
C LEU B 250 14.97 -32.38 20.47
N ILE B 251 14.12 -31.42 20.09
CA ILE B 251 12.67 -31.53 20.27
C ILE B 251 12.04 -31.48 18.88
N GLU B 252 11.37 -32.56 18.48
CA GLU B 252 10.81 -32.64 17.13
C GLU B 252 9.56 -33.52 17.05
N LYS B 253 8.66 -33.15 16.13
CA LYS B 253 7.47 -33.97 15.82
C LYS B 253 6.53 -34.12 17.00
N CYS B 254 6.50 -33.10 17.84
CA CYS B 254 5.68 -33.09 19.04
C CYS B 254 4.43 -32.25 18.83
N ARG B 255 3.39 -32.55 19.61
CA ARG B 255 2.13 -31.81 19.58
C ARG B 255 1.87 -31.19 20.96
N PHE B 256 1.53 -29.91 20.98
CA PHE B 256 1.42 -29.15 22.22
C PHE B 256 0.07 -28.47 22.38
N ASP B 257 -0.55 -28.70 23.54
CA ASP B 257 -1.59 -27.83 24.04
C ASP B 257 -1.22 -27.57 25.50
N THR B 258 -0.81 -26.35 25.81
CA THR B 258 -0.22 -26.04 27.12
C THR B 258 -0.91 -24.86 27.81
N GLY B 259 -0.92 -24.89 29.14
CA GLY B 259 -1.52 -23.81 29.94
C GLY B 259 -0.59 -22.64 30.21
N ASP B 260 0.67 -22.78 29.81
CA ASP B 260 1.65 -21.70 29.88
C ASP B 260 2.53 -21.77 28.62
N ASP B 261 3.82 -21.41 28.74
CA ASP B 261 4.76 -21.52 27.61
C ASP B 261 4.85 -22.97 27.11
N SER B 262 4.90 -23.14 25.79
CA SER B 262 4.94 -24.44 25.15
C SER B 262 6.33 -25.07 25.23
N VAL B 263 7.27 -24.49 24.48
CA VAL B 263 8.67 -24.85 24.62
C VAL B 263 9.40 -23.64 25.18
N VAL B 264 10.06 -23.81 26.31
CA VAL B 264 10.67 -22.69 26.99
C VAL B 264 12.04 -23.03 27.57
N ILE B 265 13.04 -22.26 27.11
CA ILE B 265 14.43 -22.49 27.42
C ILE B 265 14.91 -21.62 28.60
N LYS B 266 15.49 -22.31 29.59
CA LYS B 266 15.85 -21.73 30.88
C LYS B 266 17.27 -22.13 31.31
N SER B 267 17.74 -21.52 32.39
CA SER B 267 19.07 -21.83 32.93
C SER B 267 19.27 -21.28 34.35
N GLY B 268 18.25 -21.41 35.20
CA GLY B 268 18.34 -20.95 36.58
C GLY B 268 17.92 -19.49 36.73
N ARG B 269 17.59 -19.13 37.97
CA ARG B 269 17.05 -17.82 38.28
C ARG B 269 17.95 -17.06 39.21
N ASP B 270 18.27 -15.82 38.84
CA ASP B 270 18.90 -14.85 39.75
C ASP B 270 20.24 -15.36 40.30
N ALA B 271 20.47 -15.21 41.61
CA ALA B 271 21.75 -15.63 42.23
C ALA B 271 22.05 -17.13 42.13
N ASP B 272 21.02 -17.96 42.30
CA ASP B 272 21.16 -19.42 42.14
C ASP B 272 21.63 -19.75 40.70
N GLY B 273 20.96 -19.14 39.71
CA GLY B 273 21.31 -19.32 38.30
C GLY B 273 22.71 -18.87 37.97
N ARG B 274 23.13 -17.75 38.54
CA ARG B 274 24.49 -17.24 38.35
C ARG B 274 25.53 -18.10 39.07
N ARG B 275 25.19 -18.59 40.26
CA ARG B 275 26.07 -19.50 41.02
C ARG B 275 26.41 -20.75 40.19
N ILE B 276 25.39 -21.42 39.68
CA ILE B 276 25.58 -22.59 38.82
C ILE B 276 26.26 -22.20 37.50
N GLY B 277 25.83 -21.09 36.90
CA GLY B 277 26.46 -20.57 35.69
C GLY B 277 26.60 -21.53 34.53
N VAL B 278 25.54 -22.29 34.24
CA VAL B 278 25.55 -23.23 33.11
C VAL B 278 24.44 -22.80 32.15
N PRO B 279 24.80 -22.42 30.91
CA PRO B 279 23.75 -22.00 29.99
C PRO B 279 22.97 -23.18 29.43
N SER B 280 21.80 -22.88 28.88
CA SER B 280 21.15 -23.78 27.95
C SER B 280 21.70 -23.38 26.60
N GLU B 281 22.13 -24.36 25.83
CA GLU B 281 22.78 -24.08 24.54
C GLU B 281 22.70 -25.30 23.62
N TYR B 282 22.70 -25.02 22.31
CA TYR B 282 22.62 -26.04 21.27
C TYR B 282 21.35 -26.86 21.43
N ILE B 283 20.24 -26.17 21.27
CA ILE B 283 18.92 -26.76 21.33
C ILE B 283 18.26 -26.60 19.95
N LEU B 284 17.74 -27.70 19.42
CA LEU B 284 17.08 -27.72 18.13
C LEU B 284 15.62 -28.08 18.31
N VAL B 285 14.75 -27.17 17.89
CA VAL B 285 13.30 -27.32 18.02
C VAL B 285 12.73 -27.31 16.59
N ARG B 286 12.24 -28.45 16.11
CA ARG B 286 11.85 -28.56 14.70
C ARG B 286 10.67 -29.46 14.45
N ASP B 287 9.85 -29.08 13.47
CA ASP B 287 8.77 -29.93 12.96
C ASP B 287 7.70 -30.20 14.02
N ASN B 288 7.51 -29.21 14.90
CA ASN B 288 6.50 -29.32 15.96
C ASN B 288 5.19 -28.63 15.60
N LEU B 289 4.12 -29.06 16.27
CA LEU B 289 2.79 -28.48 16.06
C LEU B 289 2.22 -28.04 17.40
N VAL B 290 1.98 -26.74 17.53
CA VAL B 290 1.30 -26.19 18.71
C VAL B 290 -0.09 -25.72 18.30
N ILE B 291 -1.12 -26.44 18.72
CA ILE B 291 -2.51 -25.96 18.56
C ILE B 291 -3.05 -25.72 19.97
N SER B 292 -3.09 -24.44 20.34
CA SER B 292 -3.25 -24.09 21.75
C SER B 292 -3.61 -22.63 21.98
N GLN B 293 -4.89 -22.37 22.22
CA GLN B 293 -5.38 -21.04 22.60
C GLN B 293 -4.84 -20.61 23.98
N ALA B 294 -4.65 -21.60 24.86
CA ALA B 294 -4.12 -21.35 26.20
C ALA B 294 -2.63 -21.00 26.23
N SER B 295 -1.86 -21.45 25.23
CA SER B 295 -0.40 -21.29 25.23
C SER B 295 0.05 -19.84 25.30
N HIS B 296 0.93 -19.56 26.26
CA HIS B 296 1.51 -18.22 26.46
C HIS B 296 2.61 -17.91 25.46
N GLY B 297 3.09 -18.94 24.76
CA GLY B 297 4.17 -18.75 23.80
C GLY B 297 4.62 -20.04 23.16
N GLY B 298 4.83 -19.97 21.84
CA GLY B 298 5.31 -21.09 21.07
C GLY B 298 6.74 -21.51 21.40
N LEU B 299 7.68 -20.61 21.15
CA LEU B 299 9.05 -20.76 21.67
C LEU B 299 9.32 -19.58 22.60
N VAL B 300 9.74 -19.90 23.82
CA VAL B 300 10.00 -18.88 24.82
C VAL B 300 11.42 -19.05 25.35
N ILE B 301 12.08 -17.93 25.65
CA ILE B 301 13.37 -17.94 26.37
C ILE B 301 13.17 -17.14 27.66
N GLY B 302 13.56 -17.74 28.79
CA GLY B 302 13.41 -17.08 30.07
C GLY B 302 12.12 -17.44 30.80
N SER B 303 11.81 -16.75 31.90
CA SER B 303 12.62 -15.64 32.44
C SER B 303 13.82 -16.08 33.27
N GLU B 304 13.85 -17.35 33.66
CA GLU B 304 14.97 -17.91 34.38
C GLU B 304 16.09 -18.23 33.38
N MET B 305 16.87 -17.22 33.01
CA MET B 305 17.92 -17.42 32.01
C MET B 305 19.24 -16.92 32.56
N SER B 306 19.37 -16.98 33.88
CA SER B 306 20.49 -16.35 34.56
C SER B 306 21.81 -17.07 34.32
N GLY B 307 21.75 -18.32 33.90
CA GLY B 307 22.96 -19.05 33.46
C GLY B 307 23.33 -18.75 32.01
N GLY B 308 22.48 -17.98 31.31
CA GLY B 308 22.64 -17.78 29.88
C GLY B 308 21.85 -18.75 29.01
N VAL B 309 21.41 -18.27 27.86
CA VAL B 309 20.80 -19.10 26.83
C VAL B 309 21.38 -18.66 25.48
N ARG B 310 21.95 -19.60 24.73
CA ARG B 310 22.56 -19.28 23.43
C ARG B 310 22.45 -20.43 22.42
N ASN B 311 22.53 -20.10 21.14
CA ASN B 311 22.59 -21.11 20.06
C ASN B 311 21.39 -22.03 20.04
N VAL B 312 20.23 -21.43 19.81
CA VAL B 312 18.96 -22.12 19.83
C VAL B 312 18.37 -21.91 18.44
N VAL B 313 17.94 -23.00 17.81
CA VAL B 313 17.35 -22.93 16.49
C VAL B 313 15.94 -23.54 16.56
N ALA B 314 14.94 -22.73 16.26
CA ALA B 314 13.60 -23.25 16.08
C ALA B 314 13.21 -23.10 14.61
N ARG B 315 13.03 -24.24 13.94
CA ARG B 315 12.81 -24.29 12.50
C ARG B 315 11.61 -25.15 12.13
N ASN B 316 10.82 -24.68 11.15
CA ASN B 316 9.72 -25.46 10.59
C ASN B 316 8.69 -25.96 11.59
N ASN B 317 8.35 -25.10 12.55
CA ASN B 317 7.29 -25.37 13.50
C ASN B 317 6.03 -24.63 13.08
N VAL B 318 4.88 -25.17 13.46
CA VAL B 318 3.58 -24.52 13.23
C VAL B 318 2.92 -24.20 14.57
N TYR B 319 2.50 -22.95 14.72
CA TYR B 319 1.82 -22.48 15.92
C TYR B 319 0.44 -21.94 15.56
N MET B 320 -0.59 -22.43 16.25
CA MET B 320 -1.97 -22.01 15.97
C MET B 320 -2.68 -21.57 17.23
N ASN B 321 -3.26 -20.37 17.18
CA ASN B 321 -4.13 -19.85 18.25
C ASN B 321 -3.41 -19.39 19.51
N VAL B 322 -2.08 -19.54 19.51
CA VAL B 322 -1.22 -19.21 20.64
C VAL B 322 -1.24 -17.71 20.96
N GLU B 323 -0.88 -17.34 22.18
CA GLU B 323 -0.78 -15.92 22.55
C GLU B 323 0.40 -15.24 21.84
N ARG B 324 1.54 -15.95 21.76
CA ARG B 324 2.77 -15.43 21.13
C ARG B 324 3.46 -16.53 20.35
N ALA B 325 4.13 -16.18 19.25
CA ALA B 325 4.97 -17.16 18.54
C ALA B 325 6.35 -17.27 19.21
N LEU B 326 7.02 -16.12 19.35
CA LEU B 326 8.33 -16.08 19.97
C LEU B 326 8.35 -15.03 21.08
N ARG B 327 8.83 -15.44 22.26
CA ARG B 327 8.90 -14.53 23.40
C ARG B 327 10.19 -14.65 24.19
N LEU B 328 10.79 -13.51 24.51
CA LEU B 328 11.97 -13.45 25.37
C LEU B 328 11.63 -12.63 26.62
N LYS B 329 11.92 -13.22 27.78
CA LYS B 329 11.53 -12.71 29.10
C LYS B 329 12.76 -12.57 29.98
N THR B 330 12.97 -11.39 30.57
CA THR B 330 14.02 -11.20 31.55
C THR B 330 13.80 -9.91 32.35
N ASN B 331 14.68 -9.65 33.31
CA ASN B 331 14.73 -8.37 34.03
C ASN B 331 16.14 -8.16 34.62
N SER B 332 16.33 -7.03 35.31
CA SER B 332 17.63 -6.66 35.86
C SER B 332 17.97 -7.34 37.19
N ARG B 333 17.11 -8.23 37.64
CA ARG B 333 17.44 -9.14 38.74
C ARG B 333 18.19 -10.37 38.21
N ARG B 334 17.95 -10.71 36.95
CA ARG B 334 18.43 -11.97 36.36
C ARG B 334 19.91 -12.01 36.00
N GLY B 335 20.44 -10.92 35.46
CA GLY B 335 21.77 -10.96 34.81
C GLY B 335 21.74 -12.00 33.70
N GLY B 336 22.90 -12.59 33.38
CA GLY B 336 22.97 -13.59 32.33
C GLY B 336 22.80 -13.00 30.94
N TYR B 337 22.38 -13.83 29.99
CA TYR B 337 22.27 -13.40 28.60
C TYR B 337 21.31 -14.27 27.81
N MET B 338 20.78 -13.69 26.73
CA MET B 338 20.05 -14.42 25.69
C MET B 338 20.59 -13.93 24.36
N GLU B 339 21.17 -14.84 23.58
CA GLU B 339 21.79 -14.46 22.30
C GLU B 339 21.84 -15.62 21.30
N ASN B 340 21.99 -15.30 20.02
CA ASN B 340 22.00 -16.30 18.95
C ASN B 340 20.79 -17.21 19.01
N ILE B 341 19.63 -16.59 18.96
CA ILE B 341 18.35 -17.28 18.91
C ILE B 341 17.84 -17.18 17.47
N PHE B 342 17.56 -18.31 16.86
CA PHE B 342 17.18 -18.37 15.45
C PHE B 342 15.78 -18.96 15.32
N PHE B 343 14.88 -18.18 14.72
CA PHE B 343 13.47 -18.54 14.60
C PHE B 343 13.15 -18.50 13.09
N ILE B 344 13.27 -19.66 12.46
CA ILE B 344 13.41 -19.78 11.00
C ILE B 344 12.31 -20.67 10.40
N ASP B 345 11.75 -20.26 9.26
CA ASP B 345 10.79 -21.08 8.50
C ASP B 345 9.60 -21.54 9.35
N ASN B 346 9.13 -20.68 10.24
CA ASN B 346 7.99 -21.00 11.06
C ASN B 346 6.69 -20.40 10.53
N VAL B 347 5.58 -20.95 11.00
CA VAL B 347 4.25 -20.47 10.66
C VAL B 347 3.48 -20.27 11.96
N ALA B 348 2.91 -19.09 12.15
CA ALA B 348 2.15 -18.80 13.37
C ALA B 348 0.85 -18.09 13.05
N VAL B 349 -0.27 -18.79 13.21
CA VAL B 349 -1.55 -18.28 12.72
C VAL B 349 -2.57 -18.06 13.85
N ASN B 350 -3.39 -17.03 13.70
CA ASN B 350 -4.40 -16.67 14.69
C ASN B 350 -3.77 -16.43 16.08
N VAL B 351 -2.67 -15.69 16.06
CA VAL B 351 -1.93 -15.29 17.26
C VAL B 351 -2.74 -14.20 17.98
N SER B 352 -2.88 -14.31 19.30
CA SER B 352 -3.81 -13.42 20.02
C SER B 352 -3.17 -12.18 20.66
N GLU B 353 -1.91 -12.26 21.06
CA GLU B 353 -1.26 -11.12 21.72
C GLU B 353 -0.15 -10.49 20.87
N GLU B 354 1.05 -11.06 20.93
CA GLU B 354 2.17 -10.55 20.13
C GLU B 354 2.77 -11.71 19.35
N VAL B 355 3.05 -11.48 18.07
CA VAL B 355 3.72 -12.51 17.29
C VAL B 355 5.15 -12.68 17.81
N ILE B 356 5.85 -11.55 17.93
CA ILE B 356 7.19 -11.51 18.49
C ILE B 356 7.23 -10.55 19.67
N ARG B 357 7.66 -11.07 20.83
CA ARG B 357 7.74 -10.27 22.06
C ARG B 357 9.09 -10.37 22.74
N ILE B 358 9.65 -9.21 23.08
CA ILE B 358 10.83 -9.14 23.92
C ILE B 358 10.60 -8.04 24.95
N ASN B 359 10.83 -8.36 26.23
CA ASN B 359 10.60 -7.43 27.32
C ASN B 359 11.58 -7.67 28.47
N LEU B 360 12.14 -6.59 28.99
CA LEU B 360 13.20 -6.66 30.01
C LEU B 360 12.74 -6.21 31.39
N ARG B 361 11.42 -6.19 31.62
CA ARG B 361 10.87 -5.86 32.94
C ARG B 361 9.96 -6.94 33.50
N TYR B 362 10.29 -8.19 33.20
CA TYR B 362 9.50 -9.32 33.65
C TYR B 362 9.18 -9.29 35.15
N ASP B 363 7.89 -9.48 35.45
CA ASP B 363 7.33 -9.53 36.81
C ASP B 363 7.53 -8.28 37.64
N ASN B 364 7.77 -7.14 37.00
CA ASN B 364 7.88 -5.88 37.72
C ASN B 364 9.00 -5.97 38.77
N GLU B 365 10.08 -6.67 38.41
CA GLU B 365 11.23 -6.87 39.28
C GLU B 365 12.44 -6.15 38.72
N GLU B 366 13.31 -5.70 39.62
CA GLU B 366 14.54 -4.98 39.26
C GLU B 366 15.69 -5.42 40.14
N GLY B 367 16.90 -5.22 39.65
CA GLY B 367 18.11 -5.53 40.42
C GLY B 367 19.31 -4.83 39.83
N GLU B 368 20.49 -5.33 40.14
CA GLU B 368 21.74 -4.75 39.62
C GLU B 368 22.51 -5.70 38.69
N TYR B 369 21.75 -6.54 37.98
CA TYR B 369 22.33 -7.48 37.02
C TYR B 369 21.61 -7.33 35.68
N LEU B 370 22.06 -6.34 34.91
CA LEU B 370 21.48 -6.05 33.62
C LEU B 370 21.75 -7.22 32.67
N PRO B 371 20.68 -7.76 32.05
CA PRO B 371 20.85 -8.88 31.13
C PRO B 371 21.30 -8.46 29.73
N VAL B 372 22.09 -9.30 29.09
CA VAL B 372 22.49 -9.05 27.71
C VAL B 372 21.46 -9.75 26.83
N VAL B 373 20.71 -8.95 26.05
CA VAL B 373 19.75 -9.51 25.08
C VAL B 373 20.09 -8.99 23.70
N ARG B 374 20.56 -9.87 22.83
CA ARG B 374 21.02 -9.48 21.50
C ARG B 374 20.99 -10.64 20.51
N SER B 375 21.05 -10.31 19.22
CA SER B 375 21.24 -11.30 18.15
C SER B 375 20.12 -12.34 18.10
N VAL B 376 18.91 -11.84 17.86
CA VAL B 376 17.75 -12.68 17.69
C VAL B 376 17.37 -12.52 16.24
N PHE B 377 17.20 -13.65 15.55
CA PHE B 377 16.99 -13.66 14.11
C PHE B 377 15.69 -14.37 13.71
N VAL B 378 14.77 -13.61 13.15
CA VAL B 378 13.53 -14.15 12.61
C VAL B 378 13.62 -14.11 11.10
N LYS B 379 13.53 -15.28 10.47
CA LYS B 379 13.65 -15.40 9.02
C LYS B 379 12.61 -16.35 8.45
N ASN B 380 11.91 -15.89 7.41
CA ASN B 380 10.91 -16.68 6.71
C ASN B 380 9.77 -17.12 7.65
N LEU B 381 9.29 -16.16 8.43
CA LEU B 381 8.09 -16.34 9.22
C LEU B 381 6.88 -15.91 8.38
N LYS B 382 5.87 -16.76 8.34
CA LYS B 382 4.55 -16.35 7.88
C LYS B 382 3.65 -16.36 9.11
N ALA B 383 2.99 -15.25 9.38
CA ALA B 383 2.15 -15.16 10.57
C ALA B 383 0.89 -14.32 10.36
N THR B 384 -0.16 -14.62 11.13
CA THR B 384 -1.40 -13.83 11.10
C THR B 384 -1.90 -13.52 12.51
N GLY B 385 -2.55 -12.35 12.64
CA GLY B 385 -3.22 -11.96 13.87
C GLY B 385 -2.30 -11.31 14.89
N GLY B 386 -2.89 -10.82 15.96
CA GLY B 386 -2.13 -10.25 17.05
C GLY B 386 -2.54 -8.83 17.35
N LYS B 387 -2.33 -8.42 18.60
CA LYS B 387 -2.46 -7.02 18.95
C LYS B 387 -1.18 -6.31 18.49
N TYR B 388 -0.06 -7.04 18.51
CA TYR B 388 1.22 -6.58 17.99
C TYR B 388 1.82 -7.59 17.03
N ALA B 389 2.41 -7.12 15.94
CA ALA B 389 3.30 -7.98 15.15
C ALA B 389 4.64 -8.15 15.88
N VAL B 390 5.25 -7.01 16.19
CA VAL B 390 6.58 -6.96 16.79
C VAL B 390 6.52 -6.00 17.99
N ARG B 391 6.85 -6.52 19.17
CA ARG B 391 6.84 -5.71 20.38
C ARG B 391 8.12 -5.92 21.21
N ILE B 392 8.98 -4.92 21.20
CA ILE B 392 10.34 -5.06 21.75
C ILE B 392 10.62 -3.90 22.70
N GLU B 393 10.76 -4.23 23.98
CA GLU B 393 11.06 -3.22 24.99
C GLU B 393 12.32 -3.57 25.76
N GLY B 394 13.29 -2.66 25.77
CA GLY B 394 14.50 -2.82 26.58
C GLY B 394 14.45 -1.87 27.76
N LEU B 395 15.63 -1.48 28.24
CA LEU B 395 15.75 -0.50 29.29
C LEU B 395 16.59 0.65 28.77
N GLU B 396 16.37 1.84 29.31
CA GLU B 396 17.15 3.03 28.94
C GLU B 396 18.66 2.80 29.10
N ASN B 397 19.04 2.05 30.13
CA ASN B 397 20.43 1.68 30.38
C ASN B 397 20.80 0.25 29.91
N ASP B 398 19.95 -0.35 29.06
CA ASP B 398 20.15 -1.72 28.55
C ASP B 398 19.22 -2.00 27.37
N TYR B 399 19.61 -1.51 26.19
CA TYR B 399 18.84 -1.71 24.98
C TYR B 399 18.82 -3.18 24.57
N VAL B 400 17.71 -3.63 23.97
CA VAL B 400 17.70 -4.89 23.22
C VAL B 400 18.46 -4.60 21.93
N LYS B 401 19.42 -5.46 21.59
CA LYS B 401 20.36 -5.17 20.49
C LYS B 401 20.31 -6.20 19.37
N ASP B 402 20.58 -5.74 18.14
CA ASP B 402 20.81 -6.65 17.00
C ASP B 402 19.67 -7.66 16.83
N ILE B 403 18.46 -7.13 16.68
CA ILE B 403 17.30 -7.95 16.34
C ILE B 403 17.06 -7.78 14.84
N LEU B 404 16.96 -8.90 14.12
CA LEU B 404 16.77 -8.86 12.67
C LEU B 404 15.60 -9.76 12.27
N ILE B 405 14.66 -9.16 11.55
CA ILE B 405 13.52 -9.86 10.99
C ILE B 405 13.62 -9.76 9.49
N SER B 406 13.57 -10.89 8.79
CA SER B 406 13.75 -10.90 7.34
C SER B 406 12.88 -11.92 6.62
N ASP B 407 12.51 -11.56 5.38
CA ASP B 407 11.75 -12.44 4.48
C ASP B 407 10.47 -12.93 5.16
N THR B 408 9.76 -11.99 5.77
CA THR B 408 8.69 -12.32 6.72
C THR B 408 7.41 -11.57 6.33
N ILE B 409 6.28 -12.26 6.49
CA ILE B 409 4.97 -11.67 6.21
C ILE B 409 4.06 -11.86 7.42
N ILE B 410 3.60 -10.74 7.99
CA ILE B 410 2.67 -10.75 9.11
C ILE B 410 1.40 -9.96 8.76
N GLU B 411 0.28 -10.67 8.74
CA GLU B 411 -0.99 -10.09 8.34
CA GLU B 411 -1.01 -10.11 8.32
C GLU B 411 -1.98 -10.03 9.48
N GLY B 412 -2.74 -8.94 9.54
CA GLY B 412 -3.82 -8.78 10.51
C GLY B 412 -3.46 -8.39 11.94
N ALA B 413 -2.21 -8.07 12.21
CA ALA B 413 -1.84 -7.55 13.52
C ALA B 413 -2.19 -6.07 13.58
N LYS B 414 -2.73 -5.61 14.71
CA LYS B 414 -3.21 -4.24 14.83
C LYS B 414 -2.04 -3.23 14.82
N ILE B 415 -1.03 -3.47 15.63
CA ILE B 415 0.17 -2.63 15.63
C ILE B 415 1.33 -3.40 15.00
N SER B 416 2.01 -2.80 14.03
CA SER B 416 3.11 -3.51 13.35
C SER B 416 4.37 -3.58 14.20
N VAL B 417 4.81 -2.44 14.70
CA VAL B 417 6.00 -2.38 15.53
C VAL B 417 5.77 -1.46 16.72
N LEU B 418 6.04 -1.99 17.91
CA LEU B 418 6.29 -1.16 19.07
C LEU B 418 7.72 -1.43 19.51
N LEU B 419 8.56 -0.39 19.46
CA LEU B 419 9.95 -0.51 19.89
C LEU B 419 10.25 0.50 20.99
N GLU B 420 10.82 0.03 22.10
CA GLU B 420 11.17 0.92 23.20
C GLU B 420 12.54 0.54 23.76
N PHE B 421 13.54 1.38 23.49
CA PHE B 421 14.93 1.16 23.92
C PHE B 421 15.49 -0.12 23.32
N GLY B 422 15.55 -0.18 21.99
CA GLY B 422 16.04 -1.35 21.28
C GLY B 422 16.53 -1.01 19.88
N GLN B 423 17.20 -1.98 19.26
CA GLN B 423 17.68 -1.88 17.88
C GLN B 423 16.95 -2.93 17.05
N LEU B 424 16.26 -2.48 16.00
CA LEU B 424 15.53 -3.40 15.13
C LEU B 424 15.92 -3.21 13.67
N GLY B 425 16.24 -4.31 13.00
CA GLY B 425 16.43 -4.36 11.56
C GLY B 425 15.37 -5.23 10.91
N MET B 426 14.81 -4.77 9.79
CA MET B 426 13.90 -5.60 8.99
C MET B 426 14.30 -5.50 7.54
N GLU B 427 14.40 -6.66 6.88
CA GLU B 427 14.74 -6.73 5.46
C GLU B 427 13.75 -7.65 4.75
N ASN B 428 13.11 -7.11 3.72
CA ASN B 428 12.05 -7.82 2.98
C ASN B 428 10.91 -8.31 3.88
N VAL B 429 10.28 -7.37 4.57
CA VAL B 429 9.19 -7.70 5.49
C VAL B 429 7.91 -7.01 5.05
N ILE B 430 6.79 -7.73 5.10
CA ILE B 430 5.47 -7.15 4.80
C ILE B 430 4.55 -7.23 6.03
N MET B 431 3.95 -6.10 6.38
CA MET B 431 2.96 -6.05 7.45
C MET B 431 1.74 -5.25 7.03
N ASN B 432 0.65 -5.96 6.75
CA ASN B 432 -0.56 -5.33 6.20
C ASN B 432 -0.21 -4.42 5.00
N GLY B 433 -0.52 -3.13 5.08
CA GLY B 433 -0.22 -2.18 4.00
C GLY B 433 1.16 -1.51 4.01
N SER B 434 2.03 -1.95 4.92
CA SER B 434 3.41 -1.48 5.02
C SER B 434 4.36 -2.56 4.47
N ARG B 435 5.33 -2.13 3.65
CA ARG B 435 6.37 -3.02 3.13
C ARG B 435 7.75 -2.41 3.39
N PHE B 436 8.63 -3.24 3.95
CA PHE B 436 9.96 -2.78 4.33
C PHE B 436 11.00 -3.56 3.54
N GLU B 437 11.55 -2.93 2.51
CA GLU B 437 12.71 -3.49 1.81
C GLU B 437 13.88 -3.54 2.78
N LYS B 438 14.13 -2.40 3.44
CA LYS B 438 15.16 -2.32 4.45
C LYS B 438 14.83 -1.24 5.48
N LEU B 439 14.61 -1.68 6.72
CA LEU B 439 14.34 -0.80 7.84
C LEU B 439 15.38 -1.04 8.93
N TYR B 440 15.88 0.04 9.51
CA TYR B 440 16.69 -0.03 10.71
C TYR B 440 16.22 1.07 11.66
N ILE B 441 15.91 0.71 12.89
CA ILE B 441 15.57 1.69 13.93
C ILE B 441 16.33 1.40 15.23
N GLU B 442 16.85 2.47 15.83
CA GLU B 442 17.41 2.41 17.18
C GLU B 442 16.79 3.54 18.01
N GLY B 443 16.16 3.17 19.12
CA GLY B 443 15.49 4.15 19.96
C GLY B 443 14.09 3.72 20.31
N LYS B 444 13.12 4.57 19.99
CA LYS B 444 11.71 4.29 20.24
C LYS B 444 10.96 4.41 18.93
N ALA B 445 9.99 3.52 18.73
CA ALA B 445 9.18 3.57 17.52
C ALA B 445 7.80 2.98 17.74
N LEU B 446 6.84 3.58 17.07
CA LEU B 446 5.52 2.99 16.93
C LEU B 446 5.10 3.05 15.46
N LEU B 447 4.83 1.89 14.89
CA LEU B 447 4.39 1.76 13.50
C LEU B 447 3.06 1.04 13.44
N LYS B 448 2.08 1.67 12.81
CA LYS B 448 0.69 1.20 12.81
C LYS B 448 0.06 1.42 11.43
N GLU C 5 7.03 4.33 -32.93
CA GLU C 5 5.81 4.76 -32.18
C GLU C 5 5.19 6.02 -32.78
N LEU C 6 3.87 6.09 -32.67
CA LEU C 6 3.06 7.03 -33.43
C LEU C 6 3.27 8.50 -33.06
N ALA C 7 3.45 8.78 -31.76
CA ALA C 7 3.52 10.16 -31.26
C ALA C 7 4.65 10.99 -31.85
N LYS C 8 5.83 10.37 -32.00
CA LYS C 8 6.99 11.03 -32.61
C LYS C 8 6.80 11.22 -34.09
N LYS C 9 6.23 10.20 -34.75
CA LYS C 9 5.92 10.27 -36.18
C LYS C 9 4.96 11.41 -36.49
N ILE C 10 3.90 11.53 -35.69
CA ILE C 10 2.91 12.59 -35.87
C ILE C 10 3.53 13.98 -35.67
N GLU C 11 4.28 14.15 -34.58
CA GLU C 11 5.00 15.39 -34.34
C GLU C 11 5.91 15.78 -35.51
N GLU C 12 6.68 14.81 -36.00
CA GLU C 12 7.57 15.01 -37.15
C GLU C 12 6.79 15.44 -38.39
N GLU C 13 5.66 14.76 -38.65
CA GLU C 13 4.78 15.12 -39.74
C GLU C 13 4.26 16.57 -39.63
N ILE C 14 3.79 16.95 -38.44
CA ILE C 14 3.30 18.32 -38.17
C ILE C 14 4.38 19.36 -38.44
N LEU C 15 5.59 19.09 -37.93
CA LEU C 15 6.71 20.01 -38.05
C LEU C 15 7.23 20.17 -39.48
N ASN C 16 6.94 19.18 -40.32
CA ASN C 16 7.30 19.25 -41.74
C ASN C 16 6.37 20.13 -42.59
N HIS C 17 5.21 20.48 -42.05
CA HIS C 17 4.19 21.22 -42.79
C HIS C 17 3.85 22.57 -42.18
N VAL C 18 4.29 22.79 -40.94
CA VAL C 18 4.08 24.04 -40.25
C VAL C 18 5.21 25.03 -40.61
N ARG C 19 4.82 26.20 -41.10
CA ARG C 19 5.77 27.22 -41.59
C ARG C 19 5.25 28.63 -41.35
N GLU C 20 6.12 29.51 -40.89
CA GLU C 20 5.79 30.93 -40.70
C GLU C 20 5.28 31.57 -42.00
N PRO C 21 4.27 32.46 -41.88
CA PRO C 21 3.76 33.15 -43.07
C PRO C 21 4.76 34.14 -43.66
N GLN C 22 4.81 34.21 -44.99
CA GLN C 22 5.60 35.21 -45.67
C GLN C 22 4.89 36.54 -45.61
N ILE C 23 5.58 37.55 -45.11
CA ILE C 23 5.05 38.91 -45.01
C ILE C 23 5.98 39.85 -45.76
N PRO C 24 5.45 40.58 -46.78
CA PRO C 24 6.27 41.50 -47.55
C PRO C 24 7.06 42.45 -46.66
N ASP C 25 8.27 42.78 -47.10
CA ASP C 25 9.18 43.68 -46.38
C ASP C 25 8.73 45.14 -46.56
N ARG C 26 7.63 45.48 -45.90
CA ARG C 26 6.99 46.78 -46.07
C ARG C 26 6.17 47.08 -44.82
N GLU C 27 6.40 48.24 -44.21
CA GLU C 27 5.71 48.59 -42.98
C GLU C 27 5.08 49.97 -42.97
N VAL C 28 4.05 50.10 -42.15
CA VAL C 28 3.25 51.29 -42.07
C VAL C 28 2.80 51.48 -40.62
N ASN C 29 2.81 52.73 -40.16
CA ASN C 29 2.43 53.08 -38.80
C ASN C 29 1.01 53.63 -38.74
N LEU C 30 0.19 53.07 -37.83
CA LEU C 30 -1.22 53.45 -37.69
C LEU C 30 -1.47 54.94 -37.41
N LEU C 31 -0.52 55.61 -36.74
CA LEU C 31 -0.65 57.05 -36.45
C LEU C 31 -0.73 57.91 -37.71
N ASP C 32 -0.09 57.46 -38.79
CA ASP C 32 -0.07 58.18 -40.07
C ASP C 32 -1.45 58.18 -40.75
N PHE C 33 -2.38 57.41 -40.20
CA PHE C 33 -3.74 57.32 -40.72
C PHE C 33 -4.76 58.00 -39.81
N GLY C 34 -4.29 58.91 -38.96
CA GLY C 34 -5.17 59.72 -38.11
C GLY C 34 -5.58 59.07 -36.80
N ALA C 35 -5.03 57.89 -36.50
CA ALA C 35 -5.34 57.19 -35.26
C ALA C 35 -4.69 57.87 -34.06
N ARG C 36 -5.38 57.84 -32.91
CA ARG C 36 -4.81 58.34 -31.67
C ARG C 36 -4.94 57.29 -30.56
N GLY C 37 -3.85 57.09 -29.81
CA GLY C 37 -3.84 56.10 -28.75
C GLY C 37 -4.33 56.62 -27.42
N ASP C 38 -5.36 57.47 -27.48
CA ASP C 38 -5.88 58.17 -26.30
C ASP C 38 -7.04 57.45 -25.59
N GLY C 39 -7.31 56.21 -26.00
CA GLY C 39 -8.44 55.44 -25.50
C GLY C 39 -9.78 56.12 -25.69
N ARG C 40 -9.85 57.00 -26.68
CA ARG C 40 -11.00 57.90 -26.90
C ARG C 40 -11.43 57.99 -28.36
N THR C 41 -10.46 58.27 -29.23
CA THR C 41 -10.69 58.40 -30.68
C THR C 41 -11.09 57.06 -31.28
N ASP C 42 -12.11 57.07 -32.13
CA ASP C 42 -12.49 55.89 -32.90
C ASP C 42 -11.48 55.69 -34.03
N CYS C 43 -10.72 54.60 -33.95
CA CYS C 43 -9.67 54.32 -34.92
C CYS C 43 -10.11 53.33 -36.01
N SER C 44 -11.41 53.06 -36.09
CA SER C 44 -11.94 52.06 -37.04
C SER C 44 -11.47 52.32 -38.46
N GLU C 45 -11.63 53.57 -38.91
CA GLU C 45 -11.25 53.99 -40.26
C GLU C 45 -9.75 53.96 -40.53
N SER C 46 -8.95 54.23 -39.49
CA SER C 46 -7.50 54.14 -39.58
C SER C 46 -7.04 52.74 -39.97
N PHE C 47 -7.55 51.72 -39.27
CA PHE C 47 -7.26 50.33 -39.57
C PHE C 47 -7.69 49.95 -40.98
N LYS C 48 -8.92 50.31 -41.35
CA LYS C 48 -9.45 50.06 -42.69
C LYS C 48 -8.54 50.66 -43.78
N ARG C 49 -8.13 51.93 -43.61
CA ARG C 49 -7.28 52.62 -44.58
C ARG C 49 -5.86 52.06 -44.69
N ALA C 50 -5.27 51.74 -43.53
CA ALA C 50 -3.91 51.21 -43.48
C ALA C 50 -3.79 49.81 -44.10
N ILE C 51 -4.79 48.97 -43.83
CA ILE C 51 -4.84 47.61 -44.37
C ILE C 51 -5.04 47.62 -45.89
N GLU C 52 -5.98 48.45 -46.35
CA GLU C 52 -6.28 48.59 -47.78
C GLU C 52 -5.08 49.11 -48.56
N GLU C 53 -4.35 50.06 -47.99
CA GLU C 53 -3.14 50.59 -48.62
C GLU C 53 -2.02 49.54 -48.74
N LEU C 54 -1.85 48.74 -47.69
CA LEU C 54 -0.85 47.68 -47.68
C LEU C 54 -1.14 46.60 -48.71
N SER C 55 -2.40 46.16 -48.79
CA SER C 55 -2.78 45.06 -49.69
C SER C 55 -2.83 45.44 -51.16
N LYS C 56 -2.98 46.73 -51.45
CA LYS C 56 -2.88 47.24 -52.83
C LYS C 56 -1.43 47.15 -53.33
N GLN C 57 -0.48 47.28 -52.40
CA GLN C 57 0.94 47.14 -52.72
C GLN C 57 1.41 45.69 -52.60
N GLY C 58 0.52 44.79 -52.18
CA GLY C 58 0.86 43.37 -52.09
C GLY C 58 0.93 42.83 -50.67
N GLY C 59 0.60 43.67 -49.69
CA GLY C 59 0.62 43.28 -48.28
C GLY C 59 1.70 43.98 -47.48
N GLY C 60 1.86 43.56 -46.22
CA GLY C 60 2.89 44.13 -45.36
C GLY C 60 2.54 44.17 -43.87
N ARG C 61 3.33 44.94 -43.13
CA ARG C 61 3.27 45.00 -41.68
C ARG C 61 2.66 46.32 -41.21
N LEU C 62 1.57 46.24 -40.46
CA LEU C 62 0.95 47.42 -39.86
C LEU C 62 1.35 47.52 -38.39
N ILE C 63 2.04 48.61 -38.05
CA ILE C 63 2.49 48.80 -36.66
C ILE C 63 1.47 49.60 -35.84
N VAL C 64 0.99 48.99 -34.76
CA VAL C 64 0.14 49.65 -33.78
C VAL C 64 1.03 50.01 -32.59
N PRO C 65 1.43 51.29 -32.46
CA PRO C 65 2.40 51.69 -31.45
C PRO C 65 1.83 51.69 -30.03
N GLU C 66 2.65 52.10 -29.06
CA GLU C 66 2.22 52.22 -27.67
C GLU C 66 1.00 53.14 -27.53
N GLY C 67 0.09 52.78 -26.63
CA GLY C 67 -1.15 53.53 -26.43
C GLY C 67 -2.36 52.62 -26.46
N VAL C 68 -3.54 53.19 -26.29
CA VAL C 68 -4.81 52.45 -26.32
C VAL C 68 -5.63 52.93 -27.51
N PHE C 69 -5.84 52.04 -28.48
CA PHE C 69 -6.54 52.40 -29.73
C PHE C 69 -7.92 51.74 -29.81
N LEU C 70 -8.96 52.56 -29.71
CA LEU C 70 -10.35 52.09 -29.79
C LEU C 70 -10.73 51.81 -31.23
N THR C 71 -11.39 50.68 -31.47
CA THR C 71 -11.83 50.33 -32.81
C THR C 71 -13.01 49.37 -32.79
N GLY C 72 -13.78 49.38 -33.87
CA GLY C 72 -14.70 48.29 -34.16
C GLY C 72 -13.89 47.11 -34.69
N PRO C 73 -14.56 46.14 -35.33
CA PRO C 73 -13.88 44.95 -35.85
C PRO C 73 -12.77 45.28 -36.86
N ILE C 74 -11.71 44.48 -36.86
CA ILE C 74 -10.63 44.61 -37.83
C ILE C 74 -10.75 43.47 -38.84
N HIS C 75 -10.87 43.83 -40.11
CA HIS C 75 -10.94 42.84 -41.18
C HIS C 75 -9.60 42.79 -41.91
N LEU C 76 -8.92 41.65 -41.74
CA LEU C 76 -7.60 41.46 -42.33
C LEU C 76 -7.73 41.00 -43.77
N LYS C 77 -6.64 41.12 -44.52
CA LYS C 77 -6.58 40.63 -45.89
C LYS C 77 -5.31 39.81 -46.00
N SER C 78 -5.13 39.09 -47.10
CA SER C 78 -3.92 38.30 -47.33
C SER C 78 -2.64 39.14 -47.27
N ASN C 79 -1.57 38.52 -46.77
CA ASN C 79 -0.23 39.14 -46.73
C ASN C 79 -0.12 40.31 -45.76
N ILE C 80 -0.95 40.29 -44.72
CA ILE C 80 -0.98 41.37 -43.74
C ILE C 80 -0.54 40.86 -42.36
N GLU C 81 0.42 41.58 -41.77
CA GLU C 81 0.79 41.37 -40.38
C GLU C 81 0.35 42.54 -39.52
N LEU C 82 -0.46 42.24 -38.52
CA LEU C 82 -0.87 43.21 -37.52
C LEU C 82 0.09 43.12 -36.35
N HIS C 83 0.94 44.14 -36.21
CA HIS C 83 2.00 44.15 -35.19
C HIS C 83 1.64 45.07 -34.03
N VAL C 84 1.27 44.46 -32.90
CA VAL C 84 0.66 45.18 -31.78
C VAL C 84 1.68 45.45 -30.66
N LYS C 85 1.98 46.73 -30.46
CA LYS C 85 2.86 47.16 -29.38
C LYS C 85 2.04 47.64 -28.20
N GLY C 86 1.02 48.46 -28.48
CA GLY C 86 0.13 48.98 -27.44
C GLY C 86 -1.08 48.10 -27.26
N THR C 87 -2.23 48.74 -27.03
CA THR C 87 -3.48 48.03 -26.84
C THR C 87 -4.48 48.36 -27.94
N ILE C 88 -5.06 47.32 -28.52
CA ILE C 88 -6.23 47.48 -29.37
C ILE C 88 -7.44 47.14 -28.51
N LYS C 89 -8.28 48.13 -28.28
CA LYS C 89 -9.46 47.96 -27.43
C LYS C 89 -10.68 48.08 -28.30
N PHE C 90 -11.45 47.00 -28.36
CA PHE C 90 -12.61 46.95 -29.24
C PHE C 90 -13.80 47.60 -28.59
N ILE C 91 -14.65 48.24 -29.41
CA ILE C 91 -15.81 48.95 -28.91
C ILE C 91 -17.01 48.01 -28.87
N PRO C 92 -17.50 47.69 -27.67
CA PRO C 92 -18.54 46.67 -27.47
C PRO C 92 -19.95 47.16 -27.84
N ASP C 93 -20.10 47.61 -29.09
CA ASP C 93 -21.37 48.05 -29.62
C ASP C 93 -21.71 47.15 -30.81
N PRO C 94 -22.67 46.23 -30.63
CA PRO C 94 -23.01 45.21 -31.63
C PRO C 94 -23.21 45.74 -33.05
N GLU C 95 -23.75 46.96 -33.19
CA GLU C 95 -23.98 47.56 -34.52
C GLU C 95 -22.69 47.73 -35.32
N ARG C 96 -21.58 47.98 -34.63
CA ARG C 96 -20.27 48.09 -35.26
C ARG C 96 -19.76 46.80 -35.89
N TYR C 97 -20.35 45.66 -35.53
CA TYR C 97 -19.93 44.34 -36.02
C TYR C 97 -20.84 43.82 -37.14
N LEU C 98 -21.56 44.76 -37.73
CA LEU C 98 -22.41 44.53 -38.89
C LEU C 98 -21.81 45.26 -40.10
N PRO C 99 -22.14 44.79 -41.33
CA PRO C 99 -23.08 43.71 -41.68
C PRO C 99 -22.61 42.31 -41.29
N VAL C 100 -23.54 41.36 -41.26
CA VAL C 100 -23.24 39.96 -40.91
C VAL C 100 -22.17 39.36 -41.83
N VAL C 101 -21.32 38.50 -41.29
CA VAL C 101 -20.31 37.78 -42.06
C VAL C 101 -20.47 36.27 -41.88
N LEU C 102 -19.87 35.49 -42.79
CA LEU C 102 -19.80 34.04 -42.64
C LEU C 102 -18.98 33.71 -41.41
N THR C 103 -19.59 33.00 -40.47
CA THR C 103 -18.91 32.65 -39.24
C THR C 103 -19.47 31.33 -38.68
N ARG C 104 -19.23 31.05 -37.41
CA ARG C 104 -19.63 29.77 -36.82
C ARG C 104 -19.96 30.01 -35.36
N PHE C 105 -21.03 29.38 -34.85
CA PHE C 105 -21.35 29.46 -33.42
C PHE C 105 -21.54 28.05 -32.86
N GLU C 106 -20.65 27.67 -31.93
CA GLU C 106 -20.67 26.33 -31.31
C GLU C 106 -20.84 25.22 -32.35
N GLY C 107 -19.99 25.28 -33.39
CA GLY C 107 -19.89 24.22 -34.38
C GLY C 107 -20.86 24.26 -35.56
N ILE C 108 -21.70 25.28 -35.63
CA ILE C 108 -22.66 25.42 -36.72
C ILE C 108 -22.42 26.71 -37.49
N GLU C 109 -22.33 26.60 -38.81
CA GLU C 109 -22.12 27.75 -39.69
C GLU C 109 -23.36 28.62 -39.76
N LEU C 110 -23.15 29.92 -39.86
CA LEU C 110 -24.23 30.91 -39.92
C LEU C 110 -23.67 32.25 -40.41
N TYR C 111 -24.57 33.20 -40.64
CA TYR C 111 -24.20 34.61 -40.82
C TYR C 111 -24.56 35.40 -39.56
N ASN C 112 -23.57 36.06 -38.99
CA ASN C 112 -23.72 36.71 -37.68
C ASN C 112 -22.72 37.85 -37.55
N TYR C 113 -22.80 38.57 -36.44
CA TYR C 113 -21.80 39.58 -36.06
C TYR C 113 -20.38 39.16 -36.39
N SER C 114 -19.63 40.08 -36.99
CA SER C 114 -18.20 39.88 -37.25
C SER C 114 -17.42 39.55 -35.99
N PRO C 115 -16.51 38.57 -36.07
CA PRO C 115 -15.49 38.47 -35.02
C PRO C 115 -14.71 39.78 -34.94
N LEU C 116 -14.06 40.03 -33.82
CA LEU C 116 -13.38 41.30 -33.57
C LEU C 116 -12.11 41.44 -34.43
N VAL C 117 -11.46 40.31 -34.72
CA VAL C 117 -10.40 40.27 -35.73
C VAL C 117 -10.75 39.12 -36.67
N TYR C 118 -11.03 39.47 -37.92
CA TYR C 118 -11.65 38.53 -38.86
C TYR C 118 -10.88 38.49 -40.17
N ALA C 119 -10.61 37.26 -40.63
CA ALA C 119 -9.99 37.04 -41.93
C ALA C 119 -10.69 35.86 -42.61
N LEU C 120 -11.22 36.11 -43.81
CA LEU C 120 -11.92 35.08 -44.57
C LEU C 120 -11.21 34.79 -45.89
N ASP C 121 -10.93 33.50 -46.14
CA ASP C 121 -10.30 33.05 -47.39
C ASP C 121 -9.00 33.80 -47.69
N CYS C 122 -8.20 34.02 -46.64
CA CYS C 122 -6.94 34.74 -46.74
C CYS C 122 -5.74 33.79 -46.64
N GLU C 123 -4.60 34.27 -47.09
CA GLU C 123 -3.37 33.51 -47.05
C GLU C 123 -2.31 34.43 -46.44
N ASN C 124 -1.40 33.86 -45.64
CA ASN C 124 -0.26 34.60 -45.07
C ASN C 124 -0.68 35.79 -44.22
N VAL C 125 -1.27 35.49 -43.06
CA VAL C 125 -1.80 36.51 -42.16
C VAL C 125 -1.21 36.33 -40.76
N ALA C 126 -0.77 37.44 -40.16
CA ALA C 126 -0.09 37.40 -38.88
C ALA C 126 -0.59 38.44 -37.88
N ILE C 127 -0.65 38.04 -36.62
CA ILE C 127 -0.81 38.97 -35.50
C ILE C 127 0.40 38.73 -34.62
N THR C 128 1.16 39.78 -34.35
CA THR C 128 2.43 39.66 -33.63
C THR C 128 2.57 40.83 -32.65
N GLY C 129 3.67 40.85 -31.89
CA GLY C 129 3.95 41.94 -30.96
C GLY C 129 3.68 41.52 -29.53
N SER C 130 4.11 42.32 -28.56
CA SER C 130 3.87 41.99 -27.15
C SER C 130 2.85 42.92 -26.50
N GLY C 131 1.91 43.42 -27.30
CA GLY C 131 0.84 44.27 -26.81
C GLY C 131 -0.44 43.52 -26.47
N VAL C 132 -1.55 44.26 -26.40
CA VAL C 132 -2.80 43.68 -25.88
C VAL C 132 -3.96 43.79 -26.87
N LEU C 133 -4.77 42.74 -26.94
CA LEU C 133 -6.06 42.80 -27.61
C LEU C 133 -7.15 42.70 -26.56
N ASP C 134 -7.91 43.78 -26.43
CA ASP C 134 -8.90 43.91 -25.37
C ASP C 134 -10.30 43.91 -25.96
N GLY C 135 -11.05 42.84 -25.71
CA GLY C 135 -12.36 42.68 -26.33
C GLY C 135 -13.46 43.54 -25.72
N SER C 136 -13.20 44.08 -24.52
CA SER C 136 -14.12 44.95 -23.79
C SER C 136 -15.39 44.25 -23.32
N ALA C 137 -15.37 42.92 -23.28
CA ALA C 137 -16.49 42.18 -22.73
C ALA C 137 -16.44 42.25 -21.21
N ASP C 138 -17.61 42.45 -20.62
CA ASP C 138 -17.78 42.36 -19.16
C ASP C 138 -19.25 42.09 -18.80
N ASN C 139 -19.60 42.25 -17.53
CA ASN C 139 -20.97 42.00 -17.08
C ASN C 139 -22.02 42.92 -17.72
N GLU C 140 -21.56 43.92 -18.46
CA GLU C 140 -22.45 44.85 -19.15
C GLU C 140 -22.32 44.80 -20.69
N HIS C 141 -21.38 43.99 -21.18
CA HIS C 141 -21.10 43.93 -22.62
C HIS C 141 -20.78 42.51 -23.09
N TRP C 142 -21.60 42.03 -24.04
CA TRP C 142 -21.49 40.69 -24.64
C TRP C 142 -21.90 39.55 -23.68
N TRP C 143 -21.29 39.49 -22.50
CA TRP C 143 -21.48 38.37 -21.57
C TRP C 143 -22.93 38.15 -21.07
N PRO C 144 -23.73 39.23 -20.89
CA PRO C 144 -25.12 38.97 -20.46
C PRO C 144 -25.90 38.07 -21.43
N TRP C 145 -25.48 38.01 -22.70
CA TRP C 145 -26.17 37.24 -23.73
C TRP C 145 -26.18 35.73 -23.45
N LYS C 146 -25.21 35.26 -22.66
CA LYS C 146 -25.17 33.87 -22.22
C LYS C 146 -26.42 33.49 -21.44
N GLY C 147 -26.97 34.43 -20.68
CA GLY C 147 -28.14 34.15 -19.85
C GLY C 147 -27.81 33.67 -18.45
N LYS C 148 -26.54 33.79 -18.06
CA LYS C 148 -26.10 33.48 -16.71
C LYS C 148 -26.03 34.75 -15.85
N LYS C 149 -26.66 34.72 -14.68
CA LYS C 149 -26.66 35.88 -13.78
C LYS C 149 -25.27 36.18 -13.20
N ASP C 150 -24.48 35.13 -13.03
CA ASP C 150 -23.04 35.24 -12.72
C ASP C 150 -22.35 36.29 -13.59
N PHE C 151 -22.86 36.48 -14.80
CA PHE C 151 -22.20 37.34 -15.79
C PHE C 151 -23.09 38.45 -16.35
N GLY C 152 -24.04 38.92 -15.54
CA GLY C 152 -24.79 40.12 -15.86
C GLY C 152 -26.12 39.94 -16.56
N TRP C 153 -26.56 38.70 -16.76
CA TRP C 153 -27.93 38.50 -17.25
C TRP C 153 -28.93 38.74 -16.12
N LYS C 154 -30.08 39.30 -16.49
CA LYS C 154 -31.19 39.52 -15.58
C LYS C 154 -32.50 39.21 -16.31
N GLU C 155 -33.54 38.86 -15.55
CA GLU C 155 -34.90 38.69 -16.08
C GLU C 155 -35.29 39.97 -16.81
N GLY C 156 -35.93 39.82 -17.96
CA GLY C 156 -36.37 40.98 -18.75
C GLY C 156 -35.37 41.40 -19.80
N LEU C 157 -34.19 40.78 -19.76
CA LEU C 157 -33.17 40.99 -20.77
C LEU C 157 -33.07 39.77 -21.67
N PRO C 158 -32.74 39.99 -22.96
CA PRO C 158 -32.56 38.89 -23.91
C PRO C 158 -31.32 38.06 -23.66
N ASN C 159 -31.37 36.80 -24.08
CA ASN C 159 -30.22 35.92 -24.09
C ASN C 159 -30.23 35.01 -25.32
N GLN C 160 -29.19 34.20 -25.44
CA GLN C 160 -28.90 33.40 -26.63
C GLN C 160 -29.77 32.16 -26.83
N GLN C 161 -30.51 31.76 -25.79
CA GLN C 161 -31.17 30.45 -25.75
C GLN C 161 -32.06 30.15 -26.97
N GLU C 162 -32.97 31.07 -27.30
CA GLU C 162 -33.86 30.83 -28.44
C GLU C 162 -33.12 30.77 -29.78
N ASP C 163 -32.09 31.61 -29.93
CA ASP C 163 -31.29 31.63 -31.15
C ASP C 163 -30.47 30.35 -31.35
N VAL C 164 -29.96 29.79 -30.24
CA VAL C 164 -29.22 28.53 -30.25
C VAL C 164 -30.14 27.37 -30.67
N LYS C 165 -31.38 27.39 -30.20
CA LYS C 165 -32.37 26.39 -30.56
C LYS C 165 -32.73 26.48 -32.06
N LYS C 166 -32.96 27.69 -32.55
CA LYS C 166 -33.26 27.93 -33.96
C LYS C 166 -32.11 27.48 -34.86
N LEU C 167 -30.88 27.86 -34.48
CA LEU C 167 -29.67 27.49 -35.24
C LEU C 167 -29.48 25.98 -35.37
N LYS C 168 -29.64 25.26 -34.28
CA LYS C 168 -29.56 23.79 -34.28
C LYS C 168 -30.65 23.18 -35.18
N GLU C 169 -31.86 23.74 -35.10
CA GLU C 169 -32.97 23.33 -35.96
C GLU C 169 -32.69 23.54 -37.45
N MET C 170 -32.21 24.73 -37.82
CA MET C 170 -31.89 25.05 -39.21
C MET C 170 -30.86 24.09 -39.79
N ALA C 171 -29.81 23.79 -39.01
CA ALA C 171 -28.77 22.85 -39.41
C ALA C 171 -29.26 21.40 -39.45
N GLU C 172 -30.15 21.03 -38.53
CA GLU C 172 -30.84 19.73 -38.54
C GLU C 172 -31.61 19.53 -39.84
N ARG C 173 -32.33 20.56 -40.27
CA ARG C 173 -33.13 20.53 -41.48
C ARG C 173 -32.29 20.77 -42.74
N GLY C 174 -31.00 21.02 -42.54
CA GLY C 174 -30.03 21.17 -43.63
C GLY C 174 -30.30 22.35 -44.54
N THR C 175 -30.72 23.48 -43.94
CA THR C 175 -30.99 24.70 -44.69
C THR C 175 -29.66 25.30 -45.15
N PRO C 176 -29.67 26.02 -46.30
CA PRO C 176 -28.41 26.62 -46.73
C PRO C 176 -27.89 27.62 -45.71
N VAL C 177 -26.57 27.73 -45.58
CA VAL C 177 -25.92 28.67 -44.65
C VAL C 177 -26.41 30.11 -44.84
N GLU C 178 -26.55 30.53 -46.10
CA GLU C 178 -26.96 31.91 -46.45
C GLU C 178 -28.34 32.24 -45.88
N GLU C 179 -29.10 31.20 -45.57
CA GLU C 179 -30.44 31.34 -45.01
C GLU C 179 -30.41 31.51 -43.48
N ARG C 180 -29.25 31.30 -42.87
CA ARG C 180 -29.12 31.36 -41.42
C ARG C 180 -28.60 32.73 -40.98
N VAL C 181 -29.46 33.75 -41.08
CA VAL C 181 -29.04 35.13 -40.84
C VAL C 181 -29.45 35.58 -39.44
N PHE C 182 -28.46 35.89 -38.62
CA PHE C 182 -28.71 36.42 -37.28
C PHE C 182 -28.37 37.91 -37.20
N GLY C 183 -27.28 38.27 -36.54
CA GLY C 183 -26.91 39.67 -36.37
C GLY C 183 -27.92 40.41 -35.51
N LYS C 184 -28.38 41.58 -35.99
CA LYS C 184 -29.30 42.45 -35.25
C LYS C 184 -30.58 41.73 -34.84
N GLY C 185 -31.01 41.95 -33.61
CA GLY C 185 -32.24 41.35 -33.08
C GLY C 185 -32.00 39.93 -32.62
N HIS C 186 -30.75 39.50 -32.66
CA HIS C 186 -30.34 38.17 -32.19
C HIS C 186 -29.15 38.28 -31.23
N TYR C 187 -28.92 37.22 -30.45
CA TYR C 187 -28.01 37.30 -29.29
C TYR C 187 -26.93 36.21 -29.26
N LEU C 188 -26.32 36.00 -30.41
CA LEU C 188 -25.21 35.08 -30.54
C LEU C 188 -23.92 35.88 -30.60
N ARG C 189 -23.08 35.72 -29.59
CA ARG C 189 -21.81 36.43 -29.51
C ARG C 189 -20.84 35.99 -30.63
N PRO C 190 -19.97 36.89 -31.08
CA PRO C 190 -18.94 36.50 -32.03
C PRO C 190 -17.69 35.96 -31.36
N SER C 191 -16.85 35.28 -32.13
CA SER C 191 -15.49 34.93 -31.69
C SER C 191 -14.64 36.20 -31.66
N PHE C 192 -13.52 36.13 -30.94
CA PHE C 192 -12.61 37.26 -30.86
C PHE C 192 -11.74 37.30 -32.12
N VAL C 193 -10.76 36.39 -32.19
CA VAL C 193 -9.84 36.30 -33.32
C VAL C 193 -10.26 35.06 -34.13
N GLN C 194 -10.71 35.28 -35.36
CA GLN C 194 -11.15 34.16 -36.20
C GLN C 194 -10.55 34.20 -37.60
N PHE C 195 -9.88 33.11 -37.98
CA PHE C 195 -9.41 32.87 -39.34
C PHE C 195 -10.29 31.80 -39.97
N TYR C 196 -11.04 32.19 -41.00
CA TYR C 196 -12.01 31.32 -41.63
C TYR C 196 -11.53 30.89 -43.00
N ARG C 197 -11.27 29.58 -43.16
CA ARG C 197 -10.69 29.01 -44.40
C ARG C 197 -9.43 29.78 -44.84
N CYS C 198 -8.48 29.93 -43.93
CA CYS C 198 -7.20 30.59 -44.21
C CYS C 198 -6.03 29.59 -44.28
N ARG C 199 -4.94 30.02 -44.88
CA ARG C 199 -3.72 29.22 -44.97
C ARG C 199 -2.54 30.09 -44.53
N ASN C 200 -1.59 29.49 -43.81
CA ASN C 200 -0.38 30.19 -43.35
C ASN C 200 -0.71 31.34 -42.40
N VAL C 201 -1.03 30.97 -41.16
CA VAL C 201 -1.50 31.90 -40.14
C VAL C 201 -0.52 31.88 -38.97
N LEU C 202 -0.22 33.05 -38.44
CA LEU C 202 0.60 33.18 -37.24
C LEU C 202 -0.05 34.10 -36.20
N VAL C 203 -0.19 33.58 -34.98
CA VAL C 203 -0.53 34.44 -33.85
C VAL C 203 0.55 34.28 -32.78
N GLU C 204 1.22 35.39 -32.46
CA GLU C 204 2.31 35.36 -31.49
C GLU C 204 2.40 36.60 -30.61
N GLY C 205 2.99 36.41 -29.43
CA GLY C 205 3.36 37.53 -28.57
C GLY C 205 2.25 38.16 -27.74
N VAL C 206 1.08 38.36 -28.35
CA VAL C 206 0.03 39.21 -27.78
C VAL C 206 -0.70 38.62 -26.55
N LYS C 207 -1.18 39.51 -25.69
CA LYS C 207 -2.05 39.14 -24.58
C LYS C 207 -3.52 39.42 -24.98
N ILE C 208 -4.40 38.45 -24.77
CA ILE C 208 -5.83 38.60 -25.07
C ILE C 208 -6.68 38.64 -23.78
N ILE C 209 -7.48 39.70 -23.64
CA ILE C 209 -8.30 39.91 -22.43
C ILE C 209 -9.75 40.29 -22.77
N ASN C 210 -10.65 40.11 -21.80
CA ASN C 210 -12.04 40.57 -21.93
C ASN C 210 -12.69 40.12 -23.24
N SER C 211 -12.62 38.81 -23.50
CA SER C 211 -13.12 38.27 -24.75
C SER C 211 -14.63 38.05 -24.68
N PRO C 212 -15.35 38.33 -25.79
CA PRO C 212 -16.80 38.09 -25.83
C PRO C 212 -17.16 36.62 -25.65
N MET C 213 -16.37 35.74 -26.26
CA MET C 213 -16.61 34.29 -26.22
C MET C 213 -15.29 33.54 -26.51
N TRP C 214 -15.24 32.69 -27.54
CA TRP C 214 -13.98 32.00 -27.86
C TRP C 214 -12.91 33.01 -28.29
N CYS C 215 -11.69 32.84 -27.78
CA CYS C 215 -10.61 33.80 -27.99
C CYS C 215 -9.93 33.68 -29.36
N ILE C 216 -9.34 32.52 -29.63
CA ILE C 216 -8.67 32.28 -30.92
C ILE C 216 -9.30 31.09 -31.58
N HIS C 217 -9.88 31.33 -32.75
CA HIS C 217 -10.78 30.36 -33.37
C HIS C 217 -10.44 30.23 -34.85
N PRO C 218 -9.40 29.43 -35.18
CA PRO C 218 -9.17 29.14 -36.58
C PRO C 218 -10.11 28.03 -37.05
N VAL C 219 -10.72 28.24 -38.21
CA VAL C 219 -11.73 27.35 -38.76
C VAL C 219 -11.32 26.94 -40.17
N LEU C 220 -11.35 25.63 -40.44
CA LEU C 220 -11.09 25.13 -41.81
C LEU C 220 -9.78 25.69 -42.37
N SER C 221 -8.77 25.79 -41.50
CA SER C 221 -7.53 26.45 -41.85
C SER C 221 -6.36 25.47 -41.80
N GLU C 222 -5.30 25.78 -42.54
CA GLU C 222 -4.15 24.89 -42.66
C GLU C 222 -2.86 25.68 -42.46
N ASN C 223 -1.89 25.06 -41.78
CA ASN C 223 -0.62 25.71 -41.40
C ASN C 223 -0.85 26.93 -40.49
N VAL C 224 -1.17 26.63 -39.23
CA VAL C 224 -1.47 27.64 -38.22
C VAL C 224 -0.48 27.54 -37.06
N ILE C 225 0.12 28.66 -36.69
CA ILE C 225 1.05 28.69 -35.57
C ILE C 225 0.56 29.69 -34.52
N ILE C 226 0.35 29.18 -33.31
CA ILE C 226 0.02 30.02 -32.16
C ILE C 226 1.14 29.85 -31.12
N ARG C 227 1.92 30.90 -30.89
CA ARG C 227 3.05 30.79 -29.96
CA ARG C 227 3.06 30.80 -29.97
C ARG C 227 3.25 32.04 -29.10
N ASN C 228 3.70 31.80 -27.86
CA ASN C 228 4.05 32.87 -26.93
CA ASN C 228 4.06 32.89 -26.95
C ASN C 228 2.96 33.93 -26.72
N ILE C 229 1.71 33.52 -26.78
CA ILE C 229 0.62 34.44 -26.46
C ILE C 229 0.17 34.17 -25.02
N GLU C 230 -0.56 35.14 -24.46
CA GLU C 230 -1.23 34.94 -23.19
C GLU C 230 -2.73 35.18 -23.34
N ILE C 231 -3.53 34.22 -22.89
CA ILE C 231 -4.99 34.36 -22.80
C ILE C 231 -5.34 34.54 -21.32
N SER C 232 -6.02 35.64 -21.02
CA SER C 232 -6.45 35.91 -19.65
C SER C 232 -7.86 36.46 -19.70
N SER C 233 -8.82 35.54 -19.74
CA SER C 233 -10.24 35.89 -19.88
C SER C 233 -11.10 34.75 -19.35
N THR C 234 -11.85 35.05 -18.30
CA THR C 234 -12.56 34.01 -17.55
C THR C 234 -14.08 34.18 -17.53
N GLY C 235 -14.64 34.76 -18.59
CA GLY C 235 -16.09 34.90 -18.72
C GLY C 235 -16.71 33.62 -19.26
N PRO C 236 -18.03 33.66 -19.53
CA PRO C 236 -18.76 32.48 -20.01
C PRO C 236 -18.34 32.07 -21.41
N ASN C 237 -17.96 30.81 -21.57
CA ASN C 237 -17.48 30.27 -22.84
C ASN C 237 -16.25 30.99 -23.38
N ASN C 238 -15.40 31.49 -22.48
CA ASN C 238 -14.11 32.06 -22.87
C ASN C 238 -13.09 30.94 -23.08
N ASP C 239 -13.29 30.11 -24.12
CA ASP C 239 -12.30 29.10 -24.53
C ASP C 239 -11.02 29.82 -24.97
N GLY C 240 -9.89 29.15 -24.81
CA GLY C 240 -8.58 29.74 -25.15
C GLY C 240 -8.34 29.68 -26.65
N ILE C 241 -8.09 28.47 -27.16
CA ILE C 241 -7.88 28.26 -28.58
C ILE C 241 -8.76 27.12 -29.03
N ASP C 242 -9.56 27.37 -30.06
CA ASP C 242 -10.45 26.34 -30.62
C ASP C 242 -10.08 25.99 -32.06
N PRO C 243 -9.14 25.03 -32.26
CA PRO C 243 -8.90 24.65 -33.66
C PRO C 243 -10.09 23.84 -34.19
N GLU C 244 -10.76 24.36 -35.21
CA GLU C 244 -11.97 23.72 -35.70
C GLU C 244 -11.85 23.33 -37.17
N SER C 245 -11.86 22.03 -37.43
CA SER C 245 -11.58 21.49 -38.76
C SER C 245 -10.29 22.06 -39.34
N CYS C 246 -9.23 22.08 -38.54
CA CYS C 246 -7.93 22.58 -38.97
C CYS C 246 -6.94 21.45 -39.15
N LYS C 247 -5.94 21.68 -40.00
CA LYS C 247 -4.90 20.70 -40.31
C LYS C 247 -3.53 21.36 -40.27
N TYR C 248 -2.58 20.69 -39.59
CA TYR C 248 -1.20 21.19 -39.42
C TYR C 248 -1.16 22.46 -38.60
N MET C 249 -1.16 22.29 -37.28
CA MET C 249 -1.21 23.42 -36.38
C MET C 249 -0.31 23.20 -35.18
N LEU C 250 0.43 24.24 -34.84
CA LEU C 250 1.33 24.22 -33.70
C LEU C 250 0.90 25.27 -32.66
N ILE C 251 0.72 24.80 -31.43
CA ILE C 251 0.42 25.67 -30.28
C ILE C 251 1.54 25.44 -29.27
N GLU C 252 2.37 26.45 -29.03
CA GLU C 252 3.50 26.27 -28.13
C GLU C 252 3.80 27.53 -27.31
N LYS C 253 4.36 27.30 -26.11
CA LYS C 253 4.84 28.37 -25.24
C LYS C 253 3.78 29.42 -24.88
N CYS C 254 2.53 28.99 -24.77
CA CYS C 254 1.42 29.88 -24.43
C CYS C 254 1.02 29.76 -22.94
N ARG C 255 0.47 30.85 -22.43
CA ARG C 255 0.00 30.94 -21.06
C ARG C 255 -1.52 31.09 -21.09
N PHE C 256 -2.24 30.26 -20.34
CA PHE C 256 -3.71 30.28 -20.38
C PHE C 256 -4.33 30.48 -19.00
N ASP C 257 -5.35 31.34 -18.97
CA ASP C 257 -6.31 31.42 -17.87
C ASP C 257 -7.66 31.66 -18.54
N THR C 258 -8.48 30.61 -18.60
CA THR C 258 -9.72 30.63 -19.41
C THR C 258 -10.98 30.38 -18.58
N GLY C 259 -12.11 30.93 -19.05
CA GLY C 259 -13.40 30.72 -18.41
C GLY C 259 -14.05 29.40 -18.77
N ASP C 260 -13.47 28.70 -19.75
CA ASP C 260 -13.99 27.42 -20.22
C ASP C 260 -12.79 26.55 -20.66
N ASP C 261 -12.96 25.64 -21.60
CA ASP C 261 -11.85 24.79 -22.06
C ASP C 261 -10.66 25.63 -22.55
N SER C 262 -9.43 25.21 -22.26
CA SER C 262 -8.24 26.01 -22.62
C SER C 262 -7.80 25.82 -24.07
N VAL C 263 -7.46 24.58 -24.43
CA VAL C 263 -7.18 24.20 -25.82
C VAL C 263 -8.23 23.16 -26.17
N VAL C 264 -9.07 23.46 -27.16
CA VAL C 264 -10.24 22.63 -27.46
C VAL C 264 -10.34 22.33 -28.93
N ILE C 265 -10.19 21.06 -29.29
CA ILE C 265 -10.13 20.67 -30.68
C ILE C 265 -11.50 20.20 -31.19
N LYS C 266 -11.93 20.84 -32.28
CA LYS C 266 -13.28 20.71 -32.79
C LYS C 266 -13.31 20.48 -34.30
N SER C 267 -14.50 20.21 -34.83
CA SER C 267 -14.69 20.04 -36.28
C SER C 267 -16.17 20.09 -36.68
N GLY C 268 -16.93 21.02 -36.09
CA GLY C 268 -18.37 21.14 -36.40
C GLY C 268 -19.29 20.26 -35.56
N ARG C 269 -20.57 20.63 -35.52
CA ARG C 269 -21.56 20.00 -34.64
C ARG C 269 -22.65 19.30 -35.42
N ASP C 270 -22.93 18.04 -35.06
CA ASP C 270 -24.05 17.27 -35.62
C ASP C 270 -24.15 17.30 -37.16
N ALA C 271 -25.35 17.52 -37.69
CA ALA C 271 -25.58 17.51 -39.15
C ALA C 271 -24.63 18.43 -39.94
N ASP C 272 -24.48 19.67 -39.48
CA ASP C 272 -23.60 20.64 -40.14
C ASP C 272 -22.16 20.17 -40.17
N GLY C 273 -21.67 19.64 -39.05
CA GLY C 273 -20.33 19.10 -38.97
C GLY C 273 -20.10 17.91 -39.89
N ARG C 274 -21.11 17.02 -39.95
CA ARG C 274 -21.08 15.88 -40.87
C ARG C 274 -21.21 16.33 -42.33
N ARG C 275 -21.94 17.42 -42.57
CA ARG C 275 -22.09 17.98 -43.93
C ARG C 275 -20.72 18.41 -44.46
N ILE C 276 -20.01 19.22 -43.68
CA ILE C 276 -18.71 19.72 -44.07
C ILE C 276 -17.66 18.59 -44.13
N GLY C 277 -17.72 17.69 -43.14
CA GLY C 277 -16.96 16.45 -43.18
C GLY C 277 -15.45 16.63 -43.16
N VAL C 278 -14.97 17.68 -42.50
CA VAL C 278 -13.54 17.97 -42.43
C VAL C 278 -13.03 17.81 -41.01
N PRO C 279 -12.11 16.85 -40.81
CA PRO C 279 -11.56 16.64 -39.46
C PRO C 279 -10.52 17.69 -39.08
N SER C 280 -10.33 17.88 -37.78
CA SER C 280 -9.10 18.48 -37.23
C SER C 280 -8.10 17.34 -37.08
N GLU C 281 -6.90 17.56 -37.59
CA GLU C 281 -5.85 16.53 -37.59
C GLU C 281 -4.47 17.17 -37.62
N TYR C 282 -3.49 16.43 -37.11
CA TYR C 282 -2.10 16.88 -37.07
C TYR C 282 -1.97 18.22 -36.34
N ILE C 283 -2.35 18.19 -35.07
CA ILE C 283 -2.24 19.34 -34.16
C ILE C 283 -1.22 19.00 -33.08
N LEU C 284 -0.23 19.89 -32.90
CA LEU C 284 0.80 19.74 -31.88
C LEU C 284 0.65 20.83 -30.82
N VAL C 285 0.48 20.40 -29.57
CA VAL C 285 0.27 21.31 -28.43
C VAL C 285 1.38 21.03 -27.40
N ARG C 286 2.35 21.92 -27.27
CA ARG C 286 3.56 21.60 -26.51
C ARG C 286 4.11 22.77 -25.74
N ASP C 287 4.71 22.48 -24.58
CA ASP C 287 5.40 23.50 -23.78
C ASP C 287 4.52 24.67 -23.36
N ASN C 288 3.24 24.39 -23.10
CA ASN C 288 2.28 25.42 -22.68
C ASN C 288 2.08 25.42 -21.17
N LEU C 289 1.58 26.53 -20.64
CA LEU C 289 1.32 26.65 -19.21
C LEU C 289 -0.12 27.10 -18.94
N VAL C 290 -0.92 26.24 -18.30
CA VAL C 290 -2.27 26.63 -17.89
C VAL C 290 -2.32 26.81 -16.37
N ILE C 291 -2.63 28.02 -15.92
CA ILE C 291 -2.79 28.29 -14.49
C ILE C 291 -4.16 28.94 -14.36
N SER C 292 -5.15 28.12 -14.01
CA SER C 292 -6.53 28.52 -14.22
C SER C 292 -7.49 27.62 -13.45
N GLN C 293 -7.98 28.13 -12.32
CA GLN C 293 -9.04 27.48 -11.56
C GLN C 293 -10.35 27.43 -12.37
N ALA C 294 -10.57 28.45 -13.20
CA ALA C 294 -11.77 28.53 -14.03
C ALA C 294 -11.76 27.62 -15.27
N SER C 295 -10.59 27.16 -15.72
CA SER C 295 -10.54 26.30 -16.91
C SER C 295 -11.30 24.98 -16.74
N HIS C 296 -12.09 24.62 -17.74
CA HIS C 296 -12.84 23.35 -17.74
C HIS C 296 -12.04 22.15 -18.26
N GLY C 297 -10.87 22.42 -18.83
CA GLY C 297 -10.01 21.38 -19.37
C GLY C 297 -8.74 21.91 -19.96
N GLY C 298 -7.63 21.22 -19.70
CA GLY C 298 -6.32 21.61 -20.24
C GLY C 298 -6.22 21.33 -21.73
N LEU C 299 -6.34 20.05 -22.09
CA LEU C 299 -6.51 19.63 -23.48
C LEU C 299 -7.88 18.98 -23.66
N VAL C 300 -8.66 19.52 -24.59
CA VAL C 300 -10.06 19.08 -24.77
C VAL C 300 -10.37 18.75 -26.22
N ILE C 301 -11.07 17.64 -26.43
CA ILE C 301 -11.55 17.28 -27.76
C ILE C 301 -13.08 17.26 -27.69
N GLY C 302 -13.74 17.94 -28.64
CA GLY C 302 -15.21 17.98 -28.66
C GLY C 302 -15.78 19.16 -27.88
N SER C 303 -17.10 19.19 -27.66
CA SER C 303 -18.04 18.15 -28.07
C SER C 303 -18.35 18.20 -29.55
N GLU C 304 -18.07 19.35 -30.17
CA GLU C 304 -18.33 19.52 -31.59
C GLU C 304 -17.19 18.86 -32.38
N MET C 305 -17.30 17.55 -32.58
CA MET C 305 -16.27 16.76 -33.26
C MET C 305 -16.83 15.89 -34.39
N SER C 306 -17.99 16.30 -34.92
CA SER C 306 -18.71 15.54 -35.94
C SER C 306 -17.95 15.37 -37.26
N GLY C 307 -16.96 16.22 -37.52
CA GLY C 307 -16.11 16.09 -38.71
C GLY C 307 -14.93 15.16 -38.45
N GLY C 308 -14.77 14.76 -37.20
CA GLY C 308 -13.67 13.90 -36.81
C GLY C 308 -12.53 14.67 -36.18
N VAL C 309 -11.84 14.04 -35.24
CA VAL C 309 -10.57 14.55 -34.72
C VAL C 309 -9.59 13.37 -34.57
N ARG C 310 -8.40 13.52 -35.14
CA ARG C 310 -7.37 12.47 -35.05
C ARG C 310 -5.97 13.06 -35.12
N ASN C 311 -4.99 12.28 -34.68
CA ASN C 311 -3.56 12.65 -34.78
C ASN C 311 -3.25 13.97 -34.08
N VAL C 312 -3.44 13.95 -32.77
CA VAL C 312 -3.24 15.10 -31.91
C VAL C 312 -2.20 14.71 -30.87
N VAL C 313 -1.13 15.50 -30.76
CA VAL C 313 -0.10 15.26 -29.74
C VAL C 313 -0.04 16.46 -28.79
N ALA C 314 -0.27 16.20 -27.51
CA ALA C 314 -0.11 17.20 -26.46
C ALA C 314 0.99 16.73 -25.54
N ARG C 315 2.11 17.46 -25.54
CA ARG C 315 3.34 17.00 -24.93
C ARG C 315 4.05 18.11 -24.13
N ASN C 316 4.57 17.75 -22.95
CA ASN C 316 5.37 18.68 -22.13
C ASN C 316 4.64 19.97 -21.74
N ASN C 317 3.36 19.82 -21.38
CA ASN C 317 2.55 20.94 -20.91
C ASN C 317 2.40 20.88 -19.38
N VAL C 318 2.12 22.03 -18.78
CA VAL C 318 1.88 22.09 -17.34
C VAL C 318 0.49 22.65 -17.13
N TYR C 319 -0.33 21.92 -16.38
CA TYR C 319 -1.69 22.34 -16.05
C TYR C 319 -1.80 22.53 -14.52
N MET C 320 -2.27 23.70 -14.10
CA MET C 320 -2.41 24.03 -12.69
C MET C 320 -3.81 24.50 -12.36
N ASN C 321 -4.42 23.85 -11.38
CA ASN C 321 -5.72 24.24 -10.80
C ASN C 321 -6.94 23.99 -11.68
N VAL C 322 -6.72 23.47 -12.88
CA VAL C 322 -7.78 23.17 -13.85
C VAL C 322 -8.81 22.17 -13.34
N GLU C 323 -10.00 22.20 -13.93
CA GLU C 323 -11.02 21.21 -13.61
C GLU C 323 -10.63 19.84 -14.13
N ARG C 324 -10.06 19.79 -15.34
CA ARG C 324 -9.70 18.54 -16.00
C ARG C 324 -8.38 18.71 -16.77
N ALA C 325 -7.57 17.67 -16.81
CA ALA C 325 -6.32 17.73 -17.58
C ALA C 325 -6.61 17.35 -19.03
N LEU C 326 -7.14 16.15 -19.24
CA LEU C 326 -7.52 15.67 -20.56
C LEU C 326 -9.00 15.36 -20.60
N ARG C 327 -9.71 15.93 -21.58
CA ARG C 327 -11.16 15.75 -21.66
C ARG C 327 -11.65 15.47 -23.08
N LEU C 328 -12.36 14.35 -23.26
CA LEU C 328 -12.99 14.04 -24.53
C LEU C 328 -14.48 13.94 -24.31
N LYS C 329 -15.25 14.72 -25.05
CA LYS C 329 -16.70 14.74 -24.87
C LYS C 329 -17.41 14.65 -26.20
N THR C 330 -18.47 13.82 -26.20
CA THR C 330 -19.26 13.58 -27.39
C THR C 330 -20.58 12.93 -26.98
N ASN C 331 -21.47 12.72 -27.96
CA ASN C 331 -22.72 11.96 -27.73
C ASN C 331 -23.21 11.31 -29.02
N SER C 332 -24.35 10.62 -28.96
CA SER C 332 -24.86 9.91 -30.13
C SER C 332 -25.63 10.80 -31.13
N ARG C 333 -25.60 12.12 -30.93
CA ARG C 333 -26.10 13.06 -31.94
C ARG C 333 -24.97 13.45 -32.87
N ARG C 334 -23.74 13.35 -32.36
CA ARG C 334 -22.57 13.90 -33.06
C ARG C 334 -22.09 13.10 -34.25
N GLY C 335 -22.06 11.78 -34.13
CA GLY C 335 -21.36 10.95 -35.11
C GLY C 335 -19.88 11.29 -35.05
N GLY C 336 -19.17 11.09 -36.16
CA GLY C 336 -17.75 11.42 -36.23
C GLY C 336 -16.89 10.48 -35.41
N TYR C 337 -15.72 10.97 -35.02
CA TYR C 337 -14.72 10.15 -34.34
C TYR C 337 -13.70 11.00 -33.62
N MET C 338 -13.10 10.41 -32.59
CA MET C 338 -11.93 10.95 -31.91
C MET C 338 -10.98 9.76 -31.75
N GLU C 339 -9.82 9.84 -32.38
CA GLU C 339 -8.86 8.73 -32.30
C GLU C 339 -7.41 9.22 -32.42
N ASN C 340 -6.47 8.40 -31.98
CA ASN C 340 -5.04 8.74 -32.01
C ASN C 340 -4.75 10.09 -31.34
N ILE C 341 -5.15 10.15 -30.07
CA ILE C 341 -4.95 11.29 -29.21
C ILE C 341 -3.89 10.92 -28.18
N PHE C 342 -2.78 11.65 -28.21
CA PHE C 342 -1.61 11.38 -27.38
C PHE C 342 -1.41 12.52 -26.38
N PHE C 343 -1.29 12.15 -25.10
CA PHE C 343 -1.22 13.09 -23.99
C PHE C 343 0.01 12.66 -23.18
N ILE C 344 1.15 13.27 -23.49
CA ILE C 344 2.46 12.71 -23.18
C ILE C 344 3.35 13.68 -22.43
N ASP C 345 4.07 13.18 -21.43
CA ASP C 345 5.01 13.99 -20.62
C ASP C 345 4.39 15.29 -20.06
N ASN C 346 3.12 15.22 -19.67
CA ASN C 346 2.42 16.38 -19.09
C ASN C 346 2.43 16.36 -17.56
N VAL C 347 2.16 17.52 -16.98
CA VAL C 347 2.01 17.64 -15.53
C VAL C 347 0.71 18.38 -15.26
N ALA C 348 -0.16 17.78 -14.45
CA ALA C 348 -1.42 18.44 -14.10
C ALA C 348 -1.64 18.38 -12.61
N VAL C 349 -1.62 19.54 -11.95
CA VAL C 349 -1.68 19.58 -10.48
C VAL C 349 -2.86 20.36 -9.94
N ASN C 350 -3.31 19.95 -8.75
CA ASN C 350 -4.48 20.51 -8.08
C ASN C 350 -5.73 20.47 -8.99
N VAL C 351 -5.90 19.36 -9.70
CA VAL C 351 -7.05 19.13 -10.57
C VAL C 351 -8.28 19.02 -9.69
N SER C 352 -9.38 19.64 -10.08
CA SER C 352 -10.57 19.69 -9.21
C SER C 352 -11.63 18.65 -9.52
N GLU C 353 -11.82 18.29 -10.79
CA GLU C 353 -12.86 17.34 -11.15
C GLU C 353 -12.28 15.98 -11.54
N GLU C 354 -11.85 15.83 -12.79
CA GLU C 354 -11.29 14.57 -13.28
C GLU C 354 -9.97 14.83 -13.97
N VAL C 355 -8.93 14.06 -13.64
CA VAL C 355 -7.65 14.18 -14.34
C VAL C 355 -7.84 13.80 -15.81
N ILE C 356 -8.42 12.62 -16.05
CA ILE C 356 -8.70 12.13 -17.38
C ILE C 356 -10.19 11.80 -17.48
N ARG C 357 -10.87 12.44 -18.43
CA ARG C 357 -12.30 12.24 -18.63
C ARG C 357 -12.61 11.92 -20.11
N ILE C 358 -13.29 10.80 -20.32
CA ILE C 358 -13.86 10.52 -21.63
C ILE C 358 -15.35 10.29 -21.42
N ASN C 359 -16.16 11.12 -22.07
CA ASN C 359 -17.61 11.08 -21.87
C ASN C 359 -18.37 10.99 -23.19
N LEU C 360 -19.13 9.91 -23.36
CA LEU C 360 -19.95 9.73 -24.57
C LEU C 360 -21.41 10.07 -24.35
N ARG C 361 -21.70 10.75 -23.24
CA ARG C 361 -23.06 11.16 -22.90
C ARG C 361 -23.19 12.67 -22.71
N TYR C 362 -22.35 13.44 -23.40
CA TYR C 362 -22.34 14.90 -23.28
C TYR C 362 -23.73 15.49 -23.37
N ASP C 363 -24.05 16.35 -22.42
CA ASP C 363 -25.33 17.09 -22.38
C ASP C 363 -26.56 16.19 -22.28
N ASN C 364 -26.33 14.90 -22.04
CA ASN C 364 -27.39 13.88 -22.03
C ASN C 364 -28.25 13.84 -23.32
N GLU C 365 -27.65 14.25 -24.44
CA GLU C 365 -28.34 14.24 -25.73
C GLU C 365 -28.14 12.91 -26.43
N GLU C 366 -29.17 12.43 -27.10
CA GLU C 366 -29.10 11.17 -27.84
C GLU C 366 -29.60 11.32 -29.27
N GLY C 367 -29.12 10.44 -30.15
CA GLY C 367 -29.55 10.39 -31.54
C GLY C 367 -29.09 9.10 -32.19
N GLU C 368 -28.96 9.10 -33.51
CA GLU C 368 -28.62 7.88 -34.26
C GLU C 368 -27.26 7.91 -34.94
N TYR C 369 -26.31 8.63 -34.37
CA TYR C 369 -24.97 8.72 -34.96
C TYR C 369 -23.91 8.45 -33.88
N LEU C 370 -23.61 7.17 -33.70
CA LEU C 370 -22.68 6.71 -32.66
C LEU C 370 -21.24 7.12 -33.00
N PRO C 371 -20.60 7.91 -32.11
CA PRO C 371 -19.22 8.35 -32.33
C PRO C 371 -18.20 7.23 -32.10
N VAL C 372 -17.16 7.21 -32.93
CA VAL C 372 -16.04 6.29 -32.72
C VAL C 372 -15.02 6.99 -31.84
N VAL C 373 -14.78 6.42 -30.66
CA VAL C 373 -13.80 6.98 -29.73
C VAL C 373 -12.86 5.85 -29.36
N ARG C 374 -11.59 5.98 -29.77
CA ARG C 374 -10.61 4.90 -29.59
C ARG C 374 -9.20 5.47 -29.65
N SER C 375 -8.23 4.66 -29.21
CA SER C 375 -6.81 4.96 -29.35
C SER C 375 -6.43 6.28 -28.70
N VAL C 376 -6.51 6.30 -27.38
CA VAL C 376 -6.16 7.48 -26.60
C VAL C 376 -5.04 7.01 -25.68
N PHE C 377 -3.94 7.76 -25.69
CA PHE C 377 -2.71 7.33 -25.05
C PHE C 377 -2.19 8.38 -24.09
N VAL C 378 -2.05 7.97 -22.83
CA VAL C 378 -1.52 8.82 -21.78
C VAL C 378 -0.24 8.17 -21.30
N LYS C 379 0.87 8.90 -21.40
CA LYS C 379 2.15 8.36 -20.96
C LYS C 379 2.95 9.40 -20.22
N ASN C 380 3.60 8.96 -19.14
CA ASN C 380 4.44 9.83 -18.31
C ASN C 380 3.69 11.10 -17.84
N LEU C 381 2.49 10.91 -17.33
CA LEU C 381 1.75 11.98 -16.66
C LEU C 381 2.07 11.95 -15.18
N LYS C 382 2.36 13.12 -14.64
CA LYS C 382 2.43 13.30 -13.18
C LYS C 382 1.24 14.19 -12.84
N ALA C 383 0.35 13.69 -12.00
CA ALA C 383 -0.86 14.45 -11.70
C ALA C 383 -1.25 14.40 -10.23
N THR C 384 -2.04 15.39 -9.83
CA THR C 384 -2.41 15.56 -8.46
C THR C 384 -3.86 16.06 -8.37
N GLY C 385 -4.65 15.45 -7.49
CA GLY C 385 -5.98 15.94 -7.16
C GLY C 385 -7.10 15.34 -7.96
N GLY C 386 -8.32 15.63 -7.53
CA GLY C 386 -9.50 15.30 -8.31
C GLY C 386 -10.53 14.44 -7.62
N LYS C 387 -11.77 14.56 -8.08
CA LYS C 387 -12.82 13.64 -7.67
C LYS C 387 -12.60 12.27 -8.35
N TYR C 388 -12.04 12.28 -9.55
CA TYR C 388 -11.68 11.07 -10.30
C TYR C 388 -10.30 11.22 -10.93
N ALA C 389 -9.48 10.17 -10.85
CA ALA C 389 -8.25 10.14 -11.65
C ALA C 389 -8.63 9.84 -13.11
N VAL C 390 -9.43 8.78 -13.28
CA VAL C 390 -9.81 8.30 -14.59
C VAL C 390 -11.32 8.07 -14.63
N ARG C 391 -12.01 8.77 -15.52
CA ARG C 391 -13.46 8.60 -15.67
C ARG C 391 -13.82 8.41 -17.14
N ILE C 392 -14.20 7.19 -17.48
CA ILE C 392 -14.42 6.81 -18.88
C ILE C 392 -15.78 6.17 -19.03
N GLU C 393 -16.65 6.83 -19.80
CA GLU C 393 -18.01 6.34 -19.96
C GLU C 393 -18.44 6.29 -21.42
N GLY C 394 -18.59 5.07 -21.92
CA GLY C 394 -19.09 4.82 -23.26
C GLY C 394 -20.57 4.49 -23.23
N LEU C 395 -21.01 3.77 -24.24
CA LEU C 395 -22.41 3.40 -24.40
C LEU C 395 -22.47 1.89 -24.57
N GLU C 396 -23.61 1.30 -24.24
CA GLU C 396 -23.77 -0.16 -24.31
C GLU C 396 -23.50 -0.71 -25.73
N ASN C 397 -23.86 0.08 -26.73
CA ASN C 397 -23.67 -0.29 -28.12
C ASN C 397 -22.55 0.51 -28.80
N ASP C 398 -21.61 1.02 -28.00
CA ASP C 398 -20.52 1.86 -28.50
C ASP C 398 -19.47 2.07 -27.41
N TYR C 399 -18.68 1.03 -27.17
CA TYR C 399 -17.62 1.06 -26.17
C TYR C 399 -16.54 2.07 -26.52
N VAL C 400 -15.99 2.71 -25.50
CA VAL C 400 -14.73 3.44 -25.64
C VAL C 400 -13.62 2.40 -25.77
N LYS C 401 -12.84 2.48 -26.84
CA LYS C 401 -11.88 1.40 -27.14
C LYS C 401 -10.43 1.83 -27.08
N ASP C 402 -9.53 0.87 -26.78
CA ASP C 402 -8.07 1.04 -26.88
C ASP C 402 -7.56 2.31 -26.16
N ILE C 403 -7.91 2.41 -24.87
CA ILE C 403 -7.38 3.47 -24.02
C ILE C 403 -6.21 2.93 -23.21
N LEU C 404 -5.05 3.58 -23.33
CA LEU C 404 -3.87 3.12 -22.61
C LEU C 404 -3.18 4.22 -21.78
N ILE C 405 -2.96 3.92 -20.51
CA ILE C 405 -2.29 4.82 -19.59
C ILE C 405 -1.03 4.11 -19.09
N SER C 406 0.11 4.76 -19.23
CA SER C 406 1.35 4.12 -18.81
C SER C 406 2.38 5.06 -18.19
N ASP C 407 3.26 4.50 -17.36
CA ASP C 407 4.32 5.22 -16.67
C ASP C 407 3.79 6.51 -16.01
N THR C 408 2.68 6.37 -15.29
CA THR C 408 1.93 7.52 -14.78
C THR C 408 1.71 7.44 -13.28
N ILE C 409 1.74 8.61 -12.64
CA ILE C 409 1.46 8.74 -11.21
C ILE C 409 0.39 9.81 -10.97
N ILE C 410 -0.71 9.40 -10.35
CA ILE C 410 -1.79 10.32 -9.99
C ILE C 410 -2.01 10.22 -8.48
N GLU C 411 -1.80 11.32 -7.76
CA GLU C 411 -1.91 11.32 -6.30
C GLU C 411 -3.10 12.15 -5.86
N GLY C 412 -3.78 11.67 -4.82
CA GLY C 412 -4.84 12.44 -4.17
C GLY C 412 -6.18 12.49 -4.85
N ALA C 413 -6.41 11.64 -5.85
CA ALA C 413 -7.74 11.55 -6.46
C ALA C 413 -8.66 10.67 -5.59
N LYS C 414 -9.91 11.09 -5.41
CA LYS C 414 -10.82 10.35 -4.54
C LYS C 414 -11.19 8.97 -5.10
N ILE C 415 -11.60 8.94 -6.36
CA ILE C 415 -11.89 7.70 -7.08
C ILE C 415 -10.79 7.49 -8.13
N SER C 416 -10.19 6.30 -8.13
CA SER C 416 -9.12 5.99 -9.09
C SER C 416 -9.65 5.78 -10.51
N VAL C 417 -10.62 4.88 -10.64
CA VAL C 417 -11.17 4.54 -11.95
C VAL C 417 -12.69 4.40 -11.86
N LEU C 418 -13.40 5.14 -12.70
CA LEU C 418 -14.78 4.84 -13.04
C LEU C 418 -14.82 4.49 -14.53
N LEU C 419 -15.17 3.24 -14.83
CA LEU C 419 -15.25 2.78 -16.21
C LEU C 419 -16.62 2.16 -16.46
N GLU C 420 -17.29 2.62 -17.52
CA GLU C 420 -18.55 2.02 -17.94
C GLU C 420 -18.58 1.92 -19.46
N PHE C 421 -18.69 0.70 -19.96
CA PHE C 421 -18.69 0.42 -21.41
C PHE C 421 -17.41 0.95 -22.07
N GLY C 422 -16.28 0.40 -21.63
CA GLY C 422 -15.00 0.79 -22.19
C GLY C 422 -13.95 -0.29 -22.02
N GLN C 423 -12.84 -0.11 -22.71
CA GLN C 423 -11.69 -0.96 -22.50
C GLN C 423 -10.48 -0.09 -22.14
N LEU C 424 -9.86 -0.45 -21.02
CA LEU C 424 -8.80 0.34 -20.40
C LEU C 424 -7.59 -0.54 -20.13
N GLY C 425 -6.42 -0.08 -20.58
CA GLY C 425 -5.16 -0.68 -20.21
C GLY C 425 -4.35 0.29 -19.37
N MET C 426 -3.71 -0.23 -18.32
CA MET C 426 -2.74 0.56 -17.54
C MET C 426 -1.44 -0.23 -17.36
N GLU C 427 -0.32 0.43 -17.59
CA GLU C 427 1.00 -0.22 -17.45
C GLU C 427 1.93 0.67 -16.64
N ASN C 428 2.42 0.16 -15.53
CA ASN C 428 3.26 0.94 -14.60
C ASN C 428 2.59 2.27 -14.17
N VAL C 429 1.41 2.15 -13.57
CA VAL C 429 0.64 3.29 -13.10
C VAL C 429 0.49 3.22 -11.59
N ILE C 430 0.67 4.36 -10.93
CA ILE C 430 0.53 4.47 -9.48
C ILE C 430 -0.62 5.43 -9.15
N MET C 431 -1.58 4.96 -8.36
CA MET C 431 -2.72 5.77 -7.92
C MET C 431 -2.96 5.63 -6.42
N ASN C 432 -2.56 6.64 -5.66
CA ASN C 432 -2.62 6.60 -4.19
C ASN C 432 -2.01 5.35 -3.59
N GLY C 433 -2.82 4.59 -2.85
CA GLY C 433 -2.38 3.33 -2.24
C GLY C 433 -2.59 2.10 -3.13
N SER C 434 -2.64 2.33 -4.45
CA SER C 434 -2.75 1.26 -5.44
C SER C 434 -1.68 1.43 -6.51
N ARG C 435 -1.01 0.33 -6.86
CA ARG C 435 -0.07 0.34 -7.98
C ARG C 435 -0.36 -0.78 -8.97
N PHE C 436 -0.30 -0.45 -10.26
CA PHE C 436 -0.63 -1.40 -11.31
C PHE C 436 0.57 -1.64 -12.23
N GLU C 437 1.18 -2.81 -12.13
CA GLU C 437 2.21 -3.18 -13.10
C GLU C 437 1.54 -3.34 -14.47
N LYS C 438 0.50 -4.16 -14.52
CA LYS C 438 -0.29 -4.32 -15.73
C LYS C 438 -1.75 -4.53 -15.36
N LEU C 439 -2.61 -3.61 -15.81
CA LEU C 439 -4.05 -3.76 -15.64
C LEU C 439 -4.71 -3.70 -17.01
N TYR C 440 -5.63 -4.64 -17.26
CA TYR C 440 -6.52 -4.56 -18.40
C TYR C 440 -7.96 -4.87 -17.97
N ILE C 441 -8.90 -4.02 -18.37
CA ILE C 441 -10.31 -4.24 -18.08
C ILE C 441 -11.16 -3.92 -19.31
N GLU C 442 -12.11 -4.80 -19.61
CA GLU C 442 -13.16 -4.52 -20.59
C GLU C 442 -14.55 -4.77 -19.97
N GLY C 443 -15.38 -3.73 -20.00
CA GLY C 443 -16.72 -3.79 -19.42
C GLY C 443 -16.97 -2.61 -18.49
N LYS C 444 -17.15 -2.90 -17.20
CA LYS C 444 -17.48 -1.90 -16.19
C LYS C 444 -16.61 -2.11 -14.94
N ALA C 445 -16.16 -1.01 -14.34
CA ALA C 445 -15.33 -1.08 -13.14
C ALA C 445 -15.39 0.18 -12.30
N LEU C 446 -15.27 -0.01 -10.99
CA LEU C 446 -15.08 1.09 -10.06
C LEU C 446 -13.91 0.71 -9.14
N LEU C 447 -12.86 1.52 -9.18
CA LEU C 447 -11.69 1.34 -8.33
C LEU C 447 -11.49 2.57 -7.44
N LYS C 448 -11.52 2.37 -6.13
CA LYS C 448 -11.12 3.43 -5.21
C LYS C 448 -10.41 2.90 -3.98
N MET D 3 -23.04 -6.04 12.43
CA MET D 3 -24.14 -6.24 11.44
C MET D 3 -24.60 -7.70 11.47
N GLU D 4 -25.88 -7.92 11.19
CA GLU D 4 -26.45 -9.27 11.07
C GLU D 4 -25.93 -9.96 9.79
N GLU D 5 -25.13 -11.02 9.97
CA GLU D 5 -24.54 -11.76 8.85
C GLU D 5 -25.30 -13.05 8.55
N LEU D 6 -25.60 -13.26 7.27
CA LEU D 6 -26.27 -14.49 6.82
C LEU D 6 -25.44 -15.75 7.12
N ALA D 7 -24.12 -15.64 7.00
CA ALA D 7 -23.23 -16.77 7.27
C ALA D 7 -23.42 -17.32 8.68
N LYS D 8 -23.60 -16.42 9.65
CA LYS D 8 -23.87 -16.80 11.03
C LYS D 8 -25.21 -17.54 11.15
N LYS D 9 -26.25 -17.00 10.48
CA LYS D 9 -27.58 -17.64 10.49
C LYS D 9 -27.57 -19.03 9.88
N ILE D 10 -26.79 -19.22 8.82
CA ILE D 10 -26.67 -20.54 8.21
C ILE D 10 -25.95 -21.52 9.14
N GLU D 11 -24.84 -21.08 9.75
CA GLU D 11 -24.12 -21.90 10.73
C GLU D 11 -25.01 -22.31 11.91
N GLU D 12 -25.87 -21.39 12.35
CA GLU D 12 -26.86 -21.64 13.39
C GLU D 12 -27.79 -22.78 12.99
N GLU D 13 -28.36 -22.63 11.80
CA GLU D 13 -29.31 -23.59 11.24
C GLU D 13 -28.70 -24.99 11.13
N ILE D 14 -27.46 -25.08 10.64
CA ILE D 14 -26.74 -26.35 10.58
C ILE D 14 -26.58 -26.96 11.98
N LEU D 15 -26.06 -26.17 12.92
CA LEU D 15 -25.87 -26.65 14.30
C LEU D 15 -27.18 -27.07 14.99
N ASN D 16 -28.29 -26.50 14.56
CA ASN D 16 -29.60 -26.87 15.12
C ASN D 16 -30.11 -28.23 14.64
N HIS D 17 -29.56 -28.74 13.54
CA HIS D 17 -30.02 -30.01 12.98
C HIS D 17 -28.90 -31.06 12.90
N VAL D 18 -27.87 -30.85 13.70
CA VAL D 18 -26.75 -31.77 13.79
C VAL D 18 -26.63 -32.29 15.22
N ARG D 19 -26.61 -33.60 15.38
CA ARG D 19 -26.33 -34.22 16.69
C ARG D 19 -25.78 -35.62 16.60
N GLU D 20 -24.92 -35.97 17.56
CA GLU D 20 -24.34 -37.31 17.70
C GLU D 20 -25.41 -38.41 17.71
N PRO D 21 -25.12 -39.57 17.09
CA PRO D 21 -26.04 -40.68 17.14
C PRO D 21 -26.11 -41.33 18.53
N GLN D 22 -27.31 -41.70 18.96
CA GLN D 22 -27.45 -42.54 20.14
C GLN D 22 -26.97 -43.94 19.79
N ILE D 23 -26.09 -44.48 20.62
CA ILE D 23 -25.58 -45.85 20.46
C ILE D 23 -25.89 -46.59 21.74
N PRO D 24 -26.63 -47.72 21.64
CA PRO D 24 -27.00 -48.52 22.81
C PRO D 24 -25.82 -48.81 23.74
N ASP D 25 -26.07 -48.78 25.04
CA ASP D 25 -25.03 -49.06 26.04
C ASP D 25 -24.80 -50.57 26.12
N ARG D 26 -23.85 -51.05 25.32
CA ARG D 26 -23.63 -52.47 25.09
C ARG D 26 -22.38 -52.58 24.23
N GLU D 27 -21.49 -53.50 24.58
CA GLU D 27 -20.24 -53.67 23.82
C GLU D 27 -19.72 -55.10 23.76
N VAL D 28 -19.13 -55.46 22.62
CA VAL D 28 -18.43 -56.73 22.48
C VAL D 28 -17.02 -56.46 21.92
N ASN D 29 -16.08 -57.37 22.24
CA ASN D 29 -14.69 -57.26 21.82
C ASN D 29 -14.40 -58.19 20.65
N LEU D 30 -13.70 -57.68 19.64
CA LEU D 30 -13.39 -58.42 18.42
C LEU D 30 -12.60 -59.71 18.65
N LEU D 31 -11.78 -59.73 19.70
CA LEU D 31 -10.98 -60.91 20.05
C LEU D 31 -11.81 -62.07 20.58
N ASP D 32 -13.09 -61.83 20.83
CA ASP D 32 -14.00 -62.89 21.25
C ASP D 32 -14.65 -63.59 20.05
N PHE D 33 -14.19 -63.24 18.85
CA PHE D 33 -14.75 -63.80 17.62
C PHE D 33 -13.68 -64.36 16.67
N GLY D 34 -12.58 -64.84 17.24
CA GLY D 34 -11.55 -65.53 16.46
C GLY D 34 -10.49 -64.65 15.82
N ALA D 35 -10.62 -63.32 15.98
CA ALA D 35 -9.66 -62.37 15.43
C ALA D 35 -8.32 -62.41 16.15
N ARG D 36 -7.27 -62.00 15.44
CA ARG D 36 -5.94 -61.86 16.00
C ARG D 36 -5.29 -60.60 15.43
N GLY D 37 -4.69 -59.80 16.31
CA GLY D 37 -4.02 -58.56 15.89
C GLY D 37 -2.58 -58.78 15.48
N ASP D 38 -2.29 -59.94 14.90
CA ASP D 38 -0.93 -60.30 14.48
C ASP D 38 -0.57 -59.79 13.07
N GLY D 39 -1.52 -59.13 12.41
CA GLY D 39 -1.33 -58.64 11.05
C GLY D 39 -1.16 -59.74 10.03
N ARG D 40 -1.76 -60.90 10.32
CA ARG D 40 -1.62 -62.10 9.48
C ARG D 40 -2.95 -62.85 9.36
N THR D 41 -3.66 -62.97 10.47
CA THR D 41 -4.94 -63.68 10.52
C THR D 41 -6.03 -62.89 9.78
N ASP D 42 -6.82 -63.61 8.98
CA ASP D 42 -7.96 -63.01 8.31
C ASP D 42 -9.10 -62.83 9.31
N CYS D 43 -9.39 -61.58 9.67
CA CYS D 43 -10.42 -61.27 10.64
C CYS D 43 -11.76 -60.92 9.99
N SER D 44 -11.89 -61.16 8.68
CA SER D 44 -13.12 -60.84 7.93
C SER D 44 -14.40 -61.32 8.62
N GLU D 45 -14.43 -62.60 8.96
CA GLU D 45 -15.59 -63.23 9.61
C GLU D 45 -15.75 -62.77 11.06
N SER D 46 -14.64 -62.43 11.70
CA SER D 46 -14.66 -61.91 13.05
C SER D 46 -15.50 -60.64 13.11
N PHE D 47 -15.25 -59.72 12.19
CA PHE D 47 -16.03 -58.48 12.07
C PHE D 47 -17.50 -58.79 11.82
N LYS D 48 -17.76 -59.69 10.88
CA LYS D 48 -19.12 -59.98 10.44
C LYS D 48 -19.96 -60.60 11.58
N ARG D 49 -19.36 -61.52 12.32
CA ARG D 49 -20.05 -62.19 13.42
C ARG D 49 -20.24 -61.24 14.62
N ALA D 50 -19.26 -60.39 14.86
CA ALA D 50 -19.33 -59.41 15.94
C ALA D 50 -20.43 -58.36 15.71
N ILE D 51 -20.54 -57.89 14.46
CA ILE D 51 -21.56 -56.92 14.08
C ILE D 51 -22.97 -57.52 14.18
N GLU D 52 -23.11 -58.77 13.73
CA GLU D 52 -24.38 -59.49 13.80
C GLU D 52 -24.79 -59.81 15.24
N GLU D 53 -23.83 -60.20 16.08
CA GLU D 53 -24.10 -60.43 17.49
C GLU D 53 -24.62 -59.16 18.15
N LEU D 54 -24.00 -58.02 17.84
CA LEU D 54 -24.45 -56.72 18.36
C LEU D 54 -25.81 -56.32 17.80
N SER D 55 -25.96 -56.46 16.48
CA SER D 55 -27.20 -56.14 15.78
C SER D 55 -28.38 -56.98 16.29
N LYS D 56 -28.10 -58.24 16.64
CA LYS D 56 -29.09 -59.16 17.21
C LYS D 56 -29.71 -58.59 18.49
N GLN D 57 -28.87 -58.01 19.35
CA GLN D 57 -29.31 -57.43 20.62
C GLN D 57 -29.91 -56.03 20.47
N GLY D 58 -29.68 -55.39 19.31
CA GLY D 58 -30.23 -54.06 19.03
C GLY D 58 -29.18 -52.99 18.82
N GLY D 59 -27.92 -53.41 18.70
CA GLY D 59 -26.81 -52.49 18.46
C GLY D 59 -25.85 -52.34 19.63
N GLY D 60 -24.85 -51.50 19.45
CA GLY D 60 -23.84 -51.27 20.48
C GLY D 60 -22.48 -50.98 19.89
N ARG D 61 -21.44 -51.14 20.72
CA ARG D 61 -20.06 -50.83 20.35
C ARG D 61 -19.25 -52.09 20.06
N LEU D 62 -18.53 -52.09 18.95
CA LEU D 62 -17.58 -53.14 18.61
C LEU D 62 -16.18 -52.61 18.90
N ILE D 63 -15.51 -53.22 19.89
CA ILE D 63 -14.17 -52.77 20.27
C ILE D 63 -13.10 -53.52 19.50
N VAL D 64 -12.30 -52.76 18.75
CA VAL D 64 -11.12 -53.27 18.07
C VAL D 64 -9.90 -52.80 18.85
N PRO D 65 -9.28 -53.72 19.64
CA PRO D 65 -8.18 -53.33 20.52
C PRO D 65 -6.84 -53.16 19.79
N GLU D 66 -5.77 -52.93 20.55
CA GLU D 66 -4.39 -52.88 20.05
C GLU D 66 -4.09 -54.06 19.12
N GLY D 67 -3.28 -53.81 18.09
CA GLY D 67 -2.86 -54.83 17.14
C GLY D 67 -3.16 -54.39 15.71
N VAL D 68 -2.74 -55.22 14.75
CA VAL D 68 -3.09 -55.00 13.35
C VAL D 68 -4.04 -56.11 12.90
N PHE D 69 -5.22 -55.71 12.44
CA PHE D 69 -6.28 -56.65 12.08
C PHE D 69 -6.56 -56.67 10.58
N LEU D 70 -6.20 -57.78 9.93
CA LEU D 70 -6.41 -57.95 8.50
C LEU D 70 -7.84 -58.38 8.22
N THR D 71 -8.46 -57.73 7.24
CA THR D 71 -9.85 -58.00 6.89
C THR D 71 -10.20 -57.52 5.48
N GLY D 72 -11.21 -58.14 4.89
CA GLY D 72 -11.85 -57.60 3.69
C GLY D 72 -12.79 -56.50 4.14
N PRO D 73 -13.70 -56.07 3.25
CA PRO D 73 -14.60 -54.95 3.57
C PRO D 73 -15.46 -55.22 4.81
N ILE D 74 -15.72 -54.16 5.58
CA ILE D 74 -16.58 -54.26 6.77
C ILE D 74 -17.92 -53.64 6.45
N HIS D 75 -18.99 -54.41 6.68
CA HIS D 75 -20.35 -53.91 6.47
C HIS D 75 -21.04 -53.60 7.79
N LEU D 76 -21.25 -52.32 8.05
CA LEU D 76 -21.91 -51.87 9.26
C LEU D 76 -23.43 -52.05 9.14
N LYS D 77 -24.12 -52.07 10.28
CA LYS D 77 -25.57 -52.07 10.30
C LYS D 77 -26.02 -50.94 11.21
N SER D 78 -27.31 -50.65 11.23
CA SER D 78 -27.88 -49.61 12.10
C SER D 78 -27.54 -49.82 13.58
N ASN D 79 -27.29 -48.71 14.27
CA ASN D 79 -27.03 -48.71 15.73
C ASN D 79 -25.70 -49.31 16.15
N ILE D 80 -24.74 -49.29 15.22
CA ILE D 80 -23.41 -49.87 15.44
C ILE D 80 -22.33 -48.79 15.49
N GLU D 81 -21.53 -48.84 16.55
CA GLU D 81 -20.32 -48.03 16.67
C GLU D 81 -19.09 -48.92 16.52
N LEU D 82 -18.28 -48.63 15.50
CA LEU D 82 -17.02 -49.31 15.32
C LEU D 82 -15.91 -48.54 16.05
N HIS D 83 -15.49 -49.06 17.20
CA HIS D 83 -14.51 -48.37 18.05
C HIS D 83 -13.11 -48.91 17.82
N VAL D 84 -12.28 -48.11 17.14
CA VAL D 84 -10.97 -48.54 16.68
C VAL D 84 -9.83 -47.99 17.54
N LYS D 85 -9.20 -48.89 18.30
CA LYS D 85 -8.01 -48.56 19.10
C LYS D 85 -6.74 -48.96 18.36
N GLY D 86 -6.73 -50.15 17.78
CA GLY D 86 -5.59 -50.65 17.00
C GLY D 86 -5.67 -50.17 15.55
N THR D 87 -5.19 -51.02 14.64
CA THR D 87 -5.24 -50.75 13.21
C THR D 87 -6.16 -51.77 12.54
N ILE D 88 -7.06 -51.28 11.70
CA ILE D 88 -7.79 -52.14 10.77
C ILE D 88 -7.09 -52.02 9.42
N LYS D 89 -6.45 -53.11 8.99
CA LYS D 89 -5.71 -53.12 7.73
C LYS D 89 -6.45 -53.96 6.71
N PHE D 90 -6.91 -53.31 5.64
CA PHE D 90 -7.73 -53.97 4.64
C PHE D 90 -6.91 -54.75 3.63
N ILE D 91 -7.31 -55.99 3.38
CA ILE D 91 -6.63 -56.85 2.41
C ILE D 91 -6.96 -56.39 0.99
N PRO D 92 -5.94 -55.95 0.22
CA PRO D 92 -6.15 -55.34 -1.09
C PRO D 92 -6.30 -56.37 -2.23
N ASP D 93 -7.21 -57.33 -2.05
CA ASP D 93 -7.60 -58.26 -3.12
C ASP D 93 -9.03 -57.93 -3.56
N PRO D 94 -9.20 -57.41 -4.79
CA PRO D 94 -10.52 -56.95 -5.27
C PRO D 94 -11.61 -58.01 -5.12
N GLU D 95 -11.24 -59.28 -5.32
CA GLU D 95 -12.16 -60.41 -5.16
C GLU D 95 -12.91 -60.36 -3.83
N ARG D 96 -12.21 -59.92 -2.78
CA ARG D 96 -12.79 -59.78 -1.44
C ARG D 96 -13.92 -58.74 -1.32
N TYR D 97 -14.04 -57.89 -2.34
CA TYR D 97 -14.96 -56.76 -2.30
C TYR D 97 -16.18 -57.00 -3.20
N LEU D 98 -16.41 -58.28 -3.47
CA LEU D 98 -17.59 -58.74 -4.21
C LEU D 98 -18.45 -59.61 -3.28
N PRO D 99 -19.76 -59.76 -3.57
CA PRO D 99 -20.50 -59.23 -4.73
C PRO D 99 -20.58 -57.71 -4.77
N VAL D 100 -20.90 -57.19 -5.95
CA VAL D 100 -21.11 -55.76 -6.16
C VAL D 100 -22.21 -55.22 -5.25
N VAL D 101 -22.03 -53.97 -4.80
CA VAL D 101 -23.03 -53.28 -3.97
C VAL D 101 -23.42 -51.95 -4.60
N LEU D 102 -24.55 -51.40 -4.18
CA LEU D 102 -24.96 -50.05 -4.60
C LEU D 102 -23.93 -49.06 -4.11
N THR D 103 -23.36 -48.31 -5.05
CA THR D 103 -22.31 -47.35 -4.73
C THR D 103 -22.27 -46.24 -5.80
N ARG D 104 -21.16 -45.51 -5.86
CA ARG D 104 -21.07 -44.37 -6.75
C ARG D 104 -19.63 -44.21 -7.22
N PHE D 105 -19.44 -43.85 -8.48
CA PHE D 105 -18.10 -43.51 -8.97
C PHE D 105 -18.10 -42.17 -9.67
N GLU D 106 -17.34 -41.23 -9.13
CA GLU D 106 -17.25 -39.85 -9.63
C GLU D 106 -18.61 -39.27 -10.05
N GLY D 107 -19.57 -39.39 -9.14
CA GLY D 107 -20.88 -38.77 -9.29
C GLY D 107 -21.96 -39.56 -10.02
N ILE D 108 -21.64 -40.78 -10.45
CA ILE D 108 -22.63 -41.63 -11.13
C ILE D 108 -22.83 -42.95 -10.35
N GLU D 109 -24.09 -43.27 -10.07
CA GLU D 109 -24.46 -44.49 -9.35
C GLU D 109 -24.21 -45.74 -10.18
N LEU D 110 -23.78 -46.81 -9.52
CA LEU D 110 -23.52 -48.09 -10.17
C LEU D 110 -23.45 -49.22 -9.14
N TYR D 111 -23.37 -50.45 -9.63
CA TYR D 111 -23.00 -51.58 -8.79
C TYR D 111 -21.55 -51.95 -9.06
N ASN D 112 -20.76 -51.95 -8.00
CA ASN D 112 -19.32 -52.11 -8.10
C ASN D 112 -18.75 -52.67 -6.80
N TYR D 113 -17.43 -52.86 -6.77
CA TYR D 113 -16.71 -53.32 -5.58
C TYR D 113 -17.18 -52.58 -4.34
N SER D 114 -17.34 -53.32 -3.25
CA SER D 114 -17.70 -52.73 -1.96
C SER D 114 -16.68 -51.70 -1.49
N PRO D 115 -17.14 -50.55 -0.99
CA PRO D 115 -16.24 -49.70 -0.20
C PRO D 115 -15.67 -50.49 0.97
N LEU D 116 -14.51 -50.08 1.48
CA LEU D 116 -13.82 -50.84 2.53
C LEU D 116 -14.60 -50.85 3.84
N VAL D 117 -15.23 -49.73 4.18
CA VAL D 117 -16.19 -49.67 5.28
C VAL D 117 -17.50 -49.16 4.68
N TYR D 118 -18.57 -49.93 4.82
CA TYR D 118 -19.80 -49.67 4.07
C TYR D 118 -21.06 -49.78 4.93
N ALA D 119 -21.90 -48.76 4.82
CA ALA D 119 -23.25 -48.80 5.38
C ALA D 119 -24.26 -48.31 4.35
N LEU D 120 -25.33 -49.07 4.15
CA LEU D 120 -26.39 -48.71 3.21
C LEU D 120 -27.73 -48.65 3.92
N ASP D 121 -28.43 -47.53 3.78
CA ASP D 121 -29.78 -47.35 4.35
C ASP D 121 -29.81 -47.54 5.87
N CYS D 122 -28.72 -47.18 6.52
CA CYS D 122 -28.56 -47.38 7.97
C CYS D 122 -28.83 -46.10 8.75
N GLU D 123 -29.07 -46.27 10.05
CA GLU D 123 -29.36 -45.19 10.95
C GLU D 123 -28.51 -45.36 12.21
N ASN D 124 -28.02 -44.25 12.76
CA ASN D 124 -27.22 -44.25 14.01
C ASN D 124 -25.97 -45.11 13.91
N VAL D 125 -25.03 -44.70 13.08
CA VAL D 125 -23.83 -45.46 12.83
C VAL D 125 -22.61 -44.58 13.12
N ALA D 126 -21.62 -45.12 13.83
CA ALA D 126 -20.45 -44.33 14.23
C ALA D 126 -19.14 -45.08 14.06
N ILE D 127 -18.09 -44.33 13.71
CA ILE D 127 -16.72 -44.84 13.74
C ILE D 127 -15.92 -43.93 14.67
N THR D 128 -15.43 -44.49 15.77
CA THR D 128 -14.79 -43.71 16.83
C THR D 128 -13.45 -44.34 17.22
N GLY D 129 -12.74 -43.69 18.15
CA GLY D 129 -11.47 -44.22 18.66
C GLY D 129 -10.27 -43.51 18.06
N SER D 130 -9.09 -43.83 18.53
CA SER D 130 -7.87 -43.15 18.09
C SER D 130 -6.97 -44.06 17.25
N GLY D 131 -7.53 -45.12 16.69
CA GLY D 131 -6.77 -46.08 15.91
C GLY D 131 -6.69 -45.72 14.44
N VAL D 132 -6.28 -46.68 13.62
CA VAL D 132 -5.98 -46.44 12.21
C VAL D 132 -6.83 -47.31 11.27
N LEU D 133 -7.31 -46.70 10.21
CA LEU D 133 -7.89 -47.45 9.09
C LEU D 133 -6.89 -47.40 7.93
N ASP D 134 -6.40 -48.57 7.55
CA ASP D 134 -5.33 -48.69 6.55
C ASP D 134 -5.85 -49.45 5.33
N GLY D 135 -6.12 -48.72 4.25
CA GLY D 135 -6.69 -49.28 3.03
C GLY D 135 -5.74 -50.11 2.18
N SER D 136 -4.46 -50.07 2.53
CA SER D 136 -3.39 -50.83 1.86
C SER D 136 -3.18 -50.50 0.37
N ALA D 137 -3.66 -49.35 -0.08
CA ALA D 137 -3.40 -48.92 -1.45
C ALA D 137 -1.98 -48.38 -1.58
N ASP D 138 -1.36 -48.68 -2.72
CA ASP D 138 -0.02 -48.20 -3.04
C ASP D 138 0.17 -48.35 -4.55
N ASN D 139 1.41 -48.24 -5.03
CA ASN D 139 1.71 -48.36 -6.46
C ASN D 139 1.49 -49.76 -7.03
N GLU D 140 1.26 -50.74 -6.16
CA GLU D 140 1.01 -52.12 -6.58
C GLU D 140 -0.46 -52.51 -6.37
N HIS D 141 -1.20 -51.70 -5.61
CA HIS D 141 -2.57 -52.04 -5.23
C HIS D 141 -3.56 -50.88 -5.39
N TRP D 142 -4.63 -51.14 -6.15
CA TRP D 142 -5.67 -50.14 -6.48
C TRP D 142 -5.21 -48.97 -7.37
N TRP D 143 -4.13 -48.29 -6.98
CA TRP D 143 -3.72 -47.05 -7.68
C TRP D 143 -3.36 -47.21 -9.16
N PRO D 144 -2.72 -48.34 -9.55
CA PRO D 144 -2.47 -48.53 -10.99
C PRO D 144 -3.73 -48.41 -11.87
N TRP D 145 -4.90 -48.65 -11.29
CA TRP D 145 -6.16 -48.58 -12.04
C TRP D 145 -6.46 -47.18 -12.59
N LYS D 146 -5.87 -46.14 -11.99
CA LYS D 146 -6.03 -44.76 -12.45
C LYS D 146 -5.49 -44.54 -13.87
N GLY D 147 -4.36 -45.18 -14.17
CA GLY D 147 -3.75 -45.07 -15.50
C GLY D 147 -2.53 -44.16 -15.56
N LYS D 148 -2.04 -43.75 -14.39
CA LYS D 148 -0.86 -42.89 -14.28
C LYS D 148 0.39 -43.67 -13.89
N LYS D 149 1.50 -43.42 -14.61
CA LYS D 149 2.76 -44.15 -14.42
C LYS D 149 3.42 -43.91 -13.06
N ASP D 150 3.41 -42.66 -12.61
CA ASP D 150 3.97 -42.32 -11.29
C ASP D 150 3.18 -42.97 -10.13
N PHE D 151 2.00 -43.51 -10.44
CA PHE D 151 1.21 -44.25 -9.46
C PHE D 151 1.04 -45.74 -9.78
N GLY D 152 2.02 -46.30 -10.47
CA GLY D 152 2.12 -47.74 -10.64
C GLY D 152 1.59 -48.34 -11.92
N TRP D 153 0.83 -47.57 -12.70
CA TRP D 153 0.31 -48.05 -13.99
C TRP D 153 1.45 -48.34 -14.95
N LYS D 154 1.35 -49.48 -15.62
CA LYS D 154 2.35 -49.91 -16.59
C LYS D 154 1.77 -49.96 -18.00
N GLU D 155 2.63 -49.70 -18.98
CA GLU D 155 2.26 -49.72 -20.40
C GLU D 155 1.66 -51.08 -20.79
N GLY D 156 0.47 -51.03 -21.39
CA GLY D 156 -0.21 -52.23 -21.88
C GLY D 156 -1.09 -52.91 -20.84
N LEU D 157 -1.17 -52.33 -19.64
CA LEU D 157 -2.04 -52.85 -18.59
C LEU D 157 -3.34 -52.05 -18.55
N PRO D 158 -4.43 -52.68 -18.08
CA PRO D 158 -5.74 -52.02 -17.98
C PRO D 158 -5.80 -50.82 -17.04
N ASN D 159 -6.80 -49.98 -17.27
CA ASN D 159 -7.13 -48.87 -16.38
C ASN D 159 -8.62 -48.52 -16.45
N GLN D 160 -9.03 -47.52 -15.68
CA GLN D 160 -10.43 -47.14 -15.51
C GLN D 160 -11.09 -46.47 -16.72
N GLN D 161 -10.28 -45.93 -17.63
CA GLN D 161 -10.75 -45.05 -18.73
C GLN D 161 -11.93 -45.57 -19.57
N GLU D 162 -11.88 -46.84 -19.99
CA GLU D 162 -12.98 -47.42 -20.76
C GLU D 162 -14.26 -47.57 -19.94
N ASP D 163 -14.12 -48.01 -18.69
CA ASP D 163 -15.25 -48.17 -17.79
C ASP D 163 -15.91 -46.84 -17.41
N VAL D 164 -15.10 -45.80 -17.20
CA VAL D 164 -15.61 -44.45 -16.96
C VAL D 164 -16.42 -43.97 -18.16
N LYS D 165 -15.88 -44.20 -19.35
CA LYS D 165 -16.55 -43.87 -20.61
C LYS D 165 -17.89 -44.59 -20.72
N LYS D 166 -17.89 -45.90 -20.45
CA LYS D 166 -19.10 -46.72 -20.50
C LYS D 166 -20.15 -46.30 -19.48
N LEU D 167 -19.71 -46.07 -18.24
CA LEU D 167 -20.59 -45.62 -17.16
C LEU D 167 -21.32 -44.32 -17.49
N LYS D 168 -20.60 -43.36 -18.07
CA LYS D 168 -21.20 -42.08 -18.46
C LYS D 168 -22.27 -42.27 -19.54
N GLU D 169 -21.94 -43.09 -20.53
CA GLU D 169 -22.88 -43.39 -21.61
C GLU D 169 -24.16 -44.07 -21.12
N MET D 170 -24.02 -45.01 -20.17
CA MET D 170 -25.16 -45.67 -19.54
C MET D 170 -26.07 -44.67 -18.83
N ALA D 171 -25.48 -43.76 -18.06
CA ALA D 171 -26.25 -42.74 -17.35
C ALA D 171 -27.00 -41.85 -18.34
N GLU D 172 -26.33 -41.45 -19.42
CA GLU D 172 -26.96 -40.66 -20.49
C GLU D 172 -28.22 -41.34 -21.07
N ARG D 173 -28.13 -42.65 -21.31
CA ARG D 173 -29.26 -43.45 -21.84
C ARG D 173 -30.46 -43.39 -20.92
N GLY D 174 -30.21 -43.51 -19.63
CA GLY D 174 -31.26 -43.70 -18.65
C GLY D 174 -31.28 -45.14 -18.17
N THR D 175 -30.23 -45.89 -18.51
CA THR D 175 -30.05 -47.28 -18.06
C THR D 175 -30.24 -47.35 -16.54
N PRO D 176 -31.21 -48.16 -16.07
CA PRO D 176 -31.42 -48.30 -14.62
C PRO D 176 -30.12 -48.69 -13.91
N VAL D 177 -29.98 -48.23 -12.67
CA VAL D 177 -28.80 -48.48 -11.85
C VAL D 177 -28.51 -49.98 -11.68
N GLU D 178 -29.57 -50.76 -11.50
CA GLU D 178 -29.49 -52.22 -11.31
C GLU D 178 -28.80 -52.91 -12.47
N GLU D 179 -28.75 -52.23 -13.61
CA GLU D 179 -28.16 -52.78 -14.83
C GLU D 179 -26.76 -52.23 -15.12
N ARG D 180 -26.27 -51.36 -14.24
CA ARG D 180 -24.94 -50.80 -14.34
C ARG D 180 -23.98 -51.60 -13.46
N VAL D 181 -23.64 -52.80 -13.92
CA VAL D 181 -22.87 -53.75 -13.12
C VAL D 181 -21.41 -53.78 -13.58
N PHE D 182 -20.50 -53.48 -12.65
CA PHE D 182 -19.07 -53.50 -12.95
C PHE D 182 -18.36 -54.55 -12.07
N GLY D 183 -17.46 -54.11 -11.18
CA GLY D 183 -16.73 -55.06 -10.35
C GLY D 183 -15.73 -55.88 -11.14
N LYS D 184 -15.87 -57.21 -11.03
CA LYS D 184 -14.95 -58.18 -11.65
C LYS D 184 -14.81 -57.96 -13.16
N GLY D 185 -13.57 -57.83 -13.61
CA GLY D 185 -13.27 -57.57 -15.02
C GLY D 185 -13.31 -56.10 -15.39
N HIS D 186 -13.58 -55.26 -14.40
CA HIS D 186 -13.62 -53.80 -14.59
C HIS D 186 -12.72 -53.10 -13.57
N TYR D 187 -12.38 -51.85 -13.86
CA TYR D 187 -11.27 -51.20 -13.15
C TYR D 187 -11.65 -49.88 -12.48
N LEU D 188 -12.80 -49.89 -11.81
CA LEU D 188 -13.26 -48.74 -11.04
C LEU D 188 -13.05 -48.99 -9.55
N ARG D 189 -12.10 -48.26 -8.96
CA ARG D 189 -11.80 -48.35 -7.52
C ARG D 189 -12.99 -47.98 -6.65
N PRO D 190 -13.09 -48.58 -5.45
CA PRO D 190 -14.15 -48.22 -4.51
C PRO D 190 -13.72 -47.07 -3.58
N SER D 191 -14.69 -46.38 -2.98
CA SER D 191 -14.42 -45.43 -1.90
C SER D 191 -13.88 -46.18 -0.68
N PHE D 192 -13.23 -45.46 0.24
CA PHE D 192 -12.75 -46.08 1.47
C PHE D 192 -13.93 -46.26 2.45
N VAL D 193 -14.35 -45.17 3.09
CA VAL D 193 -15.48 -45.21 4.02
C VAL D 193 -16.70 -44.59 3.32
N GLN D 194 -17.77 -45.36 3.18
CA GLN D 194 -18.97 -44.87 2.50
C GLN D 194 -20.23 -45.17 3.28
N PHE D 195 -20.98 -44.11 3.57
CA PHE D 195 -22.33 -44.19 4.13
C PHE D 195 -23.28 -43.82 3.01
N TYR D 196 -24.13 -44.76 2.62
CA TYR D 196 -25.07 -44.56 1.52
C TYR D 196 -26.50 -44.48 2.01
N ARG D 197 -27.13 -43.32 1.82
CA ARG D 197 -28.49 -43.02 2.26
C ARG D 197 -28.68 -43.30 3.76
N CYS D 198 -27.79 -42.72 4.56
CA CYS D 198 -27.80 -42.95 6.01
C CYS D 198 -28.22 -41.71 6.78
N ARG D 199 -28.72 -41.92 7.99
CA ARG D 199 -29.09 -40.86 8.92
C ARG D 199 -28.31 -41.03 10.22
N ASN D 200 -27.88 -39.90 10.80
CA ASN D 200 -27.20 -39.88 12.11
C ASN D 200 -25.90 -40.67 12.10
N VAL D 201 -24.87 -40.05 11.54
CA VAL D 201 -23.59 -40.71 11.34
C VAL D 201 -22.49 -39.87 11.99
N LEU D 202 -21.59 -40.56 12.69
CA LEU D 202 -20.45 -39.91 13.32
C LEU D 202 -19.17 -40.63 12.93
N VAL D 203 -18.16 -39.88 12.50
CA VAL D 203 -16.81 -40.41 12.32
C VAL D 203 -15.87 -39.52 13.12
N GLU D 204 -15.16 -40.10 14.07
CA GLU D 204 -14.28 -39.31 14.93
C GLU D 204 -13.02 -40.04 15.35
N GLY D 205 -11.96 -39.28 15.60
CA GLY D 205 -10.76 -39.80 16.24
C GLY D 205 -9.76 -40.49 15.33
N VAL D 206 -10.26 -41.31 14.41
CA VAL D 206 -9.41 -42.22 13.63
C VAL D 206 -8.48 -41.53 12.63
N LYS D 207 -7.37 -42.19 12.34
CA LYS D 207 -6.48 -41.81 11.25
C LYS D 207 -6.78 -42.70 10.03
N ILE D 208 -6.76 -42.11 8.84
CA ILE D 208 -6.99 -42.85 7.59
C ILE D 208 -5.82 -42.70 6.63
N ILE D 209 -5.24 -43.85 6.24
CA ILE D 209 -4.06 -43.93 5.37
C ILE D 209 -4.27 -44.91 4.19
N ASN D 210 -3.45 -44.74 3.15
CA ASN D 210 -3.40 -45.66 2.01
C ASN D 210 -4.79 -45.94 1.42
N SER D 211 -5.52 -44.88 1.08
CA SER D 211 -6.86 -44.99 0.54
C SER D 211 -6.83 -45.36 -0.94
N PRO D 212 -7.72 -46.29 -1.36
CA PRO D 212 -7.83 -46.65 -2.78
C PRO D 212 -8.17 -45.43 -3.65
N MET D 213 -9.10 -44.61 -3.15
CA MET D 213 -9.60 -43.44 -3.85
C MET D 213 -10.13 -42.45 -2.78
N TRP D 214 -11.42 -42.07 -2.85
CA TRP D 214 -11.96 -41.09 -1.89
C TRP D 214 -12.02 -41.67 -0.48
N CYS D 215 -11.65 -40.88 0.52
CA CYS D 215 -11.43 -41.40 1.87
C CYS D 215 -12.73 -41.51 2.67
N ILE D 216 -13.44 -40.39 2.83
CA ILE D 216 -14.73 -40.40 3.52
C ILE D 216 -15.83 -39.88 2.61
N HIS D 217 -16.77 -40.77 2.28
CA HIS D 217 -17.75 -40.51 1.22
C HIS D 217 -19.19 -40.75 1.68
N PRO D 218 -19.77 -39.78 2.41
CA PRO D 218 -21.20 -39.89 2.72
C PRO D 218 -22.03 -39.46 1.51
N VAL D 219 -23.05 -40.25 1.20
CA VAL D 219 -23.88 -40.03 0.01
C VAL D 219 -25.34 -40.05 0.42
N LEU D 220 -26.07 -39.03 -0.02
CA LEU D 220 -27.52 -38.93 0.20
C LEU D 220 -27.87 -39.13 1.68
N SER D 221 -26.98 -38.61 2.52
CA SER D 221 -27.06 -38.80 3.96
C SER D 221 -27.40 -37.51 4.68
N GLU D 222 -27.95 -37.64 5.88
CA GLU D 222 -28.39 -36.51 6.66
C GLU D 222 -27.95 -36.65 8.11
N ASN D 223 -27.56 -35.52 8.71
CA ASN D 223 -27.01 -35.47 10.07
C ASN D 223 -25.71 -36.26 10.19
N VAL D 224 -24.65 -35.71 9.61
CA VAL D 224 -23.34 -36.35 9.58
C VAL D 224 -22.31 -35.46 10.31
N ILE D 225 -21.58 -36.06 11.25
CA ILE D 225 -20.51 -35.37 11.96
C ILE D 225 -19.17 -36.10 11.71
N ILE D 226 -18.19 -35.34 11.21
CA ILE D 226 -16.83 -35.86 11.09
C ILE D 226 -15.93 -34.89 11.84
N ARG D 227 -15.28 -35.40 12.87
CA ARG D 227 -14.60 -34.55 13.82
C ARG D 227 -13.36 -35.22 14.38
N ASN D 228 -12.30 -34.43 14.55
CA ASN D 228 -11.03 -34.91 15.13
C ASN D 228 -10.43 -36.16 14.47
N ILE D 229 -10.58 -36.26 13.15
CA ILE D 229 -9.92 -37.32 12.39
C ILE D 229 -8.69 -36.79 11.66
N GLU D 230 -7.81 -37.71 11.26
CA GLU D 230 -6.70 -37.35 10.39
C GLU D 230 -6.73 -38.15 9.10
N ILE D 231 -6.74 -37.44 7.97
CA ILE D 231 -6.53 -38.05 6.66
C ILE D 231 -5.09 -37.82 6.25
N SER D 232 -4.41 -38.91 5.90
CA SER D 232 -3.04 -38.83 5.39
C SER D 232 -2.88 -39.86 4.27
N SER D 233 -3.21 -39.45 3.05
CA SER D 233 -3.19 -40.33 1.88
C SER D 233 -3.05 -39.49 0.63
N THR D 234 -1.95 -39.65 -0.09
CA THR D 234 -1.62 -38.74 -1.18
C THR D 234 -1.60 -39.37 -2.58
N GLY D 235 -2.34 -40.46 -2.74
CA GLY D 235 -2.47 -41.13 -4.04
C GLY D 235 -3.43 -40.45 -5.00
N PRO D 236 -3.65 -41.05 -6.19
CA PRO D 236 -4.50 -40.43 -7.19
C PRO D 236 -5.97 -40.44 -6.76
N ASN D 237 -6.60 -39.27 -6.81
CA ASN D 237 -8.00 -39.12 -6.41
C ASN D 237 -8.21 -39.44 -4.93
N ASN D 238 -7.19 -39.21 -4.12
CA ASN D 238 -7.30 -39.35 -2.67
C ASN D 238 -7.95 -38.12 -2.03
N ASP D 239 -9.22 -37.89 -2.34
CA ASP D 239 -10.01 -36.84 -1.69
C ASP D 239 -10.17 -37.19 -0.22
N GLY D 240 -10.18 -36.19 0.65
CA GLY D 240 -10.33 -36.40 2.09
C GLY D 240 -11.76 -36.71 2.45
N ILE D 241 -12.63 -35.70 2.33
CA ILE D 241 -14.04 -35.86 2.61
C ILE D 241 -14.87 -35.30 1.45
N ASP D 242 -15.75 -36.16 0.92
CA ASP D 242 -16.64 -35.84 -0.20
C ASP D 242 -18.12 -35.91 0.17
N PRO D 243 -18.68 -34.85 0.79
CA PRO D 243 -20.12 -34.87 1.04
C PRO D 243 -20.90 -34.79 -0.28
N GLU D 244 -21.61 -35.86 -0.62
CA GLU D 244 -22.33 -35.93 -1.89
C GLU D 244 -23.84 -36.06 -1.71
N SER D 245 -24.57 -35.04 -2.12
CA SER D 245 -26.02 -34.89 -1.89
C SER D 245 -26.41 -35.05 -0.42
N CYS D 246 -25.57 -34.53 0.46
CA CYS D 246 -25.79 -34.59 1.91
C CYS D 246 -26.41 -33.30 2.44
N LYS D 247 -27.14 -33.43 3.54
CA LYS D 247 -27.83 -32.30 4.17
C LYS D 247 -27.54 -32.30 5.67
N TYR D 248 -27.18 -31.14 6.22
CA TYR D 248 -26.84 -30.96 7.64
C TYR D 248 -25.62 -31.80 8.02
N MET D 249 -24.46 -31.24 7.77
CA MET D 249 -23.20 -31.91 8.04
C MET D 249 -22.23 -30.94 8.70
N LEU D 250 -21.47 -31.47 9.66
CA LEU D 250 -20.41 -30.73 10.32
C LEU D 250 -19.09 -31.46 10.14
N ILE D 251 -18.08 -30.72 9.71
CA ILE D 251 -16.70 -31.21 9.61
C ILE D 251 -15.87 -30.23 10.40
N GLU D 252 -15.29 -30.70 11.51
CA GLU D 252 -14.57 -29.81 12.42
C GLU D 252 -13.36 -30.48 13.05
N LYS D 253 -12.35 -29.67 13.37
CA LYS D 253 -11.16 -30.11 14.11
C LYS D 253 -10.40 -31.27 13.45
N CYS D 254 -10.53 -31.41 12.14
CA CYS D 254 -9.83 -32.47 11.39
C CYS D 254 -8.49 -32.00 10.82
N ARG D 255 -7.60 -32.97 10.58
CA ARG D 255 -6.30 -32.75 9.95
C ARG D 255 -6.24 -33.48 8.60
N PHE D 256 -5.77 -32.80 7.57
CA PHE D 256 -5.74 -33.32 6.19
C PHE D 256 -4.39 -33.20 5.51
N ASP D 257 -3.96 -34.31 4.91
CA ASP D 257 -2.92 -34.33 3.90
C ASP D 257 -3.46 -35.23 2.78
N THR D 258 -3.89 -34.62 1.67
CA THR D 258 -4.66 -35.35 0.64
C THR D 258 -4.00 -35.32 -0.74
N GLY D 259 -4.29 -36.35 -1.53
CA GLY D 259 -3.76 -36.48 -2.89
C GLY D 259 -4.55 -35.69 -3.92
N ASP D 260 -5.76 -35.31 -3.56
CA ASP D 260 -6.59 -34.48 -4.44
C ASP D 260 -7.25 -33.42 -3.56
N ASP D 261 -8.47 -33.03 -3.90
CA ASP D 261 -9.23 -32.06 -3.11
C ASP D 261 -9.40 -32.53 -1.65
N SER D 262 -9.25 -31.63 -0.68
CA SER D 262 -9.31 -32.02 0.73
C SER D 262 -10.75 -32.21 1.22
N VAL D 263 -11.53 -31.13 1.21
CA VAL D 263 -12.96 -31.20 1.50
C VAL D 263 -13.70 -30.76 0.23
N VAL D 264 -14.47 -31.68 -0.34
CA VAL D 264 -15.09 -31.49 -1.66
C VAL D 264 -16.57 -31.74 -1.61
N ILE D 265 -17.37 -30.71 -1.83
CA ILE D 265 -18.81 -30.88 -1.77
C ILE D 265 -19.38 -31.15 -3.16
N LYS D 266 -20.17 -32.21 -3.26
CA LYS D 266 -20.66 -32.75 -4.54
C LYS D 266 -22.15 -33.10 -4.46
N SER D 267 -22.74 -33.47 -5.59
CA SER D 267 -24.17 -33.85 -5.67
C SER D 267 -24.54 -34.54 -6.98
N GLY D 268 -23.63 -35.36 -7.49
CA GLY D 268 -23.89 -36.13 -8.71
C GLY D 268 -23.43 -35.42 -9.97
N ARG D 269 -23.24 -36.22 -11.02
CA ARG D 269 -22.69 -35.75 -12.28
C ARG D 269 -23.71 -35.89 -13.40
N ASP D 270 -23.85 -34.82 -14.19
CA ASP D 270 -24.64 -34.83 -15.42
C ASP D 270 -26.03 -35.45 -15.26
N ALA D 271 -26.49 -36.21 -16.25
CA ALA D 271 -27.85 -36.78 -16.23
C ALA D 271 -28.23 -37.49 -14.93
N ASP D 272 -27.32 -38.30 -14.39
CA ASP D 272 -27.56 -39.05 -13.16
C ASP D 272 -27.77 -38.11 -11.96
N GLY D 273 -26.97 -37.06 -11.91
CA GLY D 273 -27.10 -36.01 -10.89
C GLY D 273 -28.40 -35.24 -10.99
N ARG D 274 -28.83 -34.93 -12.21
CA ARG D 274 -30.12 -34.26 -12.45
C ARG D 274 -31.31 -35.17 -12.15
N ARG D 275 -31.19 -36.45 -12.49
CA ARG D 275 -32.24 -37.44 -12.22
C ARG D 275 -32.55 -37.52 -10.72
N ILE D 276 -31.51 -37.72 -9.91
CA ILE D 276 -31.66 -37.81 -8.44
C ILE D 276 -32.09 -36.45 -7.88
N GLY D 277 -31.49 -35.38 -8.41
CA GLY D 277 -31.89 -34.01 -8.11
C GLY D 277 -31.87 -33.62 -6.63
N VAL D 278 -30.90 -34.11 -5.88
CA VAL D 278 -30.76 -33.78 -4.46
C VAL D 278 -29.47 -32.99 -4.25
N PRO D 279 -29.58 -31.76 -3.71
CA PRO D 279 -28.38 -30.95 -3.52
C PRO D 279 -27.62 -31.33 -2.26
N SER D 280 -26.34 -31.01 -2.20
CA SER D 280 -25.65 -30.92 -0.91
C SER D 280 -25.95 -29.54 -0.38
N GLU D 281 -26.35 -29.45 0.88
CA GLU D 281 -26.77 -28.19 1.49
C GLU D 281 -26.64 -28.22 3.01
N TYR D 282 -26.39 -27.05 3.59
CA TYR D 282 -26.23 -26.90 5.02
C TYR D 282 -25.07 -27.73 5.53
N ILE D 283 -23.89 -27.42 4.99
CA ILE D 283 -22.63 -28.07 5.35
C ILE D 283 -21.75 -27.03 6.05
N LEU D 284 -21.30 -27.37 7.25
CA LEU D 284 -20.45 -26.51 8.05
C LEU D 284 -19.06 -27.14 8.14
N VAL D 285 -18.05 -26.40 7.70
CA VAL D 285 -16.65 -26.85 7.74
C VAL D 285 -15.87 -25.83 8.57
N ARG D 286 -15.46 -26.22 9.79
CA ARG D 286 -14.82 -25.23 10.68
C ARG D 286 -13.68 -25.81 11.51
N ASP D 287 -12.73 -24.93 11.88
CA ASP D 287 -11.62 -25.28 12.78
C ASP D 287 -10.76 -26.46 12.30
N ASN D 288 -10.63 -26.61 10.99
CA ASN D 288 -9.82 -27.68 10.41
C ASN D 288 -8.44 -27.20 10.01
N LEU D 289 -7.53 -28.17 9.83
CA LEU D 289 -6.16 -27.90 9.46
C LEU D 289 -5.73 -28.78 8.30
N VAL D 290 -5.39 -28.14 7.17
CA VAL D 290 -4.83 -28.84 6.03
C VAL D 290 -3.37 -28.42 5.88
N ILE D 291 -2.45 -29.35 6.06
CA ILE D 291 -1.04 -29.09 5.72
C ILE D 291 -0.67 -30.11 4.65
N SER D 292 -0.69 -29.66 3.40
CA SER D 292 -0.67 -30.59 2.29
C SER D 292 -0.22 -29.95 0.97
N GLN D 293 1.05 -30.16 0.63
CA GLN D 293 1.57 -29.80 -0.68
C GLN D 293 0.75 -30.44 -1.81
N ALA D 294 0.34 -31.69 -1.59
CA ALA D 294 -0.38 -32.47 -2.60
C ALA D 294 -1.84 -32.07 -2.82
N SER D 295 -2.45 -31.40 -1.84
CA SER D 295 -3.87 -31.06 -1.92
C SER D 295 -4.21 -30.15 -3.10
N HIS D 296 -5.25 -30.50 -3.85
CA HIS D 296 -5.71 -29.71 -4.99
C HIS D 296 -6.63 -28.55 -4.61
N GLY D 297 -7.02 -28.51 -3.32
CA GLY D 297 -7.91 -27.47 -2.82
C GLY D 297 -8.29 -27.70 -1.37
N GLY D 298 -8.43 -26.62 -0.62
CA GLY D 298 -8.80 -26.69 0.79
C GLY D 298 -10.29 -26.92 0.95
N LEU D 299 -11.07 -25.98 0.44
CA LEU D 299 -12.52 -26.13 0.33
C LEU D 299 -12.91 -26.10 -1.14
N VAL D 300 -13.51 -27.20 -1.60
CA VAL D 300 -13.80 -27.37 -3.01
C VAL D 300 -15.29 -27.65 -3.23
N ILE D 301 -15.87 -27.03 -4.26
CA ILE D 301 -17.22 -27.37 -4.70
C ILE D 301 -17.13 -27.91 -6.13
N GLY D 302 -17.74 -29.08 -6.37
CA GLY D 302 -17.77 -29.69 -7.71
C GLY D 302 -16.65 -30.70 -7.95
N SER D 303 -16.48 -31.16 -9.19
CA SER D 303 -17.23 -30.69 -10.35
C SER D 303 -18.59 -31.36 -10.50
N GLU D 304 -18.79 -32.45 -9.74
CA GLU D 304 -20.05 -33.16 -9.77
C GLU D 304 -21.03 -32.43 -8.86
N MET D 305 -21.63 -31.37 -9.37
CA MET D 305 -22.58 -30.56 -8.58
C MET D 305 -23.91 -30.41 -9.30
N SER D 306 -24.23 -31.38 -10.17
CA SER D 306 -25.43 -31.32 -11.01
C SER D 306 -26.74 -31.32 -10.22
N GLY D 307 -26.70 -31.80 -8.98
CA GLY D 307 -27.87 -31.76 -8.09
C GLY D 307 -27.99 -30.45 -7.35
N GLY D 308 -26.96 -29.61 -7.45
CA GLY D 308 -26.92 -28.33 -6.74
C GLY D 308 -26.06 -28.41 -5.49
N VAL D 309 -25.43 -27.28 -5.15
CA VAL D 309 -24.75 -27.10 -3.86
C VAL D 309 -25.10 -25.70 -3.37
N ARG D 310 -25.63 -25.61 -2.15
CA ARG D 310 -26.00 -24.31 -1.58
C ARG D 310 -25.80 -24.31 -0.08
N ASN D 311 -25.68 -23.12 0.51
CA ASN D 311 -25.57 -22.94 1.95
C ASN D 311 -24.46 -23.74 2.60
N VAL D 312 -23.24 -23.40 2.20
CA VAL D 312 -22.05 -24.02 2.75
C VAL D 312 -21.25 -22.92 3.43
N VAL D 313 -20.90 -23.16 4.69
CA VAL D 313 -20.07 -22.24 5.44
C VAL D 313 -18.77 -22.94 5.83
N ALA D 314 -17.66 -22.35 5.42
CA ALA D 314 -16.32 -22.79 5.83
C ALA D 314 -15.69 -21.66 6.64
N ARG D 315 -15.57 -21.87 7.95
CA ARG D 315 -15.11 -20.83 8.85
C ARG D 315 -13.93 -21.26 9.71
N ASN D 316 -12.96 -20.36 9.86
CA ASN D 316 -11.81 -20.54 10.76
C ASN D 316 -11.02 -21.81 10.46
N ASN D 317 -10.74 -22.03 9.19
CA ASN D 317 -9.89 -23.13 8.80
C ASN D 317 -8.50 -22.61 8.48
N VAL D 318 -7.53 -23.52 8.55
CA VAL D 318 -6.14 -23.18 8.23
C VAL D 318 -5.64 -24.12 7.12
N TYR D 319 -5.19 -23.52 6.02
CA TYR D 319 -4.71 -24.26 4.85
C TYR D 319 -3.24 -23.92 4.60
N MET D 320 -2.39 -24.93 4.52
CA MET D 320 -0.97 -24.71 4.34
C MET D 320 -0.42 -25.54 3.18
N ASN D 321 0.30 -24.87 2.28
CA ASN D 321 1.03 -25.48 1.15
C ASN D 321 0.11 -26.01 0.03
N VAL D 322 -1.19 -25.79 0.18
CA VAL D 322 -2.20 -26.32 -0.74
C VAL D 322 -2.15 -25.65 -2.11
N GLU D 323 -2.68 -26.33 -3.13
CA GLU D 323 -2.70 -25.74 -4.46
C GLU D 323 -3.66 -24.56 -4.52
N ARG D 324 -4.81 -24.72 -3.86
CA ARG D 324 -5.89 -23.74 -3.86
C ARG D 324 -6.59 -23.74 -2.52
N ALA D 325 -7.02 -22.56 -2.08
CA ALA D 325 -7.74 -22.46 -0.82
C ALA D 325 -9.23 -22.74 -1.04
N LEU D 326 -9.82 -22.01 -1.98
CA LEU D 326 -11.23 -22.15 -2.33
C LEU D 326 -11.32 -22.40 -3.83
N ARG D 327 -12.05 -23.46 -4.20
CA ARG D 327 -12.14 -23.89 -5.59
C ARG D 327 -13.57 -24.28 -5.93
N LEU D 328 -14.16 -23.61 -6.93
CA LEU D 328 -15.44 -24.02 -7.51
C LEU D 328 -15.23 -24.50 -8.96
N LYS D 329 -15.67 -25.72 -9.25
CA LYS D 329 -15.49 -26.35 -10.56
C LYS D 329 -16.82 -26.81 -11.13
N THR D 330 -17.06 -26.50 -12.40
CA THR D 330 -18.25 -26.97 -13.12
C THR D 330 -18.04 -26.75 -14.62
N ASN D 331 -19.00 -27.21 -15.42
CA ASN D 331 -19.01 -26.92 -16.86
C ASN D 331 -20.43 -27.03 -17.41
N SER D 332 -20.61 -26.79 -18.71
CA SER D 332 -21.94 -26.77 -19.31
C SER D 332 -22.55 -28.17 -19.62
N ARG D 333 -21.86 -29.24 -19.22
CA ARG D 333 -22.50 -30.57 -19.21
C ARG D 333 -23.24 -30.80 -17.88
N ARG D 334 -22.90 -30.01 -16.86
CA ARG D 334 -23.34 -30.28 -15.48
C ARG D 334 -24.72 -29.78 -15.10
N GLY D 335 -25.12 -28.62 -15.62
CA GLY D 335 -26.30 -27.94 -15.12
C GLY D 335 -26.15 -27.70 -13.62
N GLY D 336 -27.28 -27.72 -12.90
CA GLY D 336 -27.28 -27.50 -11.46
C GLY D 336 -26.84 -26.10 -11.07
N TYR D 337 -26.39 -25.97 -9.82
CA TYR D 337 -25.97 -24.67 -9.28
C TYR D 337 -24.92 -24.83 -8.18
N MET D 338 -24.17 -23.75 -7.96
CA MET D 338 -23.37 -23.55 -6.76
C MET D 338 -23.67 -22.14 -6.30
N GLU D 339 -24.18 -22.00 -5.09
CA GLU D 339 -24.61 -20.70 -4.59
C GLU D 339 -24.67 -20.63 -3.06
N ASN D 340 -24.54 -19.42 -2.53
CA ASN D 340 -24.48 -19.19 -1.09
C ASN D 340 -23.37 -20.01 -0.45
N ILE D 341 -22.15 -19.78 -0.93
CA ILE D 341 -20.96 -20.41 -0.40
C ILE D 341 -20.20 -19.35 0.39
N PHE D 342 -19.93 -19.64 1.66
CA PHE D 342 -19.33 -18.67 2.56
C PHE D 342 -17.99 -19.16 3.08
N PHE D 343 -16.95 -18.39 2.76
CA PHE D 343 -15.57 -18.75 3.07
C PHE D 343 -15.04 -17.65 3.99
N ILE D 344 -15.17 -17.86 5.30
CA ILE D 344 -15.02 -16.80 6.30
C ILE D 344 -13.94 -17.10 7.32
N ASP D 345 -13.12 -16.09 7.64
CA ASP D 345 -12.11 -16.17 8.71
C ASP D 345 -11.03 -17.24 8.47
N ASN D 346 -10.72 -17.50 7.22
CA ASN D 346 -9.76 -18.54 6.88
C ASN D 346 -8.36 -18.01 6.70
N VAL D 347 -7.38 -18.89 6.90
CA VAL D 347 -5.97 -18.56 6.69
C VAL D 347 -5.40 -19.56 5.68
N ALA D 348 -4.72 -19.05 4.67
CA ALA D 348 -4.06 -19.90 3.69
C ALA D 348 -2.62 -19.44 3.53
N VAL D 349 -1.67 -20.33 3.81
CA VAL D 349 -0.26 -19.96 3.71
C VAL D 349 0.51 -20.83 2.72
N ASN D 350 1.31 -20.17 1.89
CA ASN D 350 2.08 -20.83 0.82
C ASN D 350 1.21 -21.59 -0.19
N VAL D 351 0.12 -20.93 -0.64
CA VAL D 351 -0.68 -21.44 -1.74
C VAL D 351 0.17 -21.50 -3.02
N SER D 352 0.10 -22.59 -3.78
CA SER D 352 0.96 -22.75 -4.98
C SER D 352 0.31 -22.39 -6.33
N GLU D 353 -1.00 -22.57 -6.47
CA GLU D 353 -1.69 -22.28 -7.74
C GLU D 353 -2.57 -21.03 -7.66
N GLU D 354 -3.82 -21.20 -7.21
CA GLU D 354 -4.73 -20.06 -7.08
C GLU D 354 -5.33 -20.04 -5.69
N VAL D 355 -5.35 -18.88 -5.05
CA VAL D 355 -5.94 -18.77 -3.72
C VAL D 355 -7.45 -18.98 -3.82
N ILE D 356 -8.07 -18.27 -4.77
CA ILE D 356 -9.50 -18.38 -5.05
C ILE D 356 -9.68 -18.71 -6.54
N ARG D 357 -10.34 -19.83 -6.81
CA ARG D 357 -10.54 -20.31 -8.16
C ARG D 357 -12.01 -20.60 -8.43
N ILE D 358 -12.57 -19.98 -9.46
CA ILE D 358 -13.90 -20.34 -9.94
C ILE D 358 -13.79 -20.60 -11.43
N ASN D 359 -14.14 -21.83 -11.82
CA ASN D 359 -13.93 -22.29 -13.19
C ASN D 359 -15.19 -22.95 -13.76
N LEU D 360 -15.72 -22.38 -14.84
CA LEU D 360 -16.90 -22.95 -15.49
C LEU D 360 -16.54 -23.69 -16.77
N ARG D 361 -15.24 -24.00 -16.94
CA ARG D 361 -14.74 -24.72 -18.10
C ARG D 361 -14.02 -26.00 -17.72
N TYR D 362 -14.46 -26.63 -16.63
CA TYR D 362 -13.85 -27.85 -16.11
C TYR D 362 -13.74 -28.97 -17.15
N ASP D 363 -12.54 -29.54 -17.26
CA ASP D 363 -12.19 -30.59 -18.27
C ASP D 363 -12.37 -30.16 -19.72
N ASN D 364 -12.56 -28.85 -19.95
CA ASN D 364 -12.81 -28.30 -21.29
C ASN D 364 -13.96 -29.01 -22.03
N GLU D 365 -15.00 -29.34 -21.29
CA GLU D 365 -16.15 -30.07 -21.81
C GLU D 365 -17.38 -29.18 -21.81
N GLU D 366 -18.18 -29.32 -22.86
CA GLU D 366 -19.35 -28.47 -23.08
C GLU D 366 -20.62 -29.26 -23.35
N GLY D 367 -21.76 -28.64 -23.05
CA GLY D 367 -23.07 -29.25 -23.30
C GLY D 367 -24.18 -28.23 -23.25
N GLU D 368 -25.39 -28.70 -22.95
CA GLU D 368 -26.60 -27.87 -23.03
C GLU D 368 -27.15 -27.47 -21.66
N TYR D 369 -26.36 -27.68 -20.61
CA TYR D 369 -26.83 -27.45 -19.24
C TYR D 369 -25.94 -26.44 -18.49
N LEU D 370 -26.23 -25.16 -18.69
CA LEU D 370 -25.45 -24.06 -18.13
C LEU D 370 -25.62 -24.00 -16.60
N PRO D 371 -24.50 -24.09 -15.86
CA PRO D 371 -24.58 -24.06 -14.39
C PRO D 371 -24.80 -22.66 -13.83
N VAL D 372 -25.59 -22.58 -12.77
CA VAL D 372 -25.80 -21.30 -12.09
C VAL D 372 -24.70 -21.19 -11.04
N VAL D 373 -23.82 -20.20 -11.17
CA VAL D 373 -22.73 -19.98 -10.21
C VAL D 373 -22.81 -18.53 -9.73
N ARG D 374 -23.28 -18.36 -8.49
CA ARG D 374 -23.49 -17.04 -7.90
C ARG D 374 -23.43 -17.01 -6.38
N SER D 375 -23.30 -15.81 -5.83
CA SER D 375 -23.36 -15.57 -4.38
C SER D 375 -22.30 -16.35 -3.59
N VAL D 376 -21.05 -16.04 -3.89
CA VAL D 376 -19.90 -16.62 -3.18
C VAL D 376 -19.27 -15.47 -2.40
N PHE D 377 -19.06 -15.70 -1.10
CA PHE D 377 -18.61 -14.67 -0.19
C PHE D 377 -17.35 -15.08 0.55
N VAL D 378 -16.30 -14.29 0.35
CA VAL D 378 -15.04 -14.48 1.03
C VAL D 378 -14.88 -13.28 1.95
N LYS D 379 -14.73 -13.55 3.24
CA LYS D 379 -14.59 -12.47 4.19
C LYS D 379 -13.53 -12.82 5.21
N ASN D 380 -12.66 -11.86 5.50
CA ASN D 380 -11.57 -12.04 6.48
C ASN D 380 -10.65 -13.21 6.12
N LEU D 381 -10.26 -13.28 4.85
CA LEU D 381 -9.24 -14.23 4.41
C LEU D 381 -7.88 -13.58 4.53
N LYS D 382 -6.93 -14.32 5.09
CA LYS D 382 -5.55 -13.91 5.11
C LYS D 382 -4.77 -14.99 4.36
N ALA D 383 -4.14 -14.60 3.27
CA ALA D 383 -3.49 -15.56 2.40
C ALA D 383 -2.16 -15.11 1.86
N THR D 384 -1.33 -16.11 1.59
CA THR D 384 0.02 -15.92 1.17
C THR D 384 0.28 -16.84 -0.02
N GLY D 385 0.94 -16.31 -1.06
CA GLY D 385 1.42 -17.11 -2.19
C GLY D 385 0.48 -17.32 -3.36
N GLY D 386 1.00 -17.83 -4.46
CA GLY D 386 0.18 -18.25 -5.60
C GLY D 386 0.57 -17.67 -6.94
N LYS D 387 0.23 -18.40 -8.01
CA LYS D 387 0.28 -17.85 -9.36
C LYS D 387 -0.84 -16.83 -9.52
N TYR D 388 -1.99 -17.11 -8.89
CA TYR D 388 -3.16 -16.22 -8.89
C TYR D 388 -3.72 -16.03 -7.49
N ALA D 389 -4.08 -14.79 -7.16
CA ALA D 389 -4.89 -14.58 -5.95
C ALA D 389 -6.33 -14.91 -6.28
N VAL D 390 -6.86 -14.30 -7.33
CA VAL D 390 -8.25 -14.50 -7.75
C VAL D 390 -8.30 -14.83 -9.26
N ARG D 391 -8.80 -16.02 -9.57
CA ARG D 391 -8.97 -16.46 -10.94
C ARG D 391 -10.42 -16.92 -11.14
N ILE D 392 -11.21 -16.13 -11.87
CA ILE D 392 -12.64 -16.39 -12.02
C ILE D 392 -13.01 -16.41 -13.49
N GLU D 393 -13.44 -17.57 -13.97
CA GLU D 393 -13.77 -17.73 -15.38
C GLU D 393 -15.16 -18.32 -15.62
N GLY D 394 -16.05 -17.47 -16.10
CA GLY D 394 -17.40 -17.88 -16.49
C GLY D 394 -17.49 -18.15 -17.98
N LEU D 395 -18.72 -18.15 -18.50
CA LEU D 395 -18.96 -18.34 -19.93
C LEU D 395 -19.65 -17.11 -20.52
N GLU D 396 -19.46 -16.87 -21.82
CA GLU D 396 -20.08 -15.76 -22.53
C GLU D 396 -21.60 -15.66 -22.33
N ASN D 397 -22.28 -16.81 -22.33
CA ASN D 397 -23.72 -16.89 -22.05
C ASN D 397 -24.05 -17.31 -20.61
N ASP D 398 -23.08 -17.22 -19.70
CA ASP D 398 -23.28 -17.65 -18.31
C ASP D 398 -22.19 -17.04 -17.42
N TYR D 399 -22.35 -15.77 -17.09
CA TYR D 399 -21.43 -15.08 -16.19
C TYR D 399 -21.44 -15.68 -14.80
N VAL D 400 -20.27 -15.71 -14.16
CA VAL D 400 -20.17 -15.87 -12.70
C VAL D 400 -20.70 -14.57 -12.06
N LYS D 401 -21.67 -14.71 -11.15
CA LYS D 401 -22.36 -13.54 -10.60
C LYS D 401 -22.17 -13.40 -9.10
N ASP D 402 -22.19 -12.16 -8.62
CA ASP D 402 -22.27 -11.84 -7.20
C ASP D 402 -21.17 -12.51 -6.36
N ILE D 403 -19.92 -12.28 -6.76
CA ILE D 403 -18.78 -12.72 -5.98
C ILE D 403 -18.28 -11.52 -5.19
N LEU D 404 -18.20 -11.69 -3.88
CA LEU D 404 -17.76 -10.62 -2.98
C LEU D 404 -16.62 -11.07 -2.09
N ILE D 405 -15.52 -10.31 -2.14
CA ILE D 405 -14.35 -10.51 -1.30
C ILE D 405 -14.16 -9.26 -0.44
N SER D 406 -14.13 -9.43 0.89
CA SER D 406 -14.03 -8.28 1.76
C SER D 406 -13.16 -8.53 2.98
N ASP D 407 -12.63 -7.44 3.54
CA ASP D 407 -11.76 -7.49 4.72
C ASP D 407 -10.67 -8.55 4.56
N THR D 408 -10.02 -8.56 3.41
CA THR D 408 -9.15 -9.66 3.00
C THR D 408 -7.78 -9.15 2.55
N ILE D 409 -6.74 -9.89 2.92
CA ILE D 409 -5.36 -9.59 2.56
C ILE D 409 -4.78 -10.80 1.85
N ILE D 410 -4.30 -10.60 0.62
CA ILE D 410 -3.57 -11.65 -0.12
C ILE D 410 -2.23 -11.09 -0.58
N GLU D 411 -1.15 -11.74 -0.17
CA GLU D 411 0.19 -11.26 -0.50
C GLU D 411 1.03 -12.30 -1.24
N GLY D 412 1.84 -11.82 -2.17
CA GLY D 412 2.81 -12.67 -2.86
C GLY D 412 2.22 -13.56 -3.94
N ALA D 413 1.05 -13.19 -4.46
CA ALA D 413 0.49 -13.86 -5.62
C ALA D 413 1.02 -13.15 -6.87
N LYS D 414 1.36 -13.91 -7.91
CA LYS D 414 1.93 -13.31 -9.11
C LYS D 414 0.91 -12.44 -9.86
N ILE D 415 -0.26 -13.01 -10.16
CA ILE D 415 -1.36 -12.26 -10.73
C ILE D 415 -2.43 -12.03 -9.65
N SER D 416 -2.87 -10.79 -9.50
CA SER D 416 -3.93 -10.46 -8.53
C SER D 416 -5.31 -10.93 -8.99
N VAL D 417 -5.72 -10.51 -10.18
CA VAL D 417 -7.04 -10.89 -10.70
C VAL D 417 -6.97 -11.34 -12.17
N LEU D 418 -7.53 -12.51 -12.41
CA LEU D 418 -7.90 -12.90 -13.76
C LEU D 418 -9.41 -13.09 -13.74
N LEU D 419 -10.11 -12.26 -14.51
CA LEU D 419 -11.56 -12.32 -14.59
C LEU D 419 -11.98 -12.42 -16.05
N GLU D 420 -12.81 -13.41 -16.36
CA GLU D 420 -13.44 -13.49 -17.67
C GLU D 420 -14.88 -13.94 -17.52
N PHE D 421 -15.80 -13.12 -18.00
CA PHE D 421 -17.24 -13.38 -17.91
C PHE D 421 -17.68 -13.56 -16.45
N GLY D 422 -17.44 -12.53 -15.66
CA GLY D 422 -17.78 -12.55 -14.25
C GLY D 422 -18.06 -11.17 -13.70
N GLN D 423 -18.61 -11.16 -12.50
CA GLN D 423 -18.96 -9.94 -11.78
C GLN D 423 -18.26 -10.06 -10.42
N LEU D 424 -17.25 -9.23 -10.19
CA LEU D 424 -16.47 -9.33 -8.96
C LEU D 424 -16.54 -8.03 -8.15
N GLY D 425 -16.86 -8.16 -6.87
CA GLY D 425 -16.78 -7.05 -5.94
C GLY D 425 -15.76 -7.32 -4.84
N MET D 426 -15.01 -6.27 -4.51
CA MET D 426 -14.06 -6.30 -3.39
C MET D 426 -14.24 -5.06 -2.53
N GLU D 427 -14.28 -5.25 -1.21
CA GLU D 427 -14.43 -4.14 -0.27
C GLU D 427 -13.39 -4.27 0.84
N ASN D 428 -12.62 -3.20 1.08
CA ASN D 428 -11.54 -3.22 2.08
C ASN D 428 -10.58 -4.42 1.90
N VAL D 429 -9.91 -4.47 0.75
CA VAL D 429 -8.97 -5.55 0.44
C VAL D 429 -7.56 -5.02 0.18
N ILE D 430 -6.57 -5.82 0.58
CA ILE D 430 -5.18 -5.56 0.25
C ILE D 430 -4.73 -6.73 -0.62
N MET D 431 -4.22 -6.41 -1.81
CA MET D 431 -3.78 -7.43 -2.77
C MET D 431 -2.40 -7.08 -3.25
N ASN D 432 -1.41 -7.92 -2.91
CA ASN D 432 0.00 -7.66 -3.23
C ASN D 432 0.39 -6.19 -3.05
N GLY D 433 0.05 -5.63 -1.88
CA GLY D 433 0.44 -4.26 -1.56
C GLY D 433 -0.51 -3.15 -1.98
N SER D 434 -1.44 -3.45 -2.87
CA SER D 434 -2.44 -2.48 -3.31
C SER D 434 -3.66 -2.52 -2.41
N ARG D 435 -4.03 -1.37 -1.86
CA ARG D 435 -5.21 -1.28 -1.02
C ARG D 435 -6.40 -0.81 -1.85
N PHE D 436 -7.50 -1.54 -1.76
CA PHE D 436 -8.73 -1.12 -2.41
C PHE D 436 -9.84 -0.99 -1.39
N GLU D 437 -10.33 0.23 -1.20
CA GLU D 437 -11.57 0.43 -0.45
C GLU D 437 -12.72 -0.24 -1.21
N LYS D 438 -12.78 -0.01 -2.52
CA LYS D 438 -13.75 -0.66 -3.41
C LYS D 438 -13.12 -1.12 -4.72
N LEU D 439 -13.36 -2.37 -5.09
CA LEU D 439 -12.97 -2.82 -6.43
C LEU D 439 -14.10 -3.65 -7.00
N TYR D 440 -14.82 -3.04 -7.94
CA TYR D 440 -15.91 -3.72 -8.64
CA TYR D 440 -15.90 -3.74 -8.62
C TYR D 440 -15.61 -3.82 -10.12
N ILE D 441 -15.65 -5.03 -10.65
CA ILE D 441 -15.42 -5.24 -12.08
C ILE D 441 -16.48 -6.18 -12.64
N GLU D 442 -17.10 -5.77 -13.76
CA GLU D 442 -17.99 -6.67 -14.50
C GLU D 442 -17.51 -6.79 -15.94
N GLY D 443 -17.19 -8.02 -16.34
CA GLY D 443 -16.72 -8.31 -17.69
C GLY D 443 -15.45 -9.13 -17.71
N LYS D 444 -14.39 -8.54 -18.26
CA LYS D 444 -13.09 -9.19 -18.38
C LYS D 444 -12.04 -8.32 -17.72
N ALA D 445 -11.06 -8.94 -17.07
CA ALA D 445 -9.95 -8.21 -16.50
C ALA D 445 -8.70 -9.05 -16.23
N LEU D 446 -7.56 -8.39 -16.30
CA LEU D 446 -6.30 -8.95 -15.85
C LEU D 446 -5.54 -7.91 -15.04
N LEU D 447 -5.37 -8.19 -13.74
CA LEU D 447 -4.69 -7.28 -12.84
C LEU D 447 -3.44 -7.92 -12.25
N LYS D 448 -2.33 -7.22 -12.42
CA LYS D 448 -1.05 -7.66 -11.90
C LYS D 448 -0.31 -6.44 -11.31
#